data_9L0M
#
_entry.id   9L0M
#
_cell.length_a   1.00
_cell.length_b   1.00
_cell.length_c   1.00
_cell.angle_alpha   90.00
_cell.angle_beta   90.00
_cell.angle_gamma   90.00
#
_symmetry.space_group_name_H-M   'P 1'
#
loop_
_entity.id
_entity.type
_entity.pdbx_description
1 polymer Polycystin-1
2 polymer Polycystin-2
3 non-polymer 2-acetamido-2-deoxy-beta-D-glucopyranose
#
loop_
_entity_poly.entity_id
_entity_poly.type
_entity_poly.pdbx_seq_one_letter_code
_entity_poly.pdbx_strand_id
1 'polypeptide(L)'
;MDYKDDDDKGASLFVPPSHVRFVFPEPTADVNYIVMLTCAVCLVTYMVMAAILHKLDQLDASRGRAIPFCGQRGRFKYEI
LVKTGWGRGSGTTAHVGIMLYGVDSRSGHRHLDGDRAFHRNSLDIFRIATPHSLGSVWKIRVWHDNKGLSPAWFLQHVIV
RDLQTARSAFFLVNDWLSVETEANGGLVEKEVLAASDAALLRFRRLLVAELQRGFFDKHIWLSIWDRPPRSRFTRIQRAT
CCVLLICLFLGANAVWYGAVGDSAYSTGHVSRLSPLSVDTVAVGLVSSVVVYPVYLAILFLFRMSRSKVAGSPSPTPAGQ
QVLDIDSCLDSSVLDSSFLTFSGLHAEQAFVGQMKSDLFLDDSKSLVCWPSGEGTLSWPDLLSDPSIVGSNLRQLARGQA
GHGLGPEEDGFSLASPYSPAKSFSASDEDLIQQVLAEGVSSPAPTQDTHMETDLLSSLSSTPGEKTETLALQRLGELGPP
SPGLNWEQPQAARLSRTGLVEGLRKRLLPAWCASLAHGLSLLLVAVAVAVSGWVGASFPPGVSVAWLLSSSASFLASFLG
WEPLKVLLEALYFSLVAKRLHPDEDDTLVESPAVTPVSARVPRVRPPHGFALFLAKEEARKVKRLHGMLRSLLVYMLFLL
VTLLASYGDASCHGHAYRLQSAIKQELHSRAFLAITRSEELWPWMAHVLLPYVHGNQSSPELGPPRLRQVRLQEALYPDP
PGPRVHTCSAAGGFSTSDYDVGWESPHNGSGTWAYSAPDLLGAWSWGSCAVYDSGGYVQELGLSLEESRDRLRFLQLHNW
LDNRSRAVFLELTRYSPAVGLHAAVTLRLEFPAAGRALAALSVRPFALRRLSAGLSLPLLTSVCLLLFAVHFAVAEARTW
HREGRWRVLRLGAWARWLLVALTAATALVRLAQLGAADRQWTRFVRGRPRRFTSFDQVAQLSSAARGLAASLLFLLLVKA
AQQLRFVRQWSVFGKTLCRALPELLGVTLGLVVLGVAYAQLAILLVSSCVDSLWSVAQALLVLCPGTGLSTLCPAESWHL
SPLLCVGLWALRLWGALRLGAVILRWRYHALRGELYRPAWEPQDYEMVELFLRRLRLWMGLSKVKEFRHKVRFEGMEPLP
SRSSRGSKVSPDVPPPSAGSDASHPSTSSSQLDGLSVSLGRLGTRCEPEPSRLQAVFEALLTQFDRLNQATEDVYQLEQQ
LHSLQGRRSSRAPAGSSRGPSPGLRPALPSRLARASRGVDLATGPSRTPLRAKNKVHPSSTL
;
A
2 'polypeptide(L)'
;MGASSAWSHPQFEKGGGSGGGSGGSAWSHPQFEKGGSMVNSSRVQPQQPGDAKRPPAPRAPDPGRLMAGCAAVGASLAAP
GGLCEQRGLEIEMQRIRQAAARDPPAGAAASPSPPLSSCSRQAWSRDNPGFEAEEEEEEVEGEEGGMVVEMDVEWRPGSR
RSAASSAVSSVGARSRGLGGYHGAGHPSGRRRRREDQGPPCPSPVGGGDPLHRHLPLEGQPPRVAWAERLVRGLRGLWGT
RLMEESSTNREKYLKSVLRELVTYLLFLIVLCILTYGMMSSNVYYYTRMMSQLFLDTPVSKTEKTNFKTLSSMEDFWKFT
EGSLLDGLYWKMQPSNQTEADNRSFIFYENLLLGVPRIRQLRVRNGSCSIPQDLRDEIKECYDVYSVSSEDRAPFGPRNG
TAWIYTSEKDLNGSSHWGIIATYSGAGYYLDLSRTREETAAQVASLKKNVWLDRGTRATFIDFSVYNANINLFCVVRLLV
EFPATGGVIPSWQFQPLKLIRYVTTFDFFLAACEIIFCFFIFYYVVEEILEIRIHKLHYFRSFWNCLDVVIVVLSVVAIG
INIYRTSNVEVLLQFLEDQNTFPNFEHLAYWQIQFNNIAAVTVFFVWIKLFKFINFNRTMSQLSTTMSRCAKDLFGFAIM
FFIIFLAYAQLAYLVFGTQVDDFSTFQECIFTQFRIILGDINFAEIEEANRVLGPIYFTTFVFFMFFILLNMFAAIIADT
YSEVKSDLAQQKAEMELSDLIRKGYHKALVKLKLKKNTVDDISESLRQGGGKLNFDELRQDLKGKGHTDAEIEAIFTKYD
QDGDQELTEHEHQQMRDDLEKEREDLDLDHSSLPRPMSSRSFPRSLDDSEEDDDEDSGHSSRRRGSISSGVSYEEFQVLV
RRVDRMEHSIGSIVSKIDAVIVKLEIMERAKLKRREVLGRLLDGVAEDERLGRDSEIHREQMERLVREELERWESDDAAS
QISHGLGTPVGLNGQPRPRSSRPSSSQSTEGMEGAGGNGSSNVHV
;
B,C,D
#
loop_
_chem_comp.id
_chem_comp.type
_chem_comp.name
_chem_comp.formula
NAG D-saccharide, beta linking 2-acetamido-2-deoxy-beta-D-glucopyranose 'C8 H15 N O6'
#
# COMPACT_ATOMS: atom_id res chain seq x y z
N ARG A 21 28.13 -7.07 46.06
CA ARG A 21 28.56 -6.25 44.94
C ARG A 21 27.60 -6.37 43.76
N PHE A 22 26.53 -5.59 43.79
CA PHE A 22 25.51 -5.64 42.76
C PHE A 22 24.61 -4.42 42.90
N VAL A 23 24.14 -3.90 41.76
CA VAL A 23 23.23 -2.77 41.71
C VAL A 23 22.07 -3.15 40.80
N PHE A 24 20.84 -2.95 41.27
CA PHE A 24 19.65 -3.18 40.47
C PHE A 24 19.45 -1.99 39.54
N PRO A 25 19.77 -2.12 38.24
CA PRO A 25 19.78 -0.93 37.38
C PRO A 25 18.41 -0.29 37.18
N GLU A 26 17.45 -1.05 36.63
CA GLU A 26 16.09 -0.61 36.31
C GLU A 26 16.07 0.85 35.85
N PRO A 27 16.92 1.26 34.89
CA PRO A 27 17.10 2.69 34.62
C PRO A 27 15.88 3.37 34.03
N THR A 28 15.38 2.84 32.92
CA THR A 28 14.33 3.52 32.16
C THR A 28 13.67 2.51 31.22
N ALA A 29 12.83 3.02 30.33
CA ALA A 29 12.08 2.20 29.38
C ALA A 29 12.76 2.13 28.01
N ASP A 30 14.10 2.19 28.00
CA ASP A 30 14.84 2.06 26.75
C ASP A 30 14.88 0.58 26.33
N VAL A 31 15.45 0.33 25.16
CA VAL A 31 15.55 -1.03 24.63
C VAL A 31 16.86 -1.17 23.88
N ASN A 32 17.50 -2.33 24.03
CA ASN A 32 18.72 -2.66 23.30
C ASN A 32 18.42 -3.86 22.41
N TYR A 33 18.67 -3.71 21.12
CA TYR A 33 18.30 -4.74 20.15
C TYR A 33 19.40 -5.76 19.91
N ILE A 34 20.66 -5.39 20.13
CA ILE A 34 21.76 -6.34 19.90
C ILE A 34 21.61 -7.55 20.81
N VAL A 35 21.41 -7.31 22.10
CA VAL A 35 21.23 -8.41 23.04
C VAL A 35 19.93 -9.16 22.76
N MET A 36 18.85 -8.46 22.44
CA MET A 36 17.58 -9.11 22.14
C MET A 36 17.63 -9.90 20.85
N LEU A 37 18.32 -9.41 19.83
CA LEU A 37 18.43 -10.14 18.56
C LEU A 37 19.38 -11.31 18.65
N THR A 38 20.47 -11.19 19.39
CA THR A 38 21.41 -12.32 19.53
C THR A 38 20.74 -13.49 20.24
N CYS A 39 19.97 -13.21 21.29
CA CYS A 39 19.29 -14.27 22.03
C CYS A 39 18.07 -14.82 21.30
N ALA A 40 17.55 -14.10 20.30
CA ALA A 40 16.40 -14.55 19.54
C ALA A 40 16.79 -15.36 18.32
N VAL A 41 18.09 -15.55 18.09
CA VAL A 41 18.59 -16.39 17.02
C VAL A 41 19.11 -17.73 17.55
N CYS A 42 19.76 -17.72 18.71
CA CYS A 42 20.26 -18.95 19.32
C CYS A 42 19.15 -19.84 19.84
N LEU A 43 17.91 -19.37 19.85
CA LEU A 43 16.76 -20.19 20.22
C LEU A 43 15.99 -20.70 19.01
N VAL A 44 15.82 -19.86 17.98
CA VAL A 44 15.20 -20.32 16.74
C VAL A 44 16.07 -21.38 16.08
N THR A 45 17.39 -21.13 16.03
CA THR A 45 18.30 -22.07 15.39
C THR A 45 18.34 -23.42 16.08
N TYR A 46 17.86 -23.50 17.33
CA TYR A 46 17.73 -24.76 18.05
C TYR A 46 16.38 -25.43 17.80
N MET A 47 15.29 -24.66 17.87
CA MET A 47 13.97 -25.19 17.58
C MET A 47 13.86 -25.68 16.14
N VAL A 48 14.73 -25.20 15.25
CA VAL A 48 14.72 -25.66 13.88
C VAL A 48 15.45 -26.99 13.73
N MET A 49 16.65 -27.10 14.32
CA MET A 49 17.38 -28.36 14.20
C MET A 49 16.80 -29.45 15.08
N ALA A 50 15.90 -29.11 16.01
CA ALA A 50 15.25 -30.17 16.80
C ALA A 50 14.51 -31.15 15.90
N ALA A 51 13.74 -30.64 14.94
CA ALA A 51 13.03 -31.51 14.01
C ALA A 51 13.99 -32.31 13.15
N ILE A 52 15.07 -31.68 12.68
CA ILE A 52 16.05 -32.38 11.86
C ILE A 52 16.66 -33.55 12.63
N LEU A 53 17.04 -33.30 13.89
CA LEU A 53 17.64 -34.36 14.69
C LEU A 53 16.64 -35.44 15.05
N HIS A 54 15.37 -35.07 15.25
CA HIS A 54 14.35 -36.09 15.47
C HIS A 54 14.21 -36.99 14.26
N LYS A 55 14.10 -36.40 13.06
CA LYS A 55 14.01 -37.17 11.84
C LYS A 55 15.28 -37.98 11.58
N LEU A 56 16.42 -37.52 12.08
CA LEU A 56 17.68 -38.23 11.88
C LEU A 56 17.88 -39.39 12.85
N ASP A 57 17.51 -39.23 14.12
CA ASP A 57 17.69 -40.29 15.08
C ASP A 57 16.53 -41.29 15.10
N GLN A 58 15.41 -40.98 14.45
CA GLN A 58 14.43 -42.03 14.18
C GLN A 58 15.05 -43.13 13.33
N LEU A 59 15.87 -42.74 12.34
CA LEU A 59 16.55 -43.71 11.50
C LEU A 59 17.50 -44.58 12.32
N ASP A 60 18.24 -43.97 13.25
CA ASP A 60 19.15 -44.76 14.10
C ASP A 60 18.37 -45.67 15.03
N ALA A 61 17.25 -45.21 15.57
CA ALA A 61 16.43 -46.06 16.44
C ALA A 61 15.88 -47.26 15.67
N SER A 62 15.42 -47.03 14.44
CA SER A 62 14.87 -48.12 13.64
C SER A 62 15.94 -48.97 12.98
N ARG A 63 17.20 -48.52 12.98
CA ARG A 63 18.30 -49.23 12.35
C ARG A 63 19.29 -49.84 13.32
N GLY A 64 19.34 -49.33 14.55
CA GLY A 64 20.33 -49.81 15.51
C GLY A 64 20.18 -51.28 15.85
N ARG A 65 19.00 -51.85 15.63
CA ARG A 65 18.75 -53.25 15.90
C ARG A 65 19.49 -54.15 14.91
N ARG A 75 30.89 -49.98 1.16
CA ARG A 75 31.69 -50.92 1.93
C ARG A 75 33.16 -50.87 1.50
N PHE A 76 33.94 -50.04 2.19
CA PHE A 76 35.37 -49.94 1.89
C PHE A 76 36.08 -51.26 2.15
N LYS A 77 35.54 -52.08 3.05
CA LYS A 77 36.12 -53.39 3.32
C LYS A 77 35.76 -54.37 2.22
N TYR A 78 36.68 -55.30 1.97
CA TYR A 78 36.46 -56.32 0.96
C TYR A 78 35.44 -57.34 1.46
N GLU A 79 35.08 -58.28 0.59
CA GLU A 79 34.23 -59.39 0.98
C GLU A 79 34.99 -60.26 1.97
N ILE A 80 34.61 -60.18 3.25
CA ILE A 80 35.35 -60.88 4.29
C ILE A 80 35.17 -62.38 4.11
N LEU A 81 36.29 -63.08 3.88
CA LEU A 81 36.28 -64.54 3.73
C LEU A 81 36.13 -65.16 5.10
N VAL A 82 34.90 -65.11 5.63
CA VAL A 82 34.62 -65.55 6.98
C VAL A 82 33.85 -66.86 6.96
N LYS A 83 34.00 -67.63 5.89
CA LYS A 83 33.39 -68.96 5.82
C LYS A 83 34.15 -69.88 6.76
N THR A 84 33.61 -70.06 7.97
CA THR A 84 34.31 -70.77 9.04
C THR A 84 34.14 -72.28 8.83
N GLY A 85 34.90 -72.80 7.87
CA GLY A 85 34.92 -74.23 7.62
C GLY A 85 36.12 -74.88 8.28
N TRP A 86 36.64 -74.25 9.33
CA TRP A 86 37.79 -74.75 10.07
C TRP A 86 37.46 -75.10 11.51
N GLY A 87 36.33 -74.62 12.03
CA GLY A 87 35.94 -74.87 13.40
C GLY A 87 34.87 -75.94 13.49
N ARG A 88 34.98 -76.78 14.51
CA ARG A 88 34.04 -77.89 14.73
C ARG A 88 34.04 -78.23 16.21
N GLY A 89 33.06 -79.03 16.61
CA GLY A 89 32.91 -79.36 18.02
C GLY A 89 32.44 -78.16 18.81
N SER A 90 31.32 -77.59 18.40
CA SER A 90 30.82 -76.31 18.91
C SER A 90 29.39 -76.45 19.42
N GLY A 91 29.16 -77.45 20.27
CA GLY A 91 27.83 -77.71 20.77
C GLY A 91 27.34 -76.64 21.74
N THR A 92 27.32 -75.40 21.25
CA THR A 92 26.88 -74.23 22.01
C THR A 92 26.63 -73.11 21.02
N THR A 93 26.40 -71.91 21.54
CA THR A 93 26.16 -70.73 20.71
C THR A 93 27.13 -69.64 21.13
N ALA A 94 27.81 -69.05 20.16
CA ALA A 94 28.77 -67.99 20.39
C ALA A 94 28.50 -66.81 19.47
N HIS A 95 28.98 -65.64 19.90
CA HIS A 95 28.86 -64.41 19.11
C HIS A 95 30.21 -63.73 19.06
N VAL A 96 30.58 -63.25 17.88
CA VAL A 96 31.88 -62.63 17.63
C VAL A 96 31.67 -61.17 17.27
N GLY A 97 32.32 -60.28 18.00
CA GLY A 97 32.30 -58.86 17.70
C GLY A 97 33.61 -58.44 17.07
N ILE A 98 33.50 -57.69 15.98
CA ILE A 98 34.65 -57.17 15.24
C ILE A 98 34.61 -55.66 15.29
N MET A 99 35.70 -55.05 15.77
CA MET A 99 35.79 -53.59 15.90
C MET A 99 36.56 -53.05 14.71
N LEU A 100 35.86 -52.42 13.78
CA LEU A 100 36.47 -51.82 12.59
C LEU A 100 37.14 -50.51 12.98
N TYR A 101 38.25 -50.64 13.69
CA TYR A 101 38.99 -49.49 14.18
C TYR A 101 39.68 -48.76 13.02
N GLY A 102 40.39 -47.69 13.35
CA GLY A 102 41.12 -46.91 12.39
C GLY A 102 40.82 -45.43 12.55
N VAL A 103 41.11 -44.68 11.49
CA VAL A 103 40.89 -43.24 11.50
C VAL A 103 39.48 -42.96 10.97
N ASP A 104 38.66 -42.30 11.80
CA ASP A 104 37.30 -41.91 11.43
C ASP A 104 36.46 -43.12 11.00
N SER A 105 36.61 -44.22 11.71
CA SER A 105 35.84 -45.43 11.42
C SER A 105 35.79 -46.29 12.68
N ARG A 106 34.60 -46.69 13.09
CA ARG A 106 34.43 -47.53 14.26
C ARG A 106 33.04 -48.16 14.22
N SER A 107 32.97 -49.44 14.53
CA SER A 107 31.71 -50.19 14.52
C SER A 107 31.88 -51.42 15.39
N GLY A 108 30.92 -52.33 15.29
CA GLY A 108 30.95 -53.57 16.06
C GLY A 108 30.32 -54.70 15.29
N HIS A 109 29.52 -55.51 15.98
CA HIS A 109 28.83 -56.64 15.37
C HIS A 109 27.40 -56.70 15.88
N ARG A 110 26.61 -57.60 15.29
CA ARG A 110 25.21 -57.74 15.63
C ARG A 110 24.87 -59.23 15.66
N HIS A 111 23.57 -59.53 15.73
CA HIS A 111 23.11 -60.91 15.82
C HIS A 111 23.11 -61.56 14.44
N LEU A 112 23.53 -62.82 14.39
CA LEU A 112 23.55 -63.60 13.16
C LEU A 112 22.17 -64.20 12.94
N ASP A 113 21.35 -63.53 12.15
CA ASP A 113 19.97 -63.96 11.91
C ASP A 113 19.98 -65.17 10.98
N GLY A 114 19.85 -66.36 11.56
CA GLY A 114 19.82 -67.58 10.77
C GLY A 114 19.45 -68.76 11.64
N ASP A 115 19.11 -69.85 10.97
CA ASP A 115 18.74 -71.10 11.65
C ASP A 115 19.94 -71.86 12.18
N ARG A 116 21.08 -71.81 11.49
CA ARG A 116 22.28 -72.48 11.99
C ARG A 116 22.79 -71.81 13.25
N ALA A 117 23.13 -70.52 13.16
CA ALA A 117 23.55 -69.72 14.31
C ALA A 117 24.74 -70.33 15.03
N PHE A 118 25.66 -70.94 14.28
CA PHE A 118 26.88 -71.54 14.82
C PHE A 118 26.55 -72.59 15.88
N HIS A 119 25.77 -73.59 15.47
CA HIS A 119 25.41 -74.69 16.34
C HIS A 119 26.55 -75.69 16.40
N ARG A 120 26.29 -76.88 16.93
CA ARG A 120 27.29 -77.93 17.02
C ARG A 120 27.82 -78.26 15.63
N ASN A 121 29.13 -78.08 15.45
CA ASN A 121 29.79 -78.28 14.16
C ASN A 121 29.13 -77.46 13.06
N SER A 122 28.76 -76.22 13.40
CA SER A 122 28.12 -75.31 12.46
C SER A 122 28.71 -73.92 12.61
N LEU A 123 28.61 -73.15 11.54
CA LEU A 123 29.17 -71.80 11.49
C LEU A 123 28.49 -71.04 10.35
N ASP A 124 29.01 -69.87 10.02
CA ASP A 124 28.45 -69.05 8.97
C ASP A 124 29.53 -68.08 8.49
N ILE A 125 29.19 -67.28 7.47
CA ILE A 125 30.09 -66.29 6.90
C ILE A 125 29.64 -64.91 7.35
N PHE A 126 30.58 -64.11 7.84
CA PHE A 126 30.26 -62.81 8.41
C PHE A 126 30.12 -61.77 7.31
N ARG A 127 28.96 -61.13 7.25
CA ARG A 127 28.73 -60.02 6.33
C ARG A 127 27.56 -59.20 6.88
N ILE A 128 27.85 -57.99 7.34
CA ILE A 128 26.87 -57.13 7.99
C ILE A 128 27.10 -55.70 7.52
N ALA A 129 26.27 -54.79 8.04
CA ALA A 129 26.33 -53.37 7.67
C ALA A 129 27.47 -52.72 8.44
N THR A 130 28.66 -52.74 7.84
CA THR A 130 29.86 -52.14 8.40
C THR A 130 30.34 -51.01 7.50
N PRO A 131 29.46 -50.04 7.22
CA PRO A 131 29.88 -48.92 6.35
C PRO A 131 31.01 -48.08 6.91
N HIS A 132 31.21 -48.09 8.23
CA HIS A 132 32.31 -47.35 8.85
C HIS A 132 33.56 -48.20 8.78
N SER A 133 34.30 -48.05 7.69
CA SER A 133 35.53 -48.78 7.45
C SER A 133 36.67 -47.82 7.19
N LEU A 134 37.83 -48.10 7.77
CA LEU A 134 39.00 -47.25 7.60
C LEU A 134 39.59 -47.43 6.20
N GLY A 135 40.72 -46.78 5.97
CA GLY A 135 41.43 -46.92 4.71
C GLY A 135 42.20 -48.23 4.64
N SER A 136 43.13 -48.27 3.67
CA SER A 136 43.98 -49.44 3.48
C SER A 136 45.14 -49.43 4.49
N VAL A 137 44.75 -49.40 5.76
CA VAL A 137 45.68 -49.35 6.88
C VAL A 137 45.23 -50.35 7.94
N TRP A 138 45.93 -50.34 9.07
CA TRP A 138 45.64 -51.24 10.18
C TRP A 138 44.24 -51.04 10.73
N LYS A 139 43.40 -52.08 10.65
CA LYS A 139 42.04 -52.04 11.20
C LYS A 139 41.66 -53.47 11.61
N ILE A 140 41.88 -53.79 12.88
CA ILE A 140 41.54 -55.12 13.38
C ILE A 140 41.41 -55.06 14.90
N ARG A 141 40.30 -55.62 15.39
CA ARG A 141 40.09 -55.89 16.81
C ARG A 141 38.94 -56.87 16.96
N VAL A 142 39.18 -58.03 17.57
CA VAL A 142 38.21 -59.12 17.56
C VAL A 142 37.99 -59.64 18.97
N TRP A 143 36.74 -59.89 19.32
CA TRP A 143 36.37 -60.57 20.55
C TRP A 143 35.31 -61.62 20.22
N HIS A 144 35.23 -62.64 21.06
CA HIS A 144 34.29 -63.73 20.85
C HIS A 144 33.83 -64.25 22.21
N ASP A 145 32.52 -64.26 22.43
CA ASP A 145 31.94 -64.73 23.68
C ASP A 145 30.96 -65.86 23.39
N ASN A 146 31.15 -66.99 24.06
CA ASN A 146 30.29 -68.16 23.91
C ASN A 146 29.39 -68.28 25.13
N LYS A 147 28.08 -68.28 24.90
CA LYS A 147 27.11 -68.37 25.99
C LYS A 147 27.06 -69.82 26.47
N GLY A 148 27.82 -70.11 27.52
CA GLY A 148 27.87 -71.45 28.07
C GLY A 148 29.24 -72.09 27.98
N LEU A 149 29.36 -73.13 27.16
CA LEU A 149 30.60 -73.87 27.02
C LEU A 149 31.51 -73.20 25.98
N SER A 150 32.66 -73.82 25.72
CA SER A 150 33.62 -73.30 24.77
C SER A 150 33.95 -74.39 23.75
N PRO A 151 33.82 -74.12 22.46
CA PRO A 151 34.16 -75.13 21.45
C PRO A 151 35.65 -75.43 21.43
N ALA A 152 35.96 -76.69 21.08
CA ALA A 152 37.34 -77.13 20.91
C ALA A 152 37.76 -76.93 19.46
N TRP A 153 37.79 -75.66 19.06
CA TRP A 153 38.09 -75.29 17.68
C TRP A 153 38.85 -73.97 17.67
N PHE A 154 39.29 -73.58 16.47
CA PHE A 154 40.05 -72.34 16.31
C PHE A 154 39.80 -71.82 14.90
N LEU A 155 38.91 -70.83 14.78
CA LEU A 155 38.67 -70.16 13.51
C LEU A 155 39.68 -69.02 13.36
N GLN A 156 40.48 -69.07 12.29
CA GLN A 156 41.61 -68.16 12.16
C GLN A 156 41.17 -66.70 12.06
N HIS A 157 40.50 -66.34 10.96
CA HIS A 157 40.06 -64.97 10.73
C HIS A 157 39.26 -64.86 9.45
N VAL A 158 38.78 -63.66 9.15
CA VAL A 158 38.16 -63.35 7.85
C VAL A 158 39.24 -62.64 7.04
N ILE A 159 40.02 -63.42 6.30
CA ILE A 159 41.17 -62.89 5.56
C ILE A 159 40.66 -62.51 4.17
N VAL A 160 40.12 -61.30 4.06
CA VAL A 160 39.77 -60.77 2.75
C VAL A 160 41.01 -60.20 2.07
N ARG A 161 40.93 -60.05 0.75
CA ARG A 161 42.04 -59.50 -0.02
C ARG A 161 41.70 -58.15 -0.63
N ASP A 162 40.70 -58.08 -1.51
CA ASP A 162 40.24 -56.81 -2.07
C ASP A 162 38.93 -57.00 -2.84
N LEU A 163 37.91 -56.21 -2.51
CA LEU A 163 36.72 -56.18 -3.35
C LEU A 163 36.39 -54.77 -3.78
N GLN A 164 36.45 -53.81 -2.87
CA GLN A 164 36.18 -52.41 -3.18
C GLN A 164 37.37 -51.51 -2.92
N THR A 165 37.90 -51.48 -1.69
CA THR A 165 39.01 -50.60 -1.37
C THR A 165 40.03 -51.22 -0.43
N ALA A 166 39.88 -52.49 -0.03
CA ALA A 166 40.84 -53.20 0.81
C ALA A 166 41.04 -52.47 2.14
N ARG A 167 39.97 -52.43 2.92
CA ARG A 167 39.99 -51.85 4.25
C ARG A 167 40.42 -52.85 5.33
N SER A 168 41.11 -53.91 4.94
CA SER A 168 41.59 -54.91 5.88
C SER A 168 42.82 -55.58 5.28
N ALA A 169 43.44 -56.45 6.06
CA ALA A 169 44.64 -57.16 5.65
C ALA A 169 44.37 -58.65 5.60
N PHE A 170 45.04 -59.32 4.66
CA PHE A 170 44.89 -60.77 4.47
C PHE A 170 45.87 -61.48 5.39
N PHE A 171 45.44 -61.71 6.63
CA PHE A 171 46.25 -62.37 7.64
C PHE A 171 45.30 -62.97 8.68
N LEU A 172 45.86 -63.72 9.62
CA LEU A 172 45.06 -64.37 10.64
C LEU A 172 45.94 -64.70 11.83
N VAL A 173 45.29 -64.97 12.96
CA VAL A 173 45.98 -65.37 14.18
C VAL A 173 45.88 -66.87 14.41
N ASN A 174 44.70 -67.46 14.16
CA ASN A 174 44.47 -68.90 14.31
C ASN A 174 44.75 -69.36 15.73
N ASP A 175 43.98 -68.83 16.67
CA ASP A 175 44.09 -69.18 18.08
C ASP A 175 42.79 -69.81 18.56
N TRP A 176 42.91 -70.59 19.63
CA TRP A 176 41.77 -71.30 20.18
C TRP A 176 40.81 -70.33 20.87
N LEU A 177 39.56 -70.77 21.01
CA LEU A 177 38.52 -69.97 21.62
C LEU A 177 38.28 -70.40 23.06
N SER A 178 38.21 -69.42 23.96
CA SER A 178 37.99 -69.68 25.37
C SER A 178 36.89 -68.78 25.92
N VAL A 179 36.72 -68.75 27.24
CA VAL A 179 35.71 -67.91 27.85
C VAL A 179 36.08 -66.45 27.62
N GLU A 180 35.27 -65.75 26.82
CA GLU A 180 35.51 -64.36 26.46
C GLU A 180 36.88 -64.20 25.79
N THR A 181 37.05 -64.90 24.68
CA THR A 181 38.29 -64.85 23.94
C THR A 181 38.46 -63.49 23.28
N GLU A 182 39.70 -63.00 23.22
CA GLU A 182 39.99 -61.70 22.63
C GLU A 182 41.27 -61.79 21.82
N ALA A 183 41.16 -61.49 20.52
CA ALA A 183 42.31 -61.45 19.62
C ALA A 183 42.47 -60.03 19.12
N ASN A 184 43.65 -59.45 19.35
CA ASN A 184 43.94 -58.08 18.97
C ASN A 184 45.17 -58.04 18.08
N GLY A 185 45.15 -57.13 17.10
CA GLY A 185 46.27 -56.98 16.19
C GLY A 185 46.24 -55.62 15.54
N GLY A 186 47.20 -55.40 14.64
CA GLY A 186 47.31 -54.14 13.95
C GLY A 186 46.95 -54.25 12.47
N LEU A 187 47.96 -54.27 11.62
CA LEU A 187 47.75 -54.33 10.17
C LEU A 187 47.13 -55.66 9.76
N ALA A 198 49.32 -62.12 28.59
CA ALA A 198 48.69 -61.46 27.45
C ALA A 198 48.38 -60.01 27.78
N ALA A 199 49.10 -59.09 27.14
CA ALA A 199 48.94 -57.65 27.33
C ALA A 199 49.09 -57.28 28.82
N LEU A 200 50.30 -57.51 29.31
CA LEU A 200 50.59 -57.29 30.73
C LEU A 200 50.38 -55.83 31.12
N LEU A 201 50.82 -54.91 30.27
CA LEU A 201 50.65 -53.47 30.53
C LEU A 201 49.54 -52.96 29.62
N ARG A 202 48.30 -53.09 30.11
CA ARG A 202 47.14 -52.63 29.34
C ARG A 202 47.02 -51.11 29.33
N PHE A 203 47.65 -50.42 30.30
CA PHE A 203 47.45 -48.99 30.45
C PHE A 203 47.85 -48.22 29.19
N ARG A 204 49.04 -48.51 28.67
CA ARG A 204 49.56 -47.73 27.54
C ARG A 204 48.75 -47.93 26.27
N ARG A 205 47.95 -49.00 26.18
CA ARG A 205 47.08 -49.20 25.04
C ARG A 205 45.62 -48.93 25.35
N LEU A 206 45.18 -49.17 26.59
CA LEU A 206 43.84 -48.77 26.99
C LEU A 206 43.67 -47.27 26.90
N LEU A 207 44.71 -46.51 27.25
CA LEU A 207 44.65 -45.06 27.12
C LEU A 207 44.41 -44.66 25.66
N VAL A 208 45.15 -45.26 24.74
CA VAL A 208 45.01 -44.93 23.33
C VAL A 208 43.62 -45.30 22.83
N ALA A 209 43.13 -46.48 23.21
CA ALA A 209 41.81 -46.93 22.76
C ALA A 209 40.72 -46.00 23.28
N GLU A 210 40.77 -45.67 24.58
CA GLU A 210 39.76 -44.78 25.16
C GLU A 210 39.83 -43.39 24.54
N LEU A 211 41.03 -42.89 24.29
CA LEU A 211 41.18 -41.59 23.65
C LEU A 211 40.57 -41.59 22.25
N GLN A 212 40.92 -42.60 21.45
CA GLN A 212 40.39 -42.68 20.10
C GLN A 212 38.88 -42.83 20.10
N ARG A 213 38.31 -43.53 21.08
CA ARG A 213 36.86 -43.66 21.14
C ARG A 213 36.21 -42.34 21.54
N GLY A 214 36.63 -41.76 22.65
CA GLY A 214 35.92 -40.62 23.22
C GLY A 214 36.35 -39.26 22.70
N PHE A 215 37.33 -39.22 21.80
CA PHE A 215 37.84 -37.93 21.34
C PHE A 215 36.80 -37.14 20.58
N PHE A 216 35.97 -37.79 19.77
CA PHE A 216 34.89 -37.09 19.08
C PHE A 216 33.51 -37.53 19.55
N ASP A 217 33.45 -38.25 20.67
CA ASP A 217 32.17 -38.64 21.26
C ASP A 217 31.84 -37.92 22.56
N LYS A 218 32.86 -37.48 23.31
CA LYS A 218 32.63 -36.68 24.52
C LYS A 218 32.69 -35.18 24.25
N HIS A 219 33.31 -34.77 23.15
CA HIS A 219 33.35 -33.36 22.77
C HIS A 219 31.99 -32.96 22.23
N ILE A 220 31.09 -32.53 23.11
CA ILE A 220 29.67 -32.43 22.79
C ILE A 220 29.38 -31.39 21.71
N TRP A 221 30.30 -30.47 21.44
CA TRP A 221 30.05 -29.49 20.40
C TRP A 221 29.96 -30.16 19.03
N LEU A 222 31.06 -30.77 18.59
CA LEU A 222 31.04 -31.59 17.37
C LEU A 222 30.81 -33.06 17.67
N SER A 223 29.79 -33.35 18.48
CA SER A 223 29.38 -34.71 18.78
C SER A 223 27.98 -35.01 18.31
N ILE A 224 27.23 -33.99 17.87
CA ILE A 224 25.92 -34.19 17.26
C ILE A 224 26.03 -34.94 15.94
N TRP A 225 27.16 -34.82 15.24
CA TRP A 225 27.34 -35.45 13.95
C TRP A 225 27.85 -36.88 14.04
N ASP A 226 28.56 -37.22 15.11
CA ASP A 226 29.31 -38.47 15.20
C ASP A 226 28.95 -39.24 16.46
N ARG A 227 27.65 -39.41 16.71
CA ARG A 227 27.26 -40.27 17.82
C ARG A 227 27.37 -41.73 17.38
N PRO A 228 28.03 -42.59 18.17
CA PRO A 228 28.05 -43.99 17.84
C PRO A 228 26.68 -44.62 18.04
N PRO A 229 26.36 -45.70 17.34
CA PRO A 229 25.07 -46.36 17.56
C PRO A 229 25.00 -47.05 18.91
N ARG A 230 23.89 -47.74 19.17
CA ARG A 230 23.59 -48.41 20.44
C ARG A 230 24.05 -47.60 21.64
N SER A 231 23.76 -46.30 21.63
CA SER A 231 24.06 -45.41 22.74
C SER A 231 22.75 -44.87 23.31
N ARG A 232 22.80 -44.52 24.59
CA ARG A 232 21.63 -44.06 25.34
C ARG A 232 21.62 -42.55 25.50
N PHE A 233 22.09 -41.83 24.48
CA PHE A 233 22.21 -40.38 24.58
C PHE A 233 21.40 -39.67 23.49
N THR A 234 21.08 -40.35 22.39
CA THR A 234 19.90 -40.11 21.56
C THR A 234 19.87 -38.80 20.76
N ARG A 235 20.97 -38.06 20.70
CA ARG A 235 21.12 -36.98 19.73
C ARG A 235 20.10 -35.85 19.86
N ILE A 236 19.19 -35.93 20.83
CA ILE A 236 18.15 -34.92 20.97
C ILE A 236 18.41 -34.09 22.20
N GLN A 237 19.15 -34.66 23.16
CA GLN A 237 19.70 -33.88 24.27
C GLN A 237 21.15 -33.48 24.03
N ARG A 238 21.73 -33.89 22.91
CA ARG A 238 23.00 -33.28 22.51
C ARG A 238 22.82 -31.83 22.08
N ALA A 239 21.69 -31.52 21.44
CA ALA A 239 21.36 -30.17 21.05
C ALA A 239 20.75 -29.37 22.19
N THR A 240 20.44 -30.01 23.31
CA THR A 240 19.95 -29.31 24.50
C THR A 240 21.07 -28.79 25.37
N CYS A 241 22.09 -29.61 25.65
CA CYS A 241 23.24 -29.12 26.39
C CYS A 241 23.99 -28.04 25.63
N CYS A 242 24.06 -28.13 24.31
CA CYS A 242 24.75 -27.12 23.53
C CYS A 242 24.07 -25.76 23.67
N VAL A 243 22.75 -25.71 23.51
CA VAL A 243 22.05 -24.45 23.67
C VAL A 243 22.09 -24.00 25.12
N LEU A 244 22.17 -24.95 26.05
CA LEU A 244 22.35 -24.57 27.46
C LEU A 244 23.67 -23.83 27.67
N LEU A 245 24.75 -24.35 27.10
CA LEU A 245 26.03 -23.64 27.19
C LEU A 245 25.96 -22.29 26.50
N ILE A 246 25.31 -22.21 25.34
CA ILE A 246 25.23 -20.94 24.63
C ILE A 246 24.49 -19.89 25.47
N CYS A 247 23.32 -20.25 25.99
CA CYS A 247 22.52 -19.31 26.75
C CYS A 247 23.05 -19.06 28.16
N LEU A 248 23.96 -19.91 28.64
CA LEU A 248 24.63 -19.62 29.90
C LEU A 248 25.83 -18.71 29.68
N PHE A 249 26.56 -18.89 28.58
CA PHE A 249 27.62 -17.96 28.22
C PHE A 249 27.05 -16.56 28.00
N LEU A 250 25.92 -16.48 27.30
CA LEU A 250 25.29 -15.18 27.08
C LEU A 250 24.95 -14.52 28.41
N GLY A 251 24.33 -15.27 29.33
CA GLY A 251 23.96 -14.70 30.60
C GLY A 251 25.15 -14.28 31.44
N ALA A 252 26.18 -15.13 31.48
CA ALA A 252 27.35 -14.81 32.27
C ALA A 252 28.09 -13.60 31.75
N ASN A 253 28.19 -13.45 30.43
CA ASN A 253 28.83 -12.26 29.88
C ASN A 253 27.95 -11.03 30.07
N ALA A 254 26.62 -11.18 30.02
CA ALA A 254 25.74 -10.05 30.25
C ALA A 254 25.75 -9.59 31.70
N VAL A 255 26.04 -10.49 32.65
CA VAL A 255 26.08 -10.09 34.04
C VAL A 255 27.27 -9.17 34.31
N TRP A 256 28.45 -9.54 33.80
CA TRP A 256 29.64 -8.75 34.10
C TRP A 256 29.65 -7.39 33.41
N TYR A 257 28.76 -7.14 32.46
CA TYR A 257 28.64 -5.84 31.79
C TYR A 257 27.30 -5.24 32.21
N GLY A 258 27.34 -4.10 32.87
CA GLY A 258 26.15 -3.36 33.23
C GLY A 258 25.56 -3.73 34.58
N ALA A 259 25.99 -4.82 35.21
CA ALA A 259 25.52 -5.18 36.53
C ALA A 259 26.65 -5.16 37.56
N VAL A 260 27.83 -5.65 37.20
CA VAL A 260 29.01 -5.56 38.06
C VAL A 260 29.80 -4.33 37.61
N GLY A 261 29.58 -3.21 38.29
CA GLY A 261 30.26 -1.98 37.97
C GLY A 261 30.67 -1.19 39.20
N ASP A 262 30.97 -1.90 40.28
CA ASP A 262 31.37 -1.27 41.54
C ASP A 262 32.73 -1.76 41.99
N SER A 263 33.04 -3.01 41.67
CA SER A 263 34.21 -3.68 42.24
C SER A 263 35.50 -2.90 41.97
N ALA A 264 35.83 -2.72 40.69
CA ALA A 264 37.10 -2.11 40.33
C ALA A 264 36.91 -1.03 39.26
N TYR A 265 35.65 -0.67 39.00
CA TYR A 265 35.30 0.35 38.01
C TYR A 265 36.00 0.10 36.67
N SER A 266 36.64 -1.05 36.56
CA SER A 266 37.36 -1.42 35.35
C SER A 266 36.43 -1.78 34.19
N THR A 267 35.14 -1.93 34.46
CA THR A 267 34.17 -2.29 33.45
C THR A 267 33.69 -1.04 32.69
N GLY A 268 32.86 -1.27 31.67
CA GLY A 268 32.19 -0.19 30.98
C GLY A 268 33.07 0.80 30.24
N HIS A 269 32.93 2.08 30.58
CA HIS A 269 33.48 3.14 29.76
C HIS A 269 35.01 3.17 29.81
N VAL A 270 35.59 2.87 30.97
CA VAL A 270 37.04 3.04 31.14
C VAL A 270 37.81 2.13 30.20
N SER A 271 37.23 1.00 29.80
CA SER A 271 37.88 0.05 28.91
C SER A 271 37.33 0.24 27.51
N ARG A 272 38.21 0.48 26.54
CA ARG A 272 37.79 0.68 25.16
C ARG A 272 37.16 -0.60 24.62
N LEU A 273 36.08 -0.43 23.84
CA LEU A 273 35.38 -1.58 23.27
C LEU A 273 36.26 -2.36 22.30
N SER A 274 37.34 -1.76 21.81
CA SER A 274 38.25 -2.46 20.91
C SER A 274 38.91 -3.63 21.65
N PRO A 275 39.40 -4.63 20.90
CA PRO A 275 40.06 -5.77 21.55
C PRO A 275 41.20 -5.33 22.46
N LEU A 276 41.04 -5.56 23.76
CA LEU A 276 42.02 -5.15 24.75
C LEU A 276 42.82 -6.31 25.33
N SER A 277 42.28 -7.52 25.30
CA SER A 277 42.89 -8.73 25.84
C SER A 277 43.14 -8.64 27.35
N VAL A 278 42.59 -7.61 28.00
CA VAL A 278 42.72 -7.48 29.46
C VAL A 278 41.33 -7.55 30.08
N ASP A 279 40.31 -7.13 29.32
CA ASP A 279 38.93 -7.17 29.79
C ASP A 279 37.99 -7.58 28.67
N THR A 280 38.50 -8.20 27.61
CA THR A 280 37.67 -8.60 26.48
C THR A 280 37.77 -10.09 26.24
N VAL A 281 38.91 -10.69 26.55
CA VAL A 281 39.08 -12.14 26.41
C VAL A 281 39.07 -12.78 27.78
N ALA A 282 39.50 -12.04 28.81
CA ALA A 282 39.50 -12.58 30.16
C ALA A 282 38.09 -12.80 30.68
N VAL A 283 37.17 -11.90 30.35
CA VAL A 283 35.79 -12.03 30.82
C VAL A 283 35.17 -13.31 30.28
N GLY A 284 35.36 -13.58 28.99
CA GLY A 284 34.83 -14.80 28.42
C GLY A 284 35.44 -16.04 29.06
N LEU A 285 36.75 -16.03 29.31
CA LEU A 285 37.40 -17.14 29.97
C LEU A 285 36.79 -17.40 31.34
N VAL A 286 36.67 -16.35 32.16
CA VAL A 286 36.16 -16.52 33.52
C VAL A 286 34.71 -16.99 33.48
N SER A 287 33.89 -16.43 32.60
CA SER A 287 32.49 -16.83 32.51
C SER A 287 32.37 -18.28 32.10
N SER A 288 33.13 -18.70 31.08
CA SER A 288 33.08 -20.09 30.65
C SER A 288 33.53 -21.02 31.77
N VAL A 289 34.60 -20.67 32.48
CA VAL A 289 35.10 -21.51 33.55
C VAL A 289 34.05 -21.66 34.65
N VAL A 290 33.40 -20.56 35.03
CA VAL A 290 32.43 -20.62 36.12
C VAL A 290 31.11 -21.28 35.71
N VAL A 291 30.80 -21.33 34.41
CA VAL A 291 29.53 -21.92 34.00
C VAL A 291 29.50 -23.44 34.17
N TYR A 292 30.58 -24.15 33.87
CA TYR A 292 30.56 -25.62 33.82
C TYR A 292 29.97 -26.33 35.04
N PRO A 293 30.26 -25.94 36.28
CA PRO A 293 29.63 -26.63 37.43
C PRO A 293 28.11 -26.72 37.33
N VAL A 294 27.46 -25.89 36.53
CA VAL A 294 26.05 -26.08 36.23
C VAL A 294 25.85 -27.06 35.08
N TYR A 295 26.75 -27.07 34.09
CA TYR A 295 26.63 -27.94 32.93
C TYR A 295 27.07 -29.37 33.24
N LEU A 296 28.29 -29.55 33.73
CA LEU A 296 28.81 -30.90 33.93
C LEU A 296 28.03 -31.67 35.00
N ALA A 297 27.18 -31.00 35.77
CA ALA A 297 26.28 -31.68 36.69
C ALA A 297 24.98 -32.09 36.05
N ILE A 298 24.55 -31.42 34.97
CA ILE A 298 23.32 -31.82 34.27
C ILE A 298 23.59 -32.89 33.22
N LEU A 299 24.84 -33.06 32.79
CA LEU A 299 25.17 -34.20 31.95
C LEU A 299 25.06 -35.52 32.71
N PHE A 300 25.24 -35.46 34.03
CA PHE A 300 25.07 -36.65 34.87
C PHE A 300 23.65 -37.19 34.80
N LEU A 301 22.67 -36.36 34.45
CA LEU A 301 21.29 -36.78 34.36
C LEU A 301 20.90 -37.23 32.96
N PHE A 302 21.83 -37.21 32.00
CA PHE A 302 21.59 -37.72 30.67
C PHE A 302 22.37 -39.01 30.43
N ARG A 303 23.68 -38.98 30.61
CA ARG A 303 24.46 -40.20 30.68
C ARG A 303 24.24 -40.86 32.05
N MET A 304 24.24 -42.19 32.06
CA MET A 304 23.87 -42.96 33.24
C MET A 304 22.49 -42.56 33.73
N SER A 305 21.49 -42.82 32.88
CA SER A 305 20.10 -42.50 33.18
C SER A 305 19.17 -43.64 32.79
N ARG A 306 19.66 -44.87 32.85
CA ARG A 306 18.84 -46.04 32.52
C ARG A 306 18.91 -47.09 33.63
N PRO A 509 18.23 -43.88 38.48
CA PRO A 509 18.32 -43.57 37.04
C PRO A 509 17.17 -44.17 36.25
N ALA A 510 15.96 -43.66 36.46
CA ALA A 510 14.77 -44.17 35.77
C ALA A 510 14.15 -43.13 34.85
N TRP A 511 13.81 -41.95 35.38
CA TRP A 511 13.15 -40.90 34.60
C TRP A 511 13.93 -39.59 34.65
N CYS A 512 15.23 -39.68 34.92
CA CYS A 512 16.05 -38.47 35.07
C CYS A 512 16.16 -37.67 33.77
N ALA A 513 15.92 -38.30 32.62
CA ALA A 513 16.03 -37.60 31.36
C ALA A 513 15.02 -36.46 31.25
N SER A 514 13.76 -36.74 31.59
CA SER A 514 12.73 -35.71 31.54
C SER A 514 13.01 -34.58 32.53
N LEU A 515 13.46 -34.93 33.73
CA LEU A 515 13.79 -33.91 34.73
C LEU A 515 14.94 -33.03 34.26
N ALA A 516 15.96 -33.64 33.66
CA ALA A 516 17.07 -32.87 33.11
C ALA A 516 16.61 -31.95 31.98
N HIS A 517 15.73 -32.46 31.12
CA HIS A 517 15.21 -31.65 30.02
C HIS A 517 14.43 -30.45 30.56
N GLY A 518 13.62 -30.68 31.60
CA GLY A 518 12.88 -29.58 32.21
C GLY A 518 13.80 -28.56 32.85
N LEU A 519 14.81 -29.02 33.59
CA LEU A 519 15.75 -28.09 34.21
C LEU A 519 16.48 -27.27 33.15
N SER A 520 16.86 -27.91 32.04
CA SER A 520 17.45 -27.16 30.93
C SER A 520 16.48 -26.10 30.44
N LEU A 521 15.32 -26.53 29.92
CA LEU A 521 14.35 -25.61 29.33
C LEU A 521 13.90 -24.53 30.31
N LEU A 522 14.21 -24.69 31.60
CA LEU A 522 14.00 -23.62 32.56
C LEU A 522 15.21 -22.69 32.66
N LEU A 523 16.40 -23.26 32.78
CA LEU A 523 17.61 -22.45 32.93
C LEU A 523 17.86 -21.59 31.70
N VAL A 524 17.63 -22.16 30.51
CA VAL A 524 17.80 -21.39 29.27
C VAL A 524 16.88 -20.18 29.28
N ALA A 525 15.61 -20.38 29.62
CA ALA A 525 14.65 -19.29 29.62
C ALA A 525 15.01 -18.22 30.65
N VAL A 526 15.39 -18.64 31.86
CA VAL A 526 15.69 -17.65 32.90
C VAL A 526 16.97 -16.88 32.54
N ALA A 527 17.95 -17.58 31.95
CA ALA A 527 19.17 -16.90 31.52
C ALA A 527 18.89 -15.88 30.44
N VAL A 528 18.03 -16.23 29.47
CA VAL A 528 17.68 -15.29 28.43
C VAL A 528 16.95 -14.09 29.00
N ALA A 529 16.02 -14.32 29.94
CA ALA A 529 15.29 -13.21 30.56
C ALA A 529 16.23 -12.28 31.31
N VAL A 530 17.15 -12.84 32.10
CA VAL A 530 18.10 -12.02 32.84
C VAL A 530 18.99 -11.24 31.88
N SER A 531 19.45 -11.90 30.81
CA SER A 531 20.29 -11.23 29.82
C SER A 531 19.57 -10.05 29.20
N GLY A 532 18.32 -10.23 28.80
CA GLY A 532 17.55 -9.13 28.24
C GLY A 532 17.36 -7.99 29.22
N TRP A 533 16.99 -8.33 30.45
CA TRP A 533 16.70 -7.31 31.45
C TRP A 533 17.95 -6.48 31.76
N VAL A 534 19.11 -7.14 31.87
CA VAL A 534 20.33 -6.41 32.18
C VAL A 534 20.92 -5.71 30.96
N GLY A 535 20.64 -6.21 29.75
CA GLY A 535 21.20 -5.61 28.56
C GLY A 535 20.37 -4.48 28.01
N ALA A 536 19.13 -4.35 28.50
CA ALA A 536 18.29 -3.24 28.08
C ALA A 536 18.79 -1.88 28.55
N SER A 537 19.95 -1.83 29.19
CA SER A 537 20.54 -0.58 29.66
C SER A 537 21.95 -0.36 29.15
N PHE A 538 22.41 -1.15 28.19
CA PHE A 538 23.78 -1.04 27.71
C PHE A 538 23.95 0.24 26.89
N PRO A 539 25.00 1.00 27.16
CA PRO A 539 25.40 2.07 26.24
C PRO A 539 25.87 1.49 24.93
N PRO A 540 25.75 2.23 23.82
CA PRO A 540 26.11 1.69 22.50
C PRO A 540 27.55 1.24 22.37
N GLY A 541 28.36 1.44 23.40
CA GLY A 541 29.77 1.11 23.31
C GLY A 541 30.13 -0.22 23.96
N VAL A 542 29.40 -0.61 25.01
CA VAL A 542 29.69 -1.86 25.69
C VAL A 542 29.02 -3.06 25.04
N SER A 543 27.89 -2.86 24.36
CA SER A 543 27.16 -3.96 23.75
C SER A 543 27.92 -4.60 22.60
N VAL A 544 28.97 -3.97 22.08
CA VAL A 544 29.82 -4.60 21.08
C VAL A 544 30.99 -5.35 21.69
N ALA A 545 31.49 -4.93 22.85
CA ALA A 545 32.49 -5.71 23.55
C ALA A 545 31.89 -6.94 24.21
N TRP A 546 30.62 -6.85 24.62
CA TRP A 546 29.94 -8.01 25.19
C TRP A 546 29.81 -9.13 24.15
N LEU A 547 29.50 -8.76 22.91
CA LEU A 547 29.40 -9.76 21.86
C LEU A 547 30.73 -10.46 21.61
N LEU A 548 31.82 -9.68 21.59
CA LEU A 548 33.14 -10.27 21.41
C LEU A 548 33.52 -11.16 22.58
N SER A 549 33.20 -10.75 23.81
CA SER A 549 33.49 -11.57 24.97
C SER A 549 32.70 -12.88 24.92
N SER A 550 31.43 -12.81 24.54
CA SER A 550 30.63 -14.01 24.39
C SER A 550 31.16 -14.94 23.30
N SER A 551 31.60 -14.38 22.17
CA SER A 551 32.18 -15.21 21.11
C SER A 551 33.47 -15.87 21.58
N ALA A 552 34.33 -15.12 22.28
CA ALA A 552 35.57 -15.68 22.79
C ALA A 552 35.34 -16.72 23.88
N SER A 553 34.24 -16.61 24.63
CA SER A 553 33.90 -17.67 25.57
C SER A 553 33.62 -18.98 24.86
N PHE A 554 32.94 -18.93 23.72
CA PHE A 554 32.66 -20.14 22.95
C PHE A 554 33.95 -20.77 22.43
N LEU A 555 34.93 -19.95 22.04
CA LEU A 555 36.21 -20.45 21.54
C LEU A 555 37.07 -21.05 22.65
N ALA A 556 36.66 -20.91 23.91
CA ALA A 556 37.32 -21.58 25.01
C ALA A 556 36.69 -22.93 25.33
N SER A 557 35.38 -23.05 25.18
CA SER A 557 34.69 -24.33 25.30
C SER A 557 34.89 -25.23 24.10
N PHE A 558 35.73 -24.82 23.14
CA PHE A 558 35.93 -25.57 21.92
C PHE A 558 37.38 -25.91 21.62
N LEU A 559 38.35 -25.23 22.25
CA LEU A 559 39.77 -25.43 22.00
C LEU A 559 40.53 -25.56 23.30
N GLY A 560 40.06 -26.43 24.20
CA GLY A 560 40.84 -26.68 25.40
C GLY A 560 40.08 -26.93 26.68
N TRP A 561 38.76 -26.78 26.68
CA TRP A 561 37.97 -27.10 27.87
C TRP A 561 37.18 -28.40 27.72
N GLU A 562 36.72 -28.71 26.52
CA GLU A 562 36.22 -30.05 26.22
C GLU A 562 37.37 -31.03 25.97
N PRO A 563 38.44 -30.66 25.27
CA PRO A 563 39.58 -31.58 25.13
C PRO A 563 40.19 -32.01 26.45
N LEU A 564 40.28 -31.14 27.45
CA LEU A 564 40.78 -31.57 28.76
C LEU A 564 39.79 -32.43 29.51
N LYS A 565 38.48 -32.19 29.34
CA LYS A 565 37.49 -33.10 29.90
C LYS A 565 37.63 -34.49 29.30
N VAL A 566 37.86 -34.56 27.99
CA VAL A 566 38.06 -35.84 27.33
C VAL A 566 39.30 -36.53 27.87
N LEU A 567 40.40 -35.78 28.03
CA LEU A 567 41.62 -36.36 28.56
C LEU A 567 41.44 -36.87 29.98
N LEU A 568 40.75 -36.10 30.82
CA LEU A 568 40.50 -36.52 32.20
C LEU A 568 39.64 -37.78 32.24
N GLU A 569 38.60 -37.84 31.41
CA GLU A 569 37.73 -39.03 31.41
C GLU A 569 38.49 -40.25 30.89
N ALA A 570 39.32 -40.06 29.87
CA ALA A 570 40.14 -41.18 29.37
C ALA A 570 41.11 -41.65 30.43
N LEU A 571 41.73 -40.72 31.15
CA LEU A 571 42.65 -41.09 32.22
C LEU A 571 41.93 -41.87 33.31
N TYR A 572 40.72 -41.41 33.67
CA TYR A 572 39.94 -42.12 34.68
C TYR A 572 39.62 -43.53 34.22
N PHE A 573 39.07 -43.68 33.01
CA PHE A 573 38.74 -45.00 32.50
C PHE A 573 39.95 -45.89 32.28
N SER A 574 41.15 -45.31 32.15
CA SER A 574 42.35 -46.11 31.95
C SER A 574 43.14 -46.34 33.23
N LEU A 575 42.75 -45.73 34.34
CA LEU A 575 43.49 -45.91 35.59
C LEU A 575 42.66 -46.52 36.71
N VAL A 576 41.35 -46.30 36.74
CA VAL A 576 40.47 -46.90 37.75
C VAL A 576 39.40 -47.69 37.02
N ALA A 577 39.13 -48.90 37.52
CA ALA A 577 38.16 -49.86 37.00
C ALA A 577 38.65 -50.52 35.71
N LYS A 578 39.76 -50.02 35.17
CA LYS A 578 40.53 -50.63 34.07
C LYS A 578 39.62 -51.29 33.03
N ARG A 579 38.72 -50.49 32.46
CA ARG A 579 37.82 -51.02 31.45
C ARG A 579 38.59 -51.44 30.20
N LEU A 580 38.15 -52.54 29.59
CA LEU A 580 38.84 -53.15 28.46
C LEU A 580 37.98 -53.14 27.21
N HIS A 581 36.92 -52.35 27.21
CA HIS A 581 36.02 -52.25 26.08
C HIS A 581 35.76 -50.78 25.77
N PRO A 582 35.44 -50.44 24.51
CA PRO A 582 35.13 -49.06 24.15
C PRO A 582 33.76 -48.61 24.66
N PHE A 613 19.28 -53.49 -1.72
CA PHE A 613 18.81 -52.22 -2.27
C PHE A 613 18.42 -51.25 -1.17
N LEU A 614 17.84 -51.79 -0.09
CA LEU A 614 17.37 -50.96 1.01
C LEU A 614 18.50 -50.27 1.75
N ALA A 615 19.74 -50.68 1.51
CA ALA A 615 20.88 -50.12 2.25
C ALA A 615 21.32 -48.76 1.73
N LYS A 616 21.57 -48.64 0.42
CA LYS A 616 22.11 -47.40 -0.11
C LYS A 616 21.12 -46.25 -0.10
N GLU A 617 19.82 -46.52 0.08
CA GLU A 617 18.85 -45.44 0.19
C GLU A 617 18.90 -44.73 1.54
N GLU A 618 19.23 -45.46 2.61
CA GLU A 618 19.32 -44.83 3.92
C GLU A 618 20.62 -44.05 4.07
N ALA A 619 21.72 -44.54 3.48
CA ALA A 619 22.98 -43.81 3.54
C ALA A 619 22.86 -42.46 2.84
N ARG A 620 22.20 -42.44 1.68
CA ARG A 620 22.00 -41.19 0.97
C ARG A 620 21.15 -40.22 1.79
N LYS A 621 20.10 -40.73 2.44
CA LYS A 621 19.25 -39.89 3.26
C LYS A 621 20.02 -39.31 4.44
N VAL A 622 20.84 -40.13 5.10
CA VAL A 622 21.63 -39.64 6.22
C VAL A 622 22.64 -38.60 5.75
N LYS A 623 23.28 -38.83 4.61
CA LYS A 623 24.23 -37.86 4.07
C LYS A 623 23.53 -36.54 3.77
N ARG A 624 22.34 -36.61 3.18
CA ARG A 624 21.59 -35.39 2.88
C ARG A 624 21.20 -34.65 4.15
N LEU A 625 20.77 -35.39 5.18
CA LEU A 625 20.41 -34.75 6.44
C LEU A 625 21.61 -34.08 7.09
N HIS A 626 22.77 -34.75 7.06
CA HIS A 626 23.97 -34.14 7.61
C HIS A 626 24.35 -32.88 6.84
N GLY A 627 24.25 -32.92 5.51
CA GLY A 627 24.56 -31.74 4.72
C GLY A 627 23.61 -30.60 5.02
N MET A 628 22.32 -30.91 5.19
CA MET A 628 21.36 -29.88 5.57
C MET A 628 21.68 -29.30 6.94
N LEU A 629 22.07 -30.15 7.90
CA LEU A 629 22.39 -29.68 9.23
C LEU A 629 23.61 -28.77 9.23
N ARG A 630 24.65 -29.12 8.48
CA ARG A 630 25.84 -28.27 8.44
C ARG A 630 25.66 -27.05 7.56
N SER A 631 24.61 -27.00 6.74
CA SER A 631 24.34 -25.86 5.88
C SER A 631 23.37 -24.87 6.51
N LEU A 632 22.93 -25.12 7.73
CA LEU A 632 22.01 -24.22 8.42
C LEU A 632 22.69 -23.31 9.41
N LEU A 633 23.78 -23.76 10.05
CA LEU A 633 24.52 -22.90 10.96
C LEU A 633 25.11 -21.69 10.24
N VAL A 634 25.66 -21.92 9.04
CA VAL A 634 26.20 -20.82 8.25
C VAL A 634 25.11 -19.82 7.91
N TYR A 635 23.94 -20.32 7.52
CA TYR A 635 22.83 -19.43 7.19
C TYR A 635 22.39 -18.62 8.40
N MET A 636 22.33 -19.24 9.57
CA MET A 636 21.91 -18.51 10.77
C MET A 636 22.95 -17.46 11.17
N LEU A 637 24.23 -17.79 11.03
CA LEU A 637 25.27 -16.79 11.30
C LEU A 637 25.17 -15.63 10.32
N PHE A 638 24.94 -15.92 9.04
CA PHE A 638 24.76 -14.87 8.05
C PHE A 638 23.55 -14.00 8.39
N LEU A 639 22.45 -14.62 8.80
CA LEU A 639 21.27 -13.86 9.18
C LEU A 639 21.54 -12.97 10.37
N LEU A 640 22.25 -13.49 11.38
CA LEU A 640 22.58 -12.68 12.54
C LEU A 640 23.44 -11.48 12.16
N VAL A 641 24.44 -11.71 11.30
CA VAL A 641 25.33 -10.62 10.90
C VAL A 641 24.56 -9.55 10.12
N THR A 642 23.73 -9.98 9.17
CA THR A 642 23.00 -9.01 8.38
C THR A 642 21.85 -8.36 9.14
N LEU A 643 21.38 -8.97 10.23
CA LEU A 643 20.42 -8.31 11.10
C LEU A 643 21.08 -7.27 11.98
N LEU A 644 22.27 -7.57 12.50
CA LEU A 644 23.00 -6.56 13.27
C LEU A 644 23.48 -5.42 12.38
N ALA A 645 23.76 -5.69 11.12
CA ALA A 645 24.23 -4.65 10.21
C ALA A 645 23.15 -3.64 9.87
N SER A 646 21.87 -3.99 10.04
CA SER A 646 20.77 -3.11 9.63
C SER A 646 19.92 -2.65 10.80
N TYR A 647 19.41 -3.56 11.64
CA TYR A 647 18.67 -3.18 12.83
C TYR A 647 19.55 -3.08 14.07
N GLY A 648 20.87 -3.09 13.90
CA GLY A 648 21.75 -2.93 15.05
C GLY A 648 21.60 -1.62 15.76
N ASP A 649 21.15 -0.58 15.07
CA ASP A 649 20.91 0.73 15.65
C ASP A 649 19.50 1.20 15.32
N ALA A 650 18.53 0.28 15.39
CA ALA A 650 17.16 0.62 15.04
C ALA A 650 16.46 1.32 16.20
N SER A 651 17.10 2.34 16.75
CA SER A 651 16.49 3.23 17.72
C SER A 651 16.55 4.68 17.29
N CYS A 652 17.58 5.08 16.54
CA CYS A 652 17.63 6.39 15.92
C CYS A 652 16.97 6.35 14.54
N HIS A 653 15.75 5.85 14.54
CA HIS A 653 14.94 5.80 13.33
C HIS A 653 13.65 6.59 13.47
N GLY A 654 12.95 6.45 14.60
CA GLY A 654 11.84 7.36 14.88
C GLY A 654 12.33 8.78 15.10
N HIS A 655 13.46 8.93 15.78
CA HIS A 655 14.03 10.25 16.02
C HIS A 655 14.40 10.93 14.71
N ALA A 656 14.92 10.17 13.75
CA ALA A 656 15.24 10.73 12.45
C ALA A 656 13.99 11.27 11.77
N TYR A 657 12.89 10.51 11.81
CA TYR A 657 11.64 10.97 11.21
C TYR A 657 11.12 12.22 11.90
N ARG A 658 11.18 12.25 13.24
CA ARG A 658 10.72 13.43 13.97
C ARG A 658 11.56 14.65 13.62
N LEU A 659 12.88 14.49 13.55
CA LEU A 659 13.76 15.60 13.20
C LEU A 659 13.49 16.08 11.78
N GLN A 660 13.28 15.15 10.86
CA GLN A 660 12.97 15.53 9.48
C GLN A 660 11.66 16.30 9.40
N SER A 661 10.64 15.86 10.14
CA SER A 661 9.35 16.54 10.11
C SER A 661 9.43 17.91 10.77
N ALA A 662 10.20 18.03 11.85
CA ALA A 662 10.25 19.27 12.62
C ALA A 662 11.12 20.34 11.97
N ILE A 663 11.88 19.98 10.93
CA ILE A 663 12.73 20.95 10.25
C ILE A 663 11.91 21.61 9.15
N LYS A 664 10.82 20.95 8.75
CA LYS A 664 9.95 21.48 7.70
C LYS A 664 8.80 22.30 8.25
N GLN A 665 8.13 21.82 9.30
CA GLN A 665 6.99 22.54 9.83
C GLN A 665 7.37 23.85 10.52
N GLU A 666 8.65 24.08 10.80
CA GLU A 666 9.09 25.33 11.38
C GLU A 666 9.93 26.17 10.41
N LEU A 667 10.25 25.64 9.23
CA LEU A 667 10.92 26.41 8.19
C LEU A 667 9.97 26.83 7.09
N HIS A 668 8.66 26.60 7.27
CA HIS A 668 7.63 26.97 6.29
C HIS A 668 7.91 26.32 4.94
N SER A 669 7.87 24.99 4.94
CA SER A 669 8.09 24.24 3.70
C SER A 669 7.01 24.55 2.66
N ARG A 670 5.76 24.65 3.09
CA ARG A 670 4.67 24.91 2.16
C ARG A 670 4.82 26.29 1.51
N ALA A 671 5.23 27.29 2.30
CA ALA A 671 5.43 28.62 1.75
C ALA A 671 6.57 28.64 0.75
N PHE A 672 7.68 27.98 1.08
CA PHE A 672 8.84 27.96 0.19
C PHE A 672 8.53 27.23 -1.11
N LEU A 673 7.81 26.11 -1.01
CA LEU A 673 7.51 25.30 -2.19
C LEU A 673 6.51 25.97 -3.12
N ALA A 674 5.82 27.01 -2.67
CA ALA A 674 4.77 27.65 -3.45
C ALA A 674 5.18 28.98 -4.08
N ILE A 675 6.40 29.45 -3.83
CA ILE A 675 6.81 30.73 -4.39
C ILE A 675 6.94 30.63 -5.90
N THR A 676 6.50 31.67 -6.59
CA THR A 676 6.59 31.75 -8.05
C THR A 676 7.51 32.86 -8.53
N ARG A 677 7.41 34.05 -7.93
CA ARG A 677 8.27 35.16 -8.31
C ARG A 677 9.71 34.86 -7.89
N SER A 678 10.65 35.06 -8.82
CA SER A 678 12.06 34.88 -8.50
C SER A 678 12.57 35.90 -7.49
N GLU A 679 11.84 36.99 -7.27
CA GLU A 679 12.23 37.99 -6.30
C GLU A 679 11.67 37.74 -4.90
N GLU A 680 10.73 36.80 -4.76
CA GLU A 680 10.21 36.46 -3.44
C GLU A 680 11.28 35.78 -2.58
N LEU A 681 12.35 35.28 -3.21
CA LEU A 681 13.47 34.70 -2.48
C LEU A 681 14.03 35.64 -1.43
N TRP A 682 14.16 36.93 -1.76
CA TRP A 682 14.77 37.86 -0.82
C TRP A 682 13.88 38.08 0.40
N PRO A 683 12.59 38.37 0.28
CA PRO A 683 11.74 38.39 1.48
C PRO A 683 11.71 37.07 2.21
N TRP A 684 11.81 35.96 1.47
CA TRP A 684 11.81 34.64 2.11
C TRP A 684 12.98 34.50 3.08
N MET A 685 14.19 34.79 2.60
CA MET A 685 15.35 34.71 3.49
C MET A 685 15.32 35.80 4.54
N ALA A 686 14.82 36.98 4.21
CA ALA A 686 14.80 38.07 5.18
C ALA A 686 13.70 37.92 6.23
N HIS A 687 12.81 36.95 6.08
CA HIS A 687 11.68 36.80 6.99
C HIS A 687 11.79 35.59 7.90
N VAL A 688 12.17 34.43 7.38
CA VAL A 688 12.16 33.19 8.14
C VAL A 688 13.56 32.61 8.32
N LEU A 689 14.40 32.69 7.29
CA LEU A 689 15.70 32.02 7.34
C LEU A 689 16.60 32.67 8.40
N LEU A 690 16.70 34.00 8.38
CA LEU A 690 17.54 34.67 9.36
C LEU A 690 17.06 34.49 10.79
N PRO A 691 15.77 34.66 11.12
CA PRO A 691 15.34 34.39 12.51
C PRO A 691 15.52 32.94 12.93
N TYR A 692 15.61 32.01 11.98
CA TYR A 692 15.84 30.61 12.33
C TYR A 692 17.31 30.30 12.55
N VAL A 693 18.18 30.82 11.69
CA VAL A 693 19.62 30.54 11.81
C VAL A 693 20.18 31.26 13.04
N HIS A 694 19.82 32.52 13.22
CA HIS A 694 20.29 33.30 14.35
C HIS A 694 19.14 33.55 15.33
N GLY A 695 19.45 33.46 16.61
CA GLY A 695 18.46 33.71 17.64
C GLY A 695 19.13 33.85 19.00
N ASN A 696 18.33 33.61 20.04
CA ASN A 696 18.88 33.63 21.40
C ASN A 696 19.65 32.34 21.68
N GLN A 697 18.93 31.23 21.57
CA GLN A 697 19.46 29.89 21.73
C GLN A 697 18.43 29.06 20.98
N SER A 698 18.15 29.47 19.74
CA SER A 698 17.12 28.84 18.93
C SER A 698 17.49 27.81 17.85
N SER A 699 17.75 26.58 18.28
CA SER A 699 17.98 25.47 17.36
C SER A 699 19.42 25.39 16.87
N PRO A 700 20.34 24.86 17.69
CA PRO A 700 21.78 24.94 17.37
C PRO A 700 22.10 24.59 15.92
N GLU A 701 23.18 25.21 15.42
CA GLU A 701 23.42 25.34 14.00
C GLU A 701 24.54 24.45 13.47
N LEU A 702 25.75 24.58 14.00
CA LEU A 702 26.92 23.81 13.56
C LEU A 702 27.25 24.14 12.08
N GLY A 703 27.61 25.40 11.84
CA GLY A 703 28.13 25.81 10.56
C GLY A 703 27.26 26.81 9.83
N PRO A 704 27.87 27.86 9.29
CA PRO A 704 27.10 28.90 8.59
C PRO A 704 26.61 28.41 7.24
N PRO A 705 25.55 29.04 6.69
CA PRO A 705 25.02 28.60 5.40
C PRO A 705 25.84 29.05 4.21
N ARG A 706 25.39 28.72 3.00
CA ARG A 706 26.10 29.06 1.77
C ARG A 706 25.09 29.24 0.65
N LEU A 707 25.48 29.99 -0.38
CA LEU A 707 24.59 30.37 -1.46
C LEU A 707 25.27 30.21 -2.83
N ARG A 708 25.85 29.05 -3.09
CA ARG A 708 26.54 28.83 -4.36
C ARG A 708 25.58 28.90 -5.53
N GLN A 709 26.03 29.52 -6.62
CA GLN A 709 25.16 29.83 -7.76
C GLN A 709 25.84 29.41 -9.06
N VAL A 710 25.02 29.01 -10.03
CA VAL A 710 25.47 28.64 -11.38
C VAL A 710 24.89 29.64 -12.36
N ARG A 711 25.74 30.17 -13.25
CA ARG A 711 25.32 31.28 -14.09
C ARG A 711 24.67 30.83 -15.39
N LEU A 712 25.22 29.82 -16.05
CA LEU A 712 24.79 29.21 -17.31
C LEU A 712 25.20 30.02 -18.56
N GLN A 713 25.70 31.25 -18.41
CA GLN A 713 26.46 31.95 -19.48
C GLN A 713 25.65 32.17 -20.77
N GLU A 714 24.39 31.74 -20.80
CA GLU A 714 23.60 31.69 -22.03
C GLU A 714 22.26 32.37 -21.82
N ALA A 715 22.30 33.63 -21.37
CA ALA A 715 21.14 34.38 -20.90
C ALA A 715 19.87 34.06 -21.66
N LEU A 716 18.81 33.76 -20.91
CA LEU A 716 17.60 33.17 -21.44
C LEU A 716 16.62 34.25 -21.91
N TYR A 717 15.82 33.89 -22.91
CA TYR A 717 14.76 34.74 -23.43
C TYR A 717 13.40 34.17 -23.03
N PRO A 718 12.57 34.93 -22.32
CA PRO A 718 11.38 34.34 -21.70
C PRO A 718 10.22 34.14 -22.65
N ASP A 719 9.08 33.72 -22.10
CA ASP A 719 7.84 33.46 -22.80
C ASP A 719 6.74 34.33 -22.20
N PRO A 720 5.74 34.71 -22.98
CA PRO A 720 4.60 35.48 -22.44
C PRO A 720 3.91 34.72 -21.34
N PRO A 721 3.36 35.42 -20.34
CA PRO A 721 2.83 34.75 -19.14
C PRO A 721 1.58 33.94 -19.41
N GLY A 722 1.05 33.33 -18.35
CA GLY A 722 -0.10 32.45 -18.45
C GLY A 722 0.18 31.11 -17.81
N PRO A 723 -0.25 30.03 -18.47
CA PRO A 723 0.09 28.69 -17.98
C PRO A 723 1.59 28.45 -18.06
N ARG A 724 2.10 27.66 -17.12
CA ARG A 724 3.51 27.30 -17.11
C ARG A 724 3.86 26.55 -18.40
N VAL A 725 4.94 26.97 -19.07
CA VAL A 725 5.29 26.41 -20.37
C VAL A 725 5.78 24.98 -20.18
N HIS A 726 4.91 24.01 -20.51
CA HIS A 726 5.16 22.59 -20.33
C HIS A 726 5.91 22.29 -19.04
N THR A 727 7.15 21.81 -19.14
CA THR A 727 7.93 21.57 -17.94
C THR A 727 9.17 22.46 -17.88
N CYS A 728 10.05 22.35 -18.88
CA CYS A 728 11.29 23.11 -18.90
C CYS A 728 12.02 22.94 -20.24
N SER A 729 12.55 24.02 -20.79
CA SER A 729 13.31 23.94 -22.04
C SER A 729 14.18 25.20 -22.16
N ALA A 730 14.79 25.39 -23.32
CA ALA A 730 15.57 26.58 -23.65
C ALA A 730 16.73 26.78 -22.67
N ALA A 731 17.68 25.85 -22.72
CA ALA A 731 18.86 25.91 -21.87
C ALA A 731 20.10 25.64 -22.71
N GLY A 732 21.25 26.15 -22.24
CA GLY A 732 22.50 25.98 -22.96
C GLY A 732 23.64 25.47 -22.12
N GLY A 733 24.77 26.15 -22.14
CA GLY A 733 25.96 25.75 -21.41
C GLY A 733 26.00 26.30 -20.01
N PHE A 734 27.21 26.36 -19.45
CA PHE A 734 27.41 26.88 -18.10
C PHE A 734 28.64 27.77 -18.06
N SER A 735 28.58 28.82 -17.25
CA SER A 735 29.71 29.73 -17.12
C SER A 735 30.80 29.11 -16.25
N THR A 736 32.05 29.52 -16.52
CA THR A 736 33.20 28.98 -15.80
C THR A 736 34.23 30.03 -15.43
N SER A 737 33.96 31.32 -15.66
CA SER A 737 34.99 32.33 -15.47
C SER A 737 34.74 33.21 -14.25
N ASP A 738 35.61 34.20 -14.05
CA ASP A 738 35.56 35.09 -12.89
C ASP A 738 34.96 36.44 -13.29
N TYR A 739 34.34 37.09 -12.31
CA TYR A 739 33.71 38.39 -12.53
C TYR A 739 33.86 39.24 -11.27
N ASP A 740 34.01 40.54 -11.47
CA ASP A 740 34.21 41.46 -10.36
C ASP A 740 32.85 41.83 -9.73
N VAL A 741 32.89 42.83 -8.85
CA VAL A 741 31.67 43.31 -8.21
C VAL A 741 30.71 43.82 -9.28
N GLY A 742 29.43 43.51 -9.11
CA GLY A 742 28.45 43.76 -10.16
C GLY A 742 28.44 42.57 -11.11
N TRP A 743 29.10 42.70 -12.24
CA TRP A 743 29.34 41.57 -13.12
C TRP A 743 30.65 41.82 -13.86
N GLU A 744 30.86 41.10 -14.97
CA GLU A 744 32.18 40.95 -15.59
C GLU A 744 32.94 42.25 -15.75
N SER A 745 34.05 42.38 -15.01
CA SER A 745 35.05 43.41 -15.19
C SER A 745 36.32 43.07 -14.40
N PRO A 746 37.01 41.97 -14.72
CA PRO A 746 38.16 41.57 -13.91
C PRO A 746 39.34 42.52 -14.09
N HIS A 747 39.66 43.29 -13.05
CA HIS A 747 40.64 44.36 -13.16
C HIS A 747 42.05 43.93 -12.72
N ASN A 748 42.21 43.56 -11.45
CA ASN A 748 43.56 43.35 -10.92
C ASN A 748 43.99 41.89 -10.98
N GLY A 749 43.28 41.02 -10.28
CA GLY A 749 43.62 39.61 -10.28
C GLY A 749 42.48 38.73 -10.72
N SER A 750 41.90 37.99 -9.77
CA SER A 750 40.71 37.20 -10.02
C SER A 750 39.47 38.01 -9.65
N GLY A 751 38.35 37.65 -10.27
CA GLY A 751 37.09 38.31 -9.98
C GLY A 751 36.70 38.19 -8.52
N THR A 752 36.11 39.25 -7.96
CA THR A 752 35.71 39.24 -6.56
C THR A 752 34.61 38.21 -6.33
N TRP A 753 33.99 37.74 -7.41
CA TRP A 753 33.03 36.64 -7.37
C TRP A 753 33.66 35.51 -8.17
N ALA A 754 34.51 34.72 -7.51
CA ALA A 754 35.26 33.66 -8.18
C ALA A 754 34.37 32.47 -8.48
N TYR A 755 34.87 31.54 -9.29
CA TYR A 755 34.09 30.39 -9.71
C TYR A 755 33.94 29.35 -8.60
N SER A 756 34.98 29.14 -7.80
CA SER A 756 34.97 28.13 -6.72
C SER A 756 34.66 26.75 -7.29
N ALA A 757 35.63 26.25 -8.07
CA ALA A 757 35.58 24.97 -8.77
C ALA A 757 35.04 23.86 -7.88
N PRO A 758 34.30 22.90 -8.45
CA PRO A 758 33.64 21.89 -7.62
C PRO A 758 34.62 21.03 -6.83
N ASP A 759 34.17 20.59 -5.67
CA ASP A 759 34.98 19.71 -4.83
C ASP A 759 35.12 18.35 -5.49
N LEU A 760 36.18 17.63 -5.10
CA LEU A 760 36.46 16.33 -5.70
C LEU A 760 35.32 15.35 -5.45
N LEU A 761 34.82 15.33 -4.22
CA LEU A 761 33.73 14.43 -3.87
C LEU A 761 32.62 15.12 -3.10
N GLY A 762 31.38 14.89 -3.53
CA GLY A 762 30.22 15.47 -2.87
C GLY A 762 29.47 16.49 -3.72
N ALA A 763 28.67 15.99 -4.65
CA ALA A 763 27.89 16.84 -5.54
C ALA A 763 26.72 16.10 -6.17
N TRP A 764 26.41 16.45 -7.42
CA TRP A 764 25.33 15.84 -8.18
C TRP A 764 23.98 15.86 -7.48
N SER A 765 23.36 17.04 -7.46
CA SER A 765 22.06 17.22 -6.81
C SER A 765 20.91 16.67 -7.64
N TRP A 766 21.13 16.52 -8.95
CA TRP A 766 20.12 15.99 -9.88
C TRP A 766 18.79 16.73 -9.80
N GLY A 767 18.77 17.97 -10.29
CA GLY A 767 17.59 18.80 -10.29
C GLY A 767 16.43 18.37 -11.17
N SER A 768 15.30 19.04 -11.01
CA SER A 768 14.09 18.74 -11.78
C SER A 768 14.41 18.17 -13.15
N CYS A 769 15.07 18.96 -14.00
CA CYS A 769 15.46 18.53 -15.34
C CYS A 769 16.87 19.00 -15.66
N ALA A 770 17.77 18.87 -14.70
CA ALA A 770 19.18 19.19 -14.90
C ALA A 770 19.98 18.46 -13.82
N VAL A 771 21.26 18.28 -14.08
CA VAL A 771 22.17 17.63 -13.14
C VAL A 771 23.33 18.59 -12.89
N TYR A 772 23.51 18.98 -11.64
CA TYR A 772 24.51 19.96 -11.26
C TYR A 772 25.64 19.28 -10.49
N ASP A 773 26.56 20.09 -9.98
CA ASP A 773 27.68 19.60 -9.17
C ASP A 773 27.88 20.59 -8.03
N SER A 774 29.02 20.45 -7.33
CA SER A 774 29.32 21.28 -6.18
C SER A 774 29.96 22.60 -6.54
N GLY A 775 30.19 22.87 -7.83
CA GLY A 775 30.79 24.10 -8.26
C GLY A 775 29.79 25.22 -8.41
N GLY A 776 30.30 26.45 -8.42
CA GLY A 776 29.46 27.62 -8.58
C GLY A 776 29.89 28.79 -7.71
N TYR A 777 29.37 29.98 -8.01
CA TYR A 777 29.77 31.18 -7.30
C TYR A 777 29.11 31.20 -5.92
N VAL A 778 29.92 31.17 -4.87
CA VAL A 778 29.46 30.96 -3.52
C VAL A 778 29.26 32.29 -2.81
N GLN A 779 28.46 32.26 -1.74
CA GLN A 779 28.26 33.40 -0.86
C GLN A 779 28.18 32.90 0.56
N GLU A 780 29.12 33.35 1.40
CA GLU A 780 29.21 32.85 2.77
C GLU A 780 28.13 33.39 3.70
N LEU A 781 27.46 34.47 3.31
CA LEU A 781 26.32 35.05 4.02
C LEU A 781 26.71 35.64 5.37
N GLY A 782 27.97 35.54 5.77
CA GLY A 782 28.41 36.10 7.03
C GLY A 782 28.13 35.21 8.22
N LEU A 783 28.33 35.79 9.40
CA LEU A 783 28.16 35.08 10.66
C LEU A 783 27.03 35.64 11.52
N SER A 784 27.01 36.96 11.75
CA SER A 784 26.00 37.59 12.57
C SER A 784 24.80 38.01 11.73
N LEU A 785 23.68 38.26 12.40
CA LEU A 785 22.45 38.62 11.70
C LEU A 785 22.60 39.95 10.97
N GLU A 786 23.19 40.94 11.63
CA GLU A 786 23.30 42.27 11.03
C GLU A 786 24.20 42.24 9.80
N GLU A 787 25.38 41.63 9.90
CA GLU A 787 26.25 41.50 8.75
C GLU A 787 25.64 40.61 7.67
N SER A 788 24.83 39.64 8.07
CA SER A 788 24.09 38.85 7.09
C SER A 788 23.15 39.74 6.29
N ARG A 789 22.43 40.64 6.96
CA ARG A 789 21.58 41.59 6.26
C ARG A 789 22.41 42.50 5.36
N ASP A 790 23.59 42.92 5.83
CA ASP A 790 24.47 43.76 5.03
C ASP A 790 24.85 43.07 3.73
N ARG A 791 25.33 41.83 3.82
CA ARG A 791 25.69 41.09 2.61
C ARG A 791 24.48 40.87 1.72
N LEU A 792 23.33 40.55 2.32
CA LEU A 792 22.13 40.29 1.54
C LEU A 792 21.74 41.51 0.72
N ARG A 793 21.67 42.68 1.37
CA ARG A 793 21.28 43.89 0.66
C ARG A 793 22.35 44.30 -0.36
N PHE A 794 23.63 44.10 -0.02
CA PHE A 794 24.71 44.45 -0.93
C PHE A 794 24.58 43.68 -2.24
N LEU A 795 24.44 42.35 -2.15
CA LEU A 795 24.29 41.58 -3.37
C LEU A 795 22.90 41.72 -3.98
N GLN A 796 21.92 42.19 -3.21
CA GLN A 796 20.60 42.47 -3.77
C GLN A 796 20.65 43.66 -4.72
N LEU A 797 21.28 44.76 -4.29
CA LEU A 797 21.28 45.96 -5.12
C LEU A 797 22.24 45.86 -6.29
N HIS A 798 23.33 45.10 -6.15
CA HIS A 798 24.35 45.00 -7.20
C HIS A 798 24.01 43.97 -8.28
N ASN A 799 22.75 43.52 -8.36
CA ASN A 799 22.32 42.59 -9.40
C ASN A 799 23.12 41.29 -9.37
N TRP A 800 23.15 40.67 -8.18
CA TRP A 800 23.78 39.36 -8.07
C TRP A 800 22.89 38.26 -8.64
N LEU A 801 21.58 38.36 -8.42
CA LEU A 801 20.61 37.38 -8.92
C LEU A 801 19.47 38.11 -9.61
N ASP A 802 19.70 38.51 -10.87
CA ASP A 802 18.65 38.85 -11.80
C ASP A 802 18.94 38.36 -13.22
N ASN A 803 20.12 37.80 -13.46
CA ASN A 803 20.55 37.40 -14.79
C ASN A 803 20.08 35.99 -15.13
N ARG A 804 20.71 35.41 -16.15
CA ARG A 804 20.48 34.03 -16.56
C ARG A 804 20.31 33.07 -15.39
N SER A 805 21.35 32.91 -14.56
CA SER A 805 21.20 32.49 -13.15
C SER A 805 20.33 31.25 -12.98
N ARG A 806 20.85 30.12 -13.46
CA ARG A 806 20.08 28.87 -13.49
C ARG A 806 19.52 28.51 -12.11
N ALA A 807 20.37 28.45 -11.09
CA ALA A 807 19.97 27.92 -9.80
C ALA A 807 20.48 28.80 -8.66
N VAL A 808 20.04 28.49 -7.44
CA VAL A 808 20.35 29.27 -6.25
C VAL A 808 21.05 28.42 -5.19
N PHE A 809 20.56 27.20 -4.93
CA PHE A 809 21.25 26.21 -4.11
C PHE A 809 21.56 26.73 -2.70
N LEU A 810 20.49 26.97 -1.94
CA LEU A 810 20.63 27.26 -0.53
C LEU A 810 20.66 25.97 0.28
N GLU A 811 21.67 25.83 1.13
CA GLU A 811 21.86 24.60 1.90
C GLU A 811 22.77 24.90 3.08
N LEU A 812 22.33 24.57 4.29
CA LEU A 812 23.22 24.86 5.41
C LEU A 812 23.66 23.69 6.28
N THR A 813 22.80 23.21 7.19
CA THR A 813 23.12 22.13 8.13
C THR A 813 22.03 21.98 9.18
N ARG A 814 22.17 21.01 10.07
CA ARG A 814 21.41 21.00 11.32
C ARG A 814 21.99 19.97 12.27
N TYR A 815 22.06 20.30 13.57
CA TYR A 815 22.51 19.34 14.57
C TYR A 815 21.43 19.12 15.62
N SER A 816 21.47 17.94 16.26
CA SER A 816 20.55 17.64 17.35
C SER A 816 21.28 16.75 18.35
N PRO A 817 21.74 17.33 19.46
CA PRO A 817 22.47 16.54 20.46
C PRO A 817 21.58 15.74 21.39
N ALA A 818 20.30 16.09 21.50
CA ALA A 818 19.40 15.32 22.35
C ALA A 818 19.27 13.89 21.86
N VAL A 819 19.17 13.71 20.53
CA VAL A 819 19.15 12.39 19.94
C VAL A 819 20.47 12.03 19.27
N GLY A 820 21.36 13.00 19.05
CA GLY A 820 22.64 12.73 18.44
C GLY A 820 22.65 12.58 16.94
N LEU A 821 21.83 13.35 16.23
CA LEU A 821 21.71 13.20 14.78
C LEU A 821 22.03 14.51 14.07
N HIS A 822 22.66 14.39 12.91
CA HIS A 822 22.87 15.52 12.03
C HIS A 822 21.85 15.49 10.91
N ALA A 823 21.73 16.62 10.21
CA ALA A 823 20.77 16.72 9.11
C ALA A 823 21.35 17.62 8.04
N ALA A 824 21.32 17.14 6.80
CA ALA A 824 21.73 17.94 5.66
C ALA A 824 20.48 18.53 5.02
N VAL A 825 20.40 19.86 5.00
CA VAL A 825 19.25 20.58 4.48
C VAL A 825 19.67 21.29 3.20
N THR A 826 18.85 21.18 2.16
CA THR A 826 19.15 21.82 0.88
C THR A 826 17.87 22.37 0.29
N LEU A 827 17.86 23.66 -0.02
CA LEU A 827 16.75 24.33 -0.65
C LEU A 827 17.19 24.82 -2.02
N ARG A 828 16.39 24.53 -3.05
CA ARG A 828 16.81 24.82 -4.42
C ARG A 828 15.64 25.38 -5.21
N LEU A 829 15.93 26.43 -5.99
CA LEU A 829 15.01 26.96 -6.99
C LEU A 829 15.65 26.79 -8.36
N GLU A 830 14.86 26.29 -9.31
CA GLU A 830 15.30 26.19 -10.70
C GLU A 830 14.47 27.12 -11.55
N PHE A 831 15.14 27.77 -12.51
CA PHE A 831 14.49 28.71 -13.41
C PHE A 831 14.38 28.06 -14.79
N PRO A 832 13.25 27.43 -15.13
CA PRO A 832 13.11 26.89 -16.50
C PRO A 832 13.15 27.99 -17.54
N ALA A 833 12.36 29.04 -17.35
CA ALA A 833 12.43 30.24 -18.16
C ALA A 833 12.40 31.45 -17.23
N ALA A 834 13.09 32.51 -17.64
CA ALA A 834 13.17 33.71 -16.81
C ALA A 834 11.79 34.26 -16.52
N GLY A 835 11.53 34.53 -15.24
CA GLY A 835 10.23 35.04 -14.84
C GLY A 835 9.60 34.27 -13.71
N ARG A 836 9.82 32.96 -13.66
CA ARG A 836 9.23 32.10 -12.65
C ARG A 836 10.20 30.96 -12.32
N ALA A 837 10.01 30.38 -11.13
CA ALA A 837 10.89 29.34 -10.63
C ALA A 837 10.06 28.20 -10.06
N LEU A 838 10.68 27.03 -9.96
CA LEU A 838 10.11 25.90 -9.24
C LEU A 838 11.04 25.52 -8.09
N ALA A 839 10.43 25.19 -6.95
CA ALA A 839 11.16 24.97 -5.71
C ALA A 839 11.23 23.49 -5.36
N ALA A 840 12.26 23.13 -4.62
CA ALA A 840 12.41 21.76 -4.12
C ALA A 840 13.37 21.78 -2.94
N LEU A 841 13.00 21.08 -1.87
CA LEU A 841 13.80 21.01 -0.67
C LEU A 841 14.01 19.57 -0.25
N SER A 842 15.18 19.32 0.34
CA SER A 842 15.53 17.98 0.79
C SER A 842 16.19 18.07 2.15
N VAL A 843 15.68 17.29 3.10
CA VAL A 843 16.22 17.23 4.45
C VAL A 843 16.59 15.78 4.73
N ARG A 844 17.88 15.48 4.77
CA ARG A 844 18.36 14.12 4.98
C ARG A 844 18.92 14.00 6.39
N PRO A 845 18.25 13.30 7.30
CA PRO A 845 18.82 13.09 8.64
C PRO A 845 19.68 11.86 8.71
N PHE A 846 20.89 11.98 9.27
CA PHE A 846 21.80 10.87 9.40
C PHE A 846 22.48 10.93 10.77
N ALA A 847 23.32 9.94 11.04
CA ALA A 847 24.11 9.89 12.24
C ALA A 847 25.58 9.85 11.84
N LEU A 848 26.34 10.83 12.30
CA LEU A 848 27.75 10.92 11.94
C LEU A 848 28.54 9.96 12.83
N ARG A 849 28.72 8.74 12.35
CA ARG A 849 29.57 7.76 12.99
C ARG A 849 30.80 7.56 12.12
N ARG A 850 31.98 7.64 12.74
CA ARG A 850 33.22 7.83 12.02
C ARG A 850 34.13 6.62 12.17
N LEU A 851 34.95 6.40 11.13
CA LEU A 851 35.82 5.23 11.09
C LEU A 851 36.90 5.27 12.16
N SER A 852 37.34 6.48 12.56
CA SER A 852 38.39 6.64 13.54
C SER A 852 37.87 6.61 14.98
N ALA A 853 36.69 6.03 15.20
CA ALA A 853 36.09 5.96 16.53
C ALA A 853 36.30 4.61 17.20
N GLY A 854 37.07 3.72 16.60
CA GLY A 854 37.37 2.43 17.21
C GLY A 854 36.83 1.24 16.44
N LEU A 855 36.10 0.38 17.13
CA LEU A 855 35.57 -0.86 16.55
C LEU A 855 34.07 -0.93 16.76
N SER A 856 33.38 0.15 16.41
CA SER A 856 31.93 0.21 16.58
C SER A 856 31.24 -0.85 15.73
N LEU A 857 29.94 -1.03 15.99
CA LEU A 857 29.14 -2.03 15.28
C LEU A 857 29.16 -1.91 13.76
N PRO A 858 29.04 -0.72 13.16
CA PRO A 858 29.04 -0.65 11.69
C PRO A 858 30.33 -1.10 11.04
N LEU A 859 31.43 -1.21 11.78
CA LEU A 859 32.66 -1.78 11.26
C LEU A 859 32.78 -3.28 11.52
N LEU A 860 32.36 -3.72 12.71
CA LEU A 860 32.35 -5.15 13.02
C LEU A 860 31.45 -5.91 12.06
N THR A 861 30.21 -5.43 11.89
CA THR A 861 29.35 -6.04 10.89
C THR A 861 29.52 -5.33 9.55
N SER A 862 30.79 -5.07 9.19
CA SER A 862 31.16 -4.77 7.82
C SER A 862 32.45 -5.46 7.42
N VAL A 863 33.25 -5.94 8.38
CA VAL A 863 34.35 -6.86 8.07
C VAL A 863 33.90 -8.31 8.17
N CYS A 864 32.84 -8.60 8.92
CA CYS A 864 32.28 -9.95 8.92
C CYS A 864 31.50 -10.23 7.65
N LEU A 865 30.75 -9.25 7.15
CA LEU A 865 30.07 -9.41 5.88
C LEU A 865 31.04 -9.57 4.72
N LEU A 866 32.23 -8.99 4.82
CA LEU A 866 33.24 -9.15 3.79
C LEU A 866 33.85 -10.54 3.78
N LEU A 867 33.82 -11.25 4.90
CA LEU A 867 34.24 -12.65 4.94
C LEU A 867 33.20 -13.60 4.38
N PHE A 868 31.92 -13.28 4.54
CA PHE A 868 30.87 -14.06 3.90
C PHE A 868 30.82 -13.87 2.39
N ALA A 869 31.43 -12.81 1.88
CA ALA A 869 31.53 -12.58 0.45
C ALA A 869 32.80 -13.20 -0.14
N VAL A 870 33.62 -13.83 0.69
CA VAL A 870 34.77 -14.59 0.24
C VAL A 870 34.55 -16.09 0.35
N HIS A 871 33.98 -16.53 1.48
CA HIS A 871 33.59 -17.93 1.62
C HIS A 871 32.54 -18.33 0.58
N PHE A 872 31.71 -17.39 0.15
CA PHE A 872 30.74 -17.64 -0.91
C PHE A 872 31.33 -17.52 -2.30
N ALA A 873 32.54 -16.98 -2.43
CA ALA A 873 33.20 -16.88 -3.72
C ALA A 873 34.08 -18.09 -3.99
N VAL A 874 34.87 -18.51 -2.99
CA VAL A 874 35.69 -19.71 -3.15
C VAL A 874 34.82 -20.95 -3.32
N ALA A 875 33.66 -20.97 -2.66
CA ALA A 875 32.72 -22.07 -2.81
C ALA A 875 32.11 -22.11 -4.22
N GLU A 876 32.25 -21.04 -4.98
CA GLU A 876 31.88 -21.05 -6.39
C GLU A 876 33.02 -21.43 -7.32
N ALA A 877 34.26 -21.06 -6.97
CA ALA A 877 35.41 -21.51 -7.74
C ALA A 877 35.59 -23.02 -7.62
N ARG A 878 35.35 -23.56 -6.42
CA ARG A 878 35.48 -25.00 -6.20
C ARG A 878 34.45 -25.81 -6.98
N THR A 879 33.40 -25.18 -7.50
CA THR A 879 32.45 -25.82 -8.39
C THR A 879 32.70 -25.49 -9.85
N TRP A 880 33.17 -24.28 -10.13
CA TRP A 880 33.58 -23.92 -11.48
C TRP A 880 34.67 -24.85 -11.98
N HIS A 881 35.69 -25.08 -11.15
CA HIS A 881 36.78 -25.98 -11.53
C HIS A 881 36.31 -27.42 -11.62
N ARG A 882 35.51 -27.86 -10.64
CA ARG A 882 35.11 -29.26 -10.58
C ARG A 882 34.23 -29.62 -11.77
N GLU A 883 33.19 -28.81 -12.03
CA GLU A 883 32.35 -29.03 -13.20
C GLU A 883 33.04 -28.62 -14.50
N GLY A 884 34.17 -27.94 -14.42
CA GLY A 884 34.87 -27.55 -15.63
C GLY A 884 34.11 -26.50 -16.41
N ARG A 885 34.29 -26.53 -17.72
CA ARG A 885 33.68 -25.54 -18.60
C ARG A 885 32.17 -25.77 -18.68
N TRP A 886 31.48 -24.76 -19.21
CA TRP A 886 30.04 -24.81 -19.50
C TRP A 886 29.23 -25.05 -18.23
N ARG A 887 29.50 -24.23 -17.22
CA ARG A 887 28.60 -24.09 -16.09
C ARG A 887 27.61 -22.95 -16.29
N VAL A 888 27.87 -22.07 -17.26
CA VAL A 888 26.99 -20.93 -17.52
C VAL A 888 25.64 -21.44 -18.03
N LEU A 889 24.65 -20.54 -18.02
CA LEU A 889 23.29 -20.82 -18.50
C LEU A 889 22.54 -21.73 -17.53
N ARG A 890 22.76 -21.51 -16.23
CA ARG A 890 21.98 -22.17 -15.19
C ARG A 890 21.79 -21.20 -14.04
N LEU A 891 20.68 -21.37 -13.30
CA LEU A 891 20.35 -20.44 -12.22
C LEU A 891 21.38 -20.51 -11.10
N GLY A 892 21.84 -21.72 -10.77
CA GLY A 892 22.77 -21.90 -9.67
C GLY A 892 24.11 -21.20 -9.85
N ALA A 893 24.53 -20.98 -11.10
CA ALA A 893 25.79 -20.28 -11.38
C ALA A 893 25.59 -18.79 -11.61
N TRP A 894 24.35 -18.30 -11.48
CA TRP A 894 24.07 -16.88 -11.60
C TRP A 894 23.43 -16.31 -10.34
N ALA A 895 22.50 -17.05 -9.73
CA ALA A 895 21.84 -16.58 -8.52
C ALA A 895 22.77 -16.54 -7.31
N ARG A 896 23.94 -17.17 -7.38
CA ARG A 896 24.93 -17.09 -6.32
C ARG A 896 25.98 -16.03 -6.56
N TRP A 897 26.23 -15.65 -7.81
CA TRP A 897 27.11 -14.53 -8.09
C TRP A 897 26.46 -13.19 -7.78
N LEU A 898 25.13 -13.10 -7.86
CA LEU A 898 24.43 -11.91 -7.42
C LEU A 898 24.62 -11.69 -5.92
N LEU A 899 24.58 -12.77 -5.14
CA LEU A 899 24.77 -12.67 -3.71
C LEU A 899 26.14 -12.12 -3.36
N VAL A 900 27.20 -12.55 -4.04
CA VAL A 900 28.53 -12.01 -3.82
C VAL A 900 28.59 -10.53 -4.18
N ALA A 901 28.04 -10.16 -5.34
CA ALA A 901 28.06 -8.79 -5.81
C ALA A 901 27.17 -7.87 -4.98
N LEU A 902 26.28 -8.43 -4.15
CA LEU A 902 25.50 -7.64 -3.20
C LEU A 902 26.15 -7.55 -1.84
N THR A 903 26.69 -8.65 -1.32
CA THR A 903 27.38 -8.61 -0.04
C THR A 903 28.62 -7.73 -0.12
N ALA A 904 29.39 -7.83 -1.21
CA ALA A 904 30.56 -6.98 -1.36
C ALA A 904 30.20 -5.50 -1.40
N ALA A 905 29.15 -5.13 -2.14
CA ALA A 905 28.70 -3.75 -2.16
C ALA A 905 28.21 -3.26 -0.81
N THR A 906 27.44 -4.08 -0.09
CA THR A 906 26.98 -3.70 1.24
C THR A 906 28.16 -3.50 2.18
N ALA A 907 29.19 -4.33 2.08
CA ALA A 907 30.34 -4.17 2.93
C ALA A 907 31.18 -2.94 2.55
N LEU A 908 31.32 -2.67 1.25
CA LEU A 908 32.25 -1.65 0.77
C LEU A 908 31.63 -0.26 0.69
N VAL A 909 30.31 -0.13 0.84
CA VAL A 909 29.68 1.18 0.88
C VAL A 909 29.75 1.78 2.28
N ARG A 910 29.50 0.96 3.31
CA ARG A 910 29.59 1.44 4.68
C ARG A 910 31.00 1.91 5.03
N LEU A 911 32.02 1.20 4.53
CA LEU A 911 33.39 1.62 4.77
C LEU A 911 33.69 2.97 4.14
N ALA A 912 33.21 3.18 2.91
CA ALA A 912 33.39 4.46 2.25
C ALA A 912 32.70 5.57 3.03
N GLN A 913 31.48 5.29 3.53
CA GLN A 913 30.79 6.27 4.34
C GLN A 913 31.56 6.61 5.60
N LEU A 914 32.12 5.58 6.27
CA LEU A 914 32.90 5.82 7.47
C LEU A 914 34.14 6.65 7.19
N GLY A 915 34.82 6.40 6.07
CA GLY A 915 35.98 7.19 5.71
C GLY A 915 35.64 8.63 5.38
N ALA A 916 34.54 8.82 4.64
CA ALA A 916 34.08 10.16 4.32
C ALA A 916 33.73 10.93 5.59
N ALA A 917 33.19 10.22 6.60
CA ALA A 917 32.88 10.87 7.86
C ALA A 917 34.13 11.49 8.49
N ASP A 918 35.22 10.71 8.58
CA ASP A 918 36.47 11.24 9.12
C ASP A 918 36.96 12.41 8.28
N ARG A 919 36.96 12.26 6.95
CA ARG A 919 37.55 13.30 6.12
C ARG A 919 36.80 14.61 6.29
N GLN A 920 35.47 14.58 6.15
CA GLN A 920 34.69 15.79 6.30
C GLN A 920 34.77 16.36 7.70
N TRP A 921 34.72 15.51 8.73
CA TRP A 921 34.72 16.04 10.10
C TRP A 921 36.05 16.71 10.42
N THR A 922 37.17 16.12 10.02
CA THR A 922 38.45 16.76 10.28
C THR A 922 38.63 18.02 9.45
N ARG A 923 38.12 18.02 8.20
CA ARG A 923 38.19 19.24 7.40
C ARG A 923 37.37 20.36 8.03
N PHE A 924 36.21 20.03 8.61
CA PHE A 924 35.40 21.04 9.26
C PHE A 924 36.06 21.54 10.54
N VAL A 925 36.54 20.63 11.38
CA VAL A 925 37.17 21.02 12.65
C VAL A 925 38.40 21.86 12.38
N ARG A 926 39.09 21.63 11.26
CA ARG A 926 40.24 22.45 10.90
C ARG A 926 39.84 23.92 10.76
N GLY A 927 38.82 24.19 9.97
CA GLY A 927 38.40 25.55 9.70
C GLY A 927 36.97 25.89 10.07
N ARG A 928 36.51 25.44 11.25
CA ARG A 928 35.10 25.56 11.60
C ARG A 928 34.56 26.99 11.61
N PRO A 929 35.27 28.02 12.13
CA PRO A 929 34.61 29.31 12.31
C PRO A 929 34.20 29.99 11.00
N ARG A 930 34.77 29.59 9.86
CA ARG A 930 34.50 30.29 8.62
C ARG A 930 34.20 29.39 7.42
N ARG A 931 34.05 28.08 7.61
CA ARG A 931 33.88 27.16 6.49
C ARG A 931 32.52 26.49 6.54
N PHE A 932 32.21 25.76 5.48
CA PHE A 932 30.91 25.12 5.30
C PHE A 932 31.01 23.60 5.21
N THR A 933 31.91 23.08 4.38
CA THR A 933 32.33 21.68 4.33
C THR A 933 31.28 20.71 3.80
N SER A 934 30.05 21.17 3.62
CA SER A 934 29.02 20.47 2.82
C SER A 934 28.96 18.98 3.14
N PHE A 935 28.50 18.67 4.35
CA PHE A 935 28.38 17.29 4.81
C PHE A 935 27.46 16.44 3.96
N ASP A 936 26.75 17.03 2.99
CA ASP A 936 25.62 16.36 2.33
C ASP A 936 25.99 15.00 1.78
N GLN A 937 27.20 14.83 1.25
CA GLN A 937 27.54 13.57 0.60
C GLN A 937 27.42 12.40 1.58
N VAL A 938 27.81 12.61 2.83
CA VAL A 938 27.68 11.54 3.82
C VAL A 938 26.23 11.12 3.95
N ALA A 939 25.33 12.11 4.01
CA ALA A 939 23.91 11.86 4.16
C ALA A 939 23.38 11.03 3.00
N GLN A 940 24.10 11.02 1.89
CA GLN A 940 23.76 10.15 0.78
C GLN A 940 24.33 8.74 0.97
N LEU A 941 25.62 8.63 1.27
CA LEU A 941 26.23 7.32 1.43
C LEU A 941 25.59 6.57 2.59
N SER A 942 25.38 7.25 3.71
CA SER A 942 24.74 6.65 4.87
C SER A 942 23.31 6.23 4.57
N SER A 943 22.72 6.70 3.47
CA SER A 943 21.45 6.17 3.00
C SER A 943 21.63 4.99 2.07
N ALA A 944 22.61 5.04 1.16
CA ALA A 944 22.85 3.92 0.26
C ALA A 944 23.22 2.67 1.02
N ALA A 945 24.11 2.81 2.02
CA ALA A 945 24.47 1.68 2.86
C ALA A 945 23.28 1.11 3.61
N ARG A 946 22.21 1.87 3.76
CA ARG A 946 20.98 1.34 4.34
C ARG A 946 20.08 0.68 3.31
N GLY A 947 20.13 1.15 2.06
CA GLY A 947 19.33 0.50 1.03
C GLY A 947 19.80 -0.90 0.70
N LEU A 948 21.12 -1.08 0.63
CA LEU A 948 21.68 -2.39 0.31
C LEU A 948 21.45 -3.37 1.46
N ALA A 949 21.75 -2.95 2.69
CA ALA A 949 21.58 -3.82 3.85
C ALA A 949 20.13 -4.15 4.13
N ALA A 950 19.19 -3.39 3.57
CA ALA A 950 17.77 -3.69 3.70
C ALA A 950 17.24 -4.59 2.59
N SER A 951 18.07 -4.89 1.59
CA SER A 951 17.67 -5.79 0.52
C SER A 951 18.32 -7.17 0.63
N LEU A 952 19.51 -7.26 1.22
CA LEU A 952 20.11 -8.56 1.49
C LEU A 952 19.27 -9.35 2.50
N LEU A 953 18.80 -8.66 3.54
CA LEU A 953 17.88 -9.29 4.49
C LEU A 953 16.61 -9.74 3.80
N PHE A 954 16.15 -8.97 2.80
CA PHE A 954 15.00 -9.38 2.02
C PHE A 954 15.27 -10.70 1.28
N LEU A 955 16.46 -10.84 0.68
CA LEU A 955 16.78 -12.08 -0.01
C LEU A 955 16.85 -13.24 0.97
N LEU A 956 17.44 -13.03 2.14
CA LEU A 956 17.52 -14.10 3.13
C LEU A 956 16.13 -14.51 3.61
N LEU A 957 15.23 -13.53 3.82
CA LEU A 957 13.87 -13.87 4.21
C LEU A 957 13.10 -14.58 3.11
N VAL A 958 13.35 -14.23 1.85
CA VAL A 958 12.72 -14.97 0.75
C VAL A 958 13.21 -16.41 0.71
N LYS A 959 14.52 -16.61 0.90
CA LYS A 959 15.04 -17.97 0.96
C LYS A 959 14.48 -18.75 2.15
N ALA A 960 14.27 -18.07 3.28
CA ALA A 960 13.67 -18.71 4.44
C ALA A 960 12.25 -19.19 4.18
N ALA A 961 11.54 -18.56 3.25
CA ALA A 961 10.21 -19.03 2.86
C ALA A 961 10.29 -20.11 1.79
N GLN A 962 11.26 -19.99 0.88
CA GLN A 962 11.44 -21.02 -0.13
C GLN A 962 11.83 -22.35 0.50
N GLN A 963 12.54 -22.32 1.62
CA GLN A 963 12.96 -23.54 2.30
C GLN A 963 11.87 -24.13 3.18
N LEU A 964 10.60 -23.76 2.96
CA LEU A 964 9.48 -24.37 3.65
C LEU A 964 8.94 -25.58 2.91
N ARG A 965 9.54 -25.95 1.79
CA ARG A 965 9.10 -27.06 0.96
C ARG A 965 9.48 -28.42 1.55
N PHE A 966 10.00 -28.47 2.77
CA PHE A 966 10.44 -29.71 3.37
C PHE A 966 9.36 -30.40 4.20
N VAL A 967 8.19 -29.80 4.31
CA VAL A 967 7.03 -30.45 4.91
C VAL A 967 6.32 -31.25 3.82
N ARG A 968 5.81 -32.42 4.19
CA ARG A 968 5.29 -33.35 3.20
C ARG A 968 4.12 -32.77 2.43
N GLN A 969 3.14 -32.22 3.15
CA GLN A 969 1.91 -31.75 2.51
C GLN A 969 2.01 -30.31 2.02
N TRP A 970 3.13 -29.62 2.24
CA TRP A 970 3.28 -28.24 1.81
C TRP A 970 4.25 -28.07 0.66
N SER A 971 4.87 -29.14 0.18
CA SER A 971 5.85 -29.01 -0.90
C SER A 971 5.20 -28.68 -2.24
N VAL A 972 3.89 -28.83 -2.36
CA VAL A 972 3.22 -28.63 -3.65
C VAL A 972 3.19 -27.15 -4.03
N PHE A 973 3.24 -26.26 -3.04
CA PHE A 973 3.10 -24.83 -3.31
C PHE A 973 4.24 -24.28 -4.14
N GLY A 974 5.47 -24.72 -3.89
CA GLY A 974 6.59 -24.27 -4.68
C GLY A 974 6.56 -24.80 -6.10
N LYS A 975 6.21 -26.08 -6.24
CA LYS A 975 6.18 -26.70 -7.56
C LYS A 975 5.09 -26.09 -8.43
N THR A 976 3.89 -25.91 -7.89
CA THR A 976 2.81 -25.35 -8.68
C THR A 976 3.13 -23.93 -9.11
N LEU A 977 3.95 -23.22 -8.34
CA LEU A 977 4.38 -21.89 -8.75
C LEU A 977 5.47 -21.94 -9.81
N CYS A 978 6.40 -22.89 -9.71
CA CYS A 978 7.51 -22.92 -10.66
C CYS A 978 7.07 -23.43 -12.03
N ARG A 979 6.24 -24.48 -12.06
CA ARG A 979 5.84 -25.04 -13.35
C ARG A 979 4.91 -24.12 -14.12
N ALA A 980 4.02 -23.40 -13.43
CA ALA A 980 3.07 -22.52 -14.08
C ALA A 980 3.66 -21.16 -14.46
N LEU A 981 4.91 -20.91 -14.08
CA LEU A 981 5.53 -19.61 -14.35
C LEU A 981 5.60 -19.26 -15.84
N PRO A 982 6.03 -20.16 -16.74
CA PRO A 982 6.08 -19.78 -18.17
C PRO A 982 4.74 -19.33 -18.74
N GLU A 983 3.64 -19.98 -18.35
CA GLU A 983 2.34 -19.58 -18.87
C GLU A 983 1.94 -18.20 -18.36
N LEU A 984 2.25 -17.91 -17.10
CA LEU A 984 1.96 -16.58 -16.55
C LEU A 984 2.74 -15.51 -17.31
N LEU A 985 4.02 -15.75 -17.56
CA LEU A 985 4.80 -14.77 -18.32
C LEU A 985 4.31 -14.65 -19.75
N GLY A 986 3.92 -15.76 -20.38
CA GLY A 986 3.36 -15.67 -21.72
C GLY A 986 2.09 -14.83 -21.75
N VAL A 987 1.22 -15.02 -20.75
CA VAL A 987 -0.02 -14.26 -20.70
C VAL A 987 0.24 -12.78 -20.49
N THR A 988 1.15 -12.44 -19.56
CA THR A 988 1.42 -11.03 -19.33
C THR A 988 2.12 -10.39 -20.53
N LEU A 989 2.97 -11.14 -21.23
CA LEU A 989 3.59 -10.63 -22.45
C LEU A 989 2.54 -10.38 -23.53
N GLY A 990 1.59 -11.30 -23.68
CA GLY A 990 0.52 -11.08 -24.63
C GLY A 990 -0.30 -9.85 -24.29
N LEU A 991 -0.60 -9.66 -23.01
CA LEU A 991 -1.36 -8.48 -22.60
C LEU A 991 -0.58 -7.20 -22.86
N VAL A 992 0.72 -7.19 -22.57
CA VAL A 992 1.48 -5.96 -22.76
C VAL A 992 1.65 -5.65 -24.25
N VAL A 993 1.87 -6.66 -25.09
CA VAL A 993 1.99 -6.37 -26.52
C VAL A 993 0.64 -5.95 -27.10
N LEU A 994 -0.46 -6.50 -26.57
CA LEU A 994 -1.77 -6.04 -26.98
C LEU A 994 -1.98 -4.58 -26.60
N GLY A 995 -1.55 -4.19 -25.40
CA GLY A 995 -1.62 -2.79 -25.02
C GLY A 995 -0.77 -1.89 -25.88
N VAL A 996 0.43 -2.35 -26.24
CA VAL A 996 1.29 -1.58 -27.13
C VAL A 996 0.63 -1.40 -28.50
N ALA A 997 0.03 -2.47 -29.02
CA ALA A 997 -0.68 -2.36 -30.30
C ALA A 997 -1.87 -1.41 -30.18
N TYR A 998 -2.59 -1.45 -29.07
CA TYR A 998 -3.72 -0.55 -28.87
C TYR A 998 -3.27 0.91 -28.85
N ALA A 999 -2.17 1.18 -28.15
CA ALA A 999 -1.64 2.55 -28.07
C ALA A 999 -0.93 2.98 -29.34
N GLN A 1000 -0.53 2.04 -30.19
CA GLN A 1000 0.13 2.40 -31.45
C GLN A 1000 -0.81 3.16 -32.38
N LEU A 1001 -2.13 2.98 -32.21
CA LEU A 1001 -3.09 3.70 -33.04
C LEU A 1001 -2.97 5.21 -32.86
N ALA A 1002 -2.55 5.66 -31.68
CA ALA A 1002 -2.38 7.09 -31.42
C ALA A 1002 -0.90 7.44 -31.35
N TRP A 1049 -4.23 0.31 -18.55
CA TRP A 1049 -5.66 0.06 -18.45
C TRP A 1049 -5.97 -1.43 -18.48
N ALA A 1050 -5.02 -2.22 -18.99
CA ALA A 1050 -5.18 -3.66 -19.05
C ALA A 1050 -5.14 -4.32 -17.67
N LEU A 1051 -4.68 -3.61 -16.64
CA LEU A 1051 -4.68 -4.17 -15.30
C LEU A 1051 -6.09 -4.50 -14.84
N ARG A 1052 -7.02 -3.55 -15.02
CA ARG A 1052 -8.41 -3.79 -14.65
C ARG A 1052 -8.98 -4.95 -15.46
N LEU A 1053 -8.67 -5.00 -16.75
CA LEU A 1053 -9.17 -6.08 -17.59
C LEU A 1053 -8.71 -7.43 -17.08
N TRP A 1054 -7.40 -7.59 -16.86
CA TRP A 1054 -6.90 -8.90 -16.46
C TRP A 1054 -7.35 -9.26 -15.05
N GLY A 1055 -7.43 -8.26 -14.19
CA GLY A 1055 -7.86 -8.45 -12.82
C GLY A 1055 -9.31 -8.85 -12.74
N ALA A 1056 -10.02 -8.68 -13.84
CA ALA A 1056 -11.43 -9.03 -13.92
C ALA A 1056 -11.62 -10.32 -14.71
N LEU A 1057 -10.57 -10.73 -15.40
CA LEU A 1057 -10.59 -11.96 -16.17
C LEU A 1057 -10.25 -13.11 -15.26
N ARG A 1058 -9.49 -12.82 -14.20
CA ARG A 1058 -9.05 -13.80 -13.21
C ARG A 1058 -8.45 -15.01 -13.90
N LEU A 1059 -7.49 -14.77 -14.77
CA LEU A 1059 -6.85 -15.85 -15.50
C LEU A 1059 -5.86 -16.60 -14.62
N GLY A 1060 -4.88 -15.88 -14.10
CA GLY A 1060 -3.85 -16.48 -13.27
C GLY A 1060 -4.41 -17.50 -12.31
N ALA A 1061 -5.62 -17.24 -11.79
CA ALA A 1061 -6.24 -18.17 -10.86
C ALA A 1061 -6.47 -19.53 -11.51
N VAL A 1062 -7.00 -19.56 -12.73
CA VAL A 1062 -7.28 -20.83 -13.38
C VAL A 1062 -5.98 -21.51 -13.82
N ILE A 1063 -5.00 -20.72 -14.26
CA ILE A 1063 -3.72 -21.29 -14.64
C ILE A 1063 -3.07 -21.99 -13.44
N LEU A 1064 -3.14 -21.36 -12.27
CA LEU A 1064 -2.59 -21.97 -11.07
C LEU A 1064 -3.42 -23.16 -10.61
N ARG A 1065 -4.75 -23.07 -10.76
CA ARG A 1065 -5.62 -24.14 -10.30
C ARG A 1065 -5.38 -25.44 -11.09
N TRP A 1066 -5.20 -25.32 -12.40
CA TRP A 1066 -4.97 -26.52 -13.20
C TRP A 1066 -3.71 -27.25 -12.75
N ARG A 1067 -2.61 -26.51 -12.59
CA ARG A 1067 -1.36 -27.12 -12.16
C ARG A 1067 -1.47 -27.67 -10.74
N TYR A 1068 -2.18 -26.96 -9.86
CA TYR A 1068 -2.36 -27.44 -8.50
C TYR A 1068 -3.11 -28.76 -8.48
N HIS A 1069 -4.16 -28.87 -9.29
CA HIS A 1069 -4.91 -30.12 -9.37
C HIS A 1069 -4.04 -31.24 -9.91
N ALA A 1070 -3.25 -30.94 -10.95
CA ALA A 1070 -2.39 -31.96 -11.53
C ALA A 1070 -1.38 -32.47 -10.50
N LEU A 1071 -0.74 -31.56 -9.77
CA LEU A 1071 0.27 -31.95 -8.79
C LEU A 1071 -0.35 -32.70 -7.62
N ARG A 1072 -1.54 -32.27 -7.16
CA ARG A 1072 -2.20 -33.00 -6.10
C ARG A 1072 -2.57 -34.41 -6.53
N GLY A 1073 -3.05 -34.56 -7.77
CA GLY A 1073 -3.34 -35.90 -8.28
C GLY A 1073 -2.09 -36.76 -8.36
N GLU A 1074 -0.98 -36.18 -8.81
CA GLU A 1074 0.26 -36.93 -8.89
C GLU A 1074 0.74 -37.36 -7.51
N LEU A 1075 0.63 -36.46 -6.52
CA LEU A 1075 1.12 -36.76 -5.17
C LEU A 1075 0.18 -37.69 -4.41
N TYR A 1076 -1.09 -37.78 -4.81
CA TYR A 1076 -2.04 -38.61 -4.07
C TYR A 1076 -1.64 -40.08 -4.08
N ARG A 1077 -1.20 -40.59 -5.24
CA ARG A 1077 -0.91 -42.02 -5.35
C ARG A 1077 0.18 -42.47 -4.41
N PRO A 1078 1.35 -41.80 -4.33
CA PRO A 1078 2.32 -42.28 -3.33
C PRO A 1078 1.96 -41.88 -1.91
N LYS B 252 -33.33 -40.23 20.96
CA LYS B 252 -32.68 -39.06 21.52
C LYS B 252 -32.16 -38.14 20.42
N TYR B 253 -31.08 -37.42 20.72
CA TYR B 253 -30.39 -36.47 19.85
C TYR B 253 -31.24 -35.23 19.55
N LEU B 254 -32.50 -35.21 19.99
CA LEU B 254 -33.33 -34.02 19.90
C LEU B 254 -33.61 -33.39 21.26
N LYS B 255 -33.42 -34.13 22.36
CA LYS B 255 -33.45 -33.56 23.70
C LYS B 255 -32.06 -33.17 24.19
N SER B 256 -31.03 -33.37 23.38
CA SER B 256 -29.66 -33.02 23.73
C SER B 256 -29.07 -31.95 22.82
N VAL B 257 -29.15 -32.14 21.51
CA VAL B 257 -28.58 -31.21 20.55
C VAL B 257 -29.51 -30.03 20.30
N LEU B 258 -30.71 -30.05 20.89
CA LEU B 258 -31.64 -28.93 20.81
C LEU B 258 -31.80 -28.19 22.13
N ARG B 259 -31.66 -28.87 23.27
CA ARG B 259 -31.69 -28.18 24.54
C ARG B 259 -30.52 -27.22 24.68
N GLU B 260 -29.32 -27.63 24.25
CA GLU B 260 -28.18 -26.75 24.28
C GLU B 260 -28.29 -25.62 23.28
N LEU B 261 -29.22 -25.69 22.33
CA LEU B 261 -29.50 -24.59 21.42
C LEU B 261 -30.51 -23.62 22.00
N VAL B 262 -31.57 -24.12 22.63
CA VAL B 262 -32.55 -23.23 23.24
C VAL B 262 -31.95 -22.50 24.44
N THR B 263 -31.06 -23.15 25.19
CA THR B 263 -30.42 -22.45 26.29
C THR B 263 -29.39 -21.43 25.80
N TYR B 264 -28.92 -21.55 24.56
CA TYR B 264 -27.99 -20.59 23.98
C TYR B 264 -28.68 -19.42 23.32
N LEU B 265 -29.88 -19.64 22.77
CA LEU B 265 -30.65 -18.54 22.22
C LEU B 265 -31.03 -17.51 23.28
N LEU B 266 -31.39 -17.95 24.49
CA LEU B 266 -31.67 -17.01 25.57
C LEU B 266 -30.43 -16.22 25.95
N PHE B 267 -29.27 -16.88 25.97
CA PHE B 267 -28.02 -16.18 26.21
C PHE B 267 -27.77 -15.11 25.17
N LEU B 268 -28.01 -15.44 23.91
CA LEU B 268 -27.81 -14.49 22.83
C LEU B 268 -28.78 -13.33 22.87
N ILE B 269 -29.97 -13.51 23.43
CA ILE B 269 -30.92 -12.42 23.63
C ILE B 269 -30.52 -11.54 24.79
N VAL B 270 -30.08 -12.14 25.91
CA VAL B 270 -29.63 -11.36 27.04
C VAL B 270 -28.42 -10.51 26.68
N LEU B 271 -27.49 -11.09 25.90
CA LEU B 271 -26.32 -10.33 25.47
C LEU B 271 -26.71 -9.17 24.58
N CYS B 272 -27.68 -9.38 23.66
CA CYS B 272 -28.13 -8.30 22.81
C CYS B 272 -28.79 -7.20 23.62
N ILE B 273 -29.59 -7.56 24.63
CA ILE B 273 -30.22 -6.56 25.48
C ILE B 273 -29.16 -5.77 26.24
N LEU B 274 -28.15 -6.45 26.77
CA LEU B 274 -27.08 -5.75 27.48
C LEU B 274 -26.25 -4.84 26.58
N THR B 275 -25.98 -5.24 25.34
CA THR B 275 -25.22 -4.40 24.43
C THR B 275 -26.07 -3.32 23.77
N TYR B 276 -27.39 -3.40 23.86
CA TYR B 276 -28.24 -2.31 23.37
C TYR B 276 -28.25 -1.11 24.31
N GLY B 277 -28.22 -1.35 25.62
CA GLY B 277 -28.30 -0.26 26.57
C GLY B 277 -26.99 0.49 26.75
N MET B 278 -25.88 -0.14 26.38
CA MET B 278 -24.58 0.52 26.52
C MET B 278 -24.44 1.67 25.53
N MET B 279 -24.80 1.44 24.28
CA MET B 279 -24.64 2.43 23.22
C MET B 279 -26.00 3.07 22.94
N SER B 280 -26.16 4.33 23.36
CA SER B 280 -27.35 5.10 23.06
C SER B 280 -27.13 5.90 21.78
N SER B 281 -28.06 6.81 21.48
CA SER B 281 -27.93 7.66 20.31
C SER B 281 -27.55 9.09 20.63
N ASN B 282 -27.80 9.55 21.86
CA ASN B 282 -27.40 10.89 22.27
C ASN B 282 -25.91 10.97 22.61
N VAL B 283 -25.27 9.84 22.88
CA VAL B 283 -23.85 9.83 23.23
C VAL B 283 -23.00 10.34 22.09
N TYR B 284 -23.36 10.04 20.84
CA TYR B 284 -22.57 10.50 19.71
C TYR B 284 -22.61 12.01 19.57
N TYR B 285 -23.81 12.61 19.60
CA TYR B 285 -23.90 14.05 19.48
C TYR B 285 -23.30 14.76 20.69
N TYR B 286 -23.45 14.18 21.88
CA TYR B 286 -22.84 14.75 23.08
C TYR B 286 -21.34 14.91 22.89
N THR B 287 -20.68 13.88 22.36
CA THR B 287 -19.25 13.96 22.11
C THR B 287 -18.93 14.90 20.97
N ARG B 288 -19.74 14.87 19.90
CA ARG B 288 -19.44 15.66 18.71
C ARG B 288 -19.51 17.15 18.99
N MET B 289 -20.52 17.60 19.74
CA MET B 289 -20.65 19.03 20.02
C MET B 289 -19.45 19.55 20.80
N MET B 290 -19.00 18.80 21.80
CA MET B 290 -17.83 19.21 22.55
C MET B 290 -16.56 19.16 21.70
N SER B 291 -16.46 18.14 20.84
CA SER B 291 -15.27 18.01 20.00
C SER B 291 -15.15 19.17 19.04
N GLN B 292 -16.26 19.62 18.46
CA GLN B 292 -16.27 20.72 17.52
C GLN B 292 -16.23 22.09 18.20
N LEU B 293 -15.88 22.13 19.48
CA LEU B 293 -15.79 23.38 20.22
C LEU B 293 -14.37 23.75 20.62
N PHE B 294 -13.51 22.77 20.93
CA PHE B 294 -12.14 23.03 21.31
C PHE B 294 -11.13 22.72 20.21
N LEU B 295 -11.47 21.80 19.30
CA LEU B 295 -10.53 21.37 18.27
C LEU B 295 -10.77 22.01 16.92
N ASP B 296 -11.90 22.68 16.72
CA ASP B 296 -12.23 23.27 15.43
C ASP B 296 -12.29 24.80 15.43
N THR B 297 -12.52 25.42 16.59
CA THR B 297 -12.51 26.88 16.51
C THR B 297 -11.08 27.39 16.40
N PRO B 298 -10.84 28.39 15.55
CA PRO B 298 -9.50 28.97 15.46
C PRO B 298 -9.11 29.65 16.77
N VAL B 299 -7.80 29.65 17.04
CA VAL B 299 -7.28 30.20 18.29
C VAL B 299 -7.62 31.67 18.47
N SER B 300 -7.79 32.42 17.38
CA SER B 300 -8.21 33.80 17.45
C SER B 300 -8.80 34.18 16.11
N LYS B 301 -9.59 35.27 16.09
CA LYS B 301 -10.27 35.68 14.88
C LYS B 301 -9.32 36.05 13.76
N THR B 302 -8.11 36.50 14.09
CA THR B 302 -7.16 36.94 13.07
C THR B 302 -6.25 35.82 12.58
N GLU B 303 -6.28 34.65 13.20
CA GLU B 303 -5.51 33.51 12.74
C GLU B 303 -6.44 32.38 12.31
N LYS B 304 -5.87 31.37 11.65
CA LYS B 304 -6.63 30.23 11.15
C LYS B 304 -6.33 28.92 11.85
N THR B 305 -5.22 28.83 12.59
CA THR B 305 -4.85 27.58 13.22
C THR B 305 -5.77 27.25 14.39
N ASN B 306 -6.00 25.96 14.60
CA ASN B 306 -6.77 25.46 15.72
C ASN B 306 -5.94 24.44 16.48
N PHE B 307 -6.53 23.84 17.51
CA PHE B 307 -5.81 22.89 18.35
C PHE B 307 -5.30 21.69 17.57
N LYS B 308 -5.97 21.32 16.48
CA LYS B 308 -5.53 20.17 15.70
C LYS B 308 -4.24 20.43 14.94
N THR B 309 -3.90 21.69 14.69
CA THR B 309 -2.77 22.04 13.84
C THR B 309 -1.83 23.00 14.55
N LEU B 310 -1.62 22.82 15.85
CA LEU B 310 -0.61 23.61 16.55
C LEU B 310 0.77 23.25 16.03
N SER B 311 1.63 24.26 15.90
CA SER B 311 2.95 24.02 15.33
C SER B 311 4.06 24.80 16.02
N SER B 312 3.83 25.30 17.23
CA SER B 312 4.84 26.06 17.96
C SER B 312 4.40 26.17 19.42
N MET B 313 5.30 26.69 20.25
CA MET B 313 4.98 26.96 21.64
C MET B 313 4.21 28.26 21.83
N GLU B 314 4.24 29.14 20.85
CA GLU B 314 3.42 30.34 20.88
C GLU B 314 1.98 30.10 20.48
N ASP B 315 1.75 29.16 19.56
CA ASP B 315 0.38 28.76 19.23
C ASP B 315 -0.33 28.16 20.43
N PHE B 316 0.38 27.38 21.24
CA PHE B 316 -0.21 26.84 22.45
C PHE B 316 -0.61 27.95 23.42
N TRP B 317 0.25 28.96 23.56
CA TRP B 317 -0.10 30.09 24.42
C TRP B 317 -1.29 30.86 23.87
N LYS B 318 -1.36 31.04 22.56
CA LYS B 318 -2.51 31.70 21.96
C LYS B 318 -3.79 30.89 22.17
N PHE B 319 -3.68 29.56 22.17
CA PHE B 319 -4.85 28.72 22.38
C PHE B 319 -5.30 28.73 23.83
N THR B 320 -4.36 28.73 24.78
CA THR B 320 -4.72 28.67 26.19
C THR B 320 -5.53 29.89 26.62
N GLU B 321 -5.10 31.08 26.21
CA GLU B 321 -5.85 32.32 26.43
C GLU B 321 -6.43 32.72 25.08
N GLY B 322 -7.71 32.44 24.89
CA GLY B 322 -8.30 32.50 23.57
C GLY B 322 -9.38 31.46 23.37
N SER B 323 -9.17 30.56 22.40
CA SER B 323 -10.17 29.56 22.04
C SER B 323 -10.51 28.62 23.19
N LEU B 324 -9.65 28.56 24.21
CA LEU B 324 -9.92 27.71 25.36
C LEU B 324 -10.86 28.38 26.36
N LEU B 325 -10.52 29.59 26.80
CA LEU B 325 -11.37 30.30 27.75
C LEU B 325 -12.71 30.68 27.15
N ASP B 326 -12.79 30.86 25.84
CA ASP B 326 -14.06 31.18 25.19
C ASP B 326 -15.03 30.01 25.20
N GLY B 327 -14.54 28.78 25.39
CA GLY B 327 -15.40 27.63 25.40
C GLY B 327 -15.78 27.17 26.80
N LEU B 328 -14.85 27.29 27.74
CA LEU B 328 -15.10 26.82 29.10
C LEU B 328 -16.15 27.68 29.80
N TYR B 329 -15.99 29.00 29.74
CA TYR B 329 -16.81 29.92 30.52
C TYR B 329 -17.84 30.61 29.64
N TRP B 330 -19.10 30.52 30.03
CA TRP B 330 -20.21 31.13 29.30
C TRP B 330 -21.02 31.99 30.25
N LYS B 331 -21.33 33.21 29.82
CA LYS B 331 -22.14 34.13 30.63
C LYS B 331 -23.55 33.59 30.76
N MET B 332 -23.96 33.28 31.99
CA MET B 332 -25.30 32.76 32.21
C MET B 332 -26.35 33.82 31.90
N GLN B 333 -27.43 33.41 31.26
CA GLN B 333 -28.50 34.32 30.90
C GLN B 333 -29.23 34.84 32.13
N ASN B 342 -19.93 31.84 40.62
CA ASN B 342 -21.14 31.54 39.87
C ASN B 342 -20.86 30.50 38.78
N ARG B 343 -21.80 29.59 38.58
CA ARG B 343 -21.58 28.48 37.66
C ARG B 343 -21.55 28.97 36.22
N SER B 344 -21.17 28.06 35.31
CA SER B 344 -21.06 28.39 33.90
C SER B 344 -21.38 27.15 33.09
N PHE B 345 -22.64 27.05 32.66
CA PHE B 345 -23.05 25.99 31.73
C PHE B 345 -22.46 26.27 30.35
N ILE B 346 -21.91 25.23 29.73
CA ILE B 346 -21.18 25.42 28.48
C ILE B 346 -22.14 25.68 27.33
N PHE B 347 -23.01 24.72 27.01
CA PHE B 347 -24.01 24.90 25.97
C PHE B 347 -25.36 25.27 26.54
N TYR B 348 -25.37 25.89 27.73
CA TYR B 348 -26.55 26.17 28.55
C TYR B 348 -27.14 24.89 29.14
N GLU B 349 -26.54 23.74 28.89
CA GLU B 349 -26.91 22.50 29.56
C GLU B 349 -25.72 21.79 30.18
N ASN B 350 -24.56 21.83 29.54
CA ASN B 350 -23.37 21.14 30.03
C ASN B 350 -22.78 21.95 31.18
N LEU B 351 -22.98 21.48 32.40
CA LEU B 351 -22.47 22.18 33.58
C LEU B 351 -20.99 21.84 33.77
N LEU B 352 -20.15 22.87 33.80
CA LEU B 352 -18.73 22.68 34.11
C LEU B 352 -18.60 22.52 35.62
N LEU B 353 -18.37 21.29 36.07
CA LEU B 353 -18.26 21.00 37.49
C LEU B 353 -16.80 20.94 37.90
N GLY B 354 -16.50 21.57 39.03
CA GLY B 354 -15.12 21.66 39.49
C GLY B 354 -14.40 22.79 38.80
N VAL B 355 -13.08 22.66 38.67
CA VAL B 355 -12.27 23.64 37.96
C VAL B 355 -11.31 22.90 37.03
N PRO B 356 -10.98 23.45 35.87
CA PRO B 356 -10.01 22.79 34.99
C PRO B 356 -8.63 22.82 35.60
N ARG B 357 -7.83 21.81 35.27
CA ARG B 357 -6.47 21.70 35.80
C ARG B 357 -5.48 21.60 34.67
N ILE B 358 -4.35 22.30 34.81
CA ILE B 358 -3.27 22.27 33.84
C ILE B 358 -2.03 21.71 34.52
N ARG B 359 -1.18 21.05 33.75
CA ARG B 359 0.00 20.41 34.30
C ARG B 359 1.06 20.29 33.23
N GLN B 360 2.33 20.31 33.64
CA GLN B 360 3.43 20.10 32.70
C GLN B 360 4.44 19.13 33.28
N LEU B 361 5.13 18.44 32.38
CA LEU B 361 6.25 17.55 32.70
C LEU B 361 7.46 18.00 31.91
N ARG B 362 8.58 18.18 32.60
CA ARG B 362 9.79 18.76 32.02
C ARG B 362 11.01 17.98 32.48
N VAL B 363 12.08 18.09 31.70
CA VAL B 363 13.34 17.44 32.01
C VAL B 363 14.34 18.49 32.48
N ARG B 364 15.42 18.02 33.10
CA ARG B 364 16.36 18.90 33.76
C ARG B 364 17.52 19.29 32.85
N ASN B 365 18.13 20.42 33.17
CA ASN B 365 19.24 20.96 32.39
C ASN B 365 20.46 20.04 32.47
N GLY B 366 21.27 20.08 31.41
CA GLY B 366 22.50 19.31 31.39
C GLY B 366 22.27 17.83 31.50
N SER B 367 21.26 17.32 30.80
CA SER B 367 20.83 15.94 30.95
C SER B 367 21.49 14.97 29.97
N CYS B 368 22.08 15.46 28.88
CA CYS B 368 22.82 14.58 28.00
C CYS B 368 24.29 15.04 27.94
N SER B 369 25.06 14.37 27.10
CA SER B 369 26.50 14.60 27.00
C SER B 369 26.80 15.38 25.74
N ILE B 370 27.53 16.48 25.89
CA ILE B 370 27.93 17.34 24.79
C ILE B 370 29.30 16.89 24.29
N PRO B 371 29.47 16.58 23.01
CA PRO B 371 30.79 16.26 22.49
C PRO B 371 31.76 17.42 22.73
N GLN B 372 32.99 17.08 23.14
CA GLN B 372 33.95 18.10 23.52
C GLN B 372 34.40 18.95 22.34
N ASP B 373 34.28 18.42 21.11
CA ASP B 373 34.77 19.15 19.95
C ASP B 373 34.04 20.47 19.77
N LEU B 374 32.72 20.47 19.92
CA LEU B 374 31.91 21.66 19.71
C LEU B 374 31.27 22.17 20.98
N ARG B 375 31.83 21.83 22.14
CA ARG B 375 31.26 22.25 23.41
C ARG B 375 31.28 23.77 23.60
N ASP B 376 32.12 24.49 22.87
CA ASP B 376 32.14 25.94 22.95
C ASP B 376 30.89 26.59 22.35
N GLU B 377 30.09 25.84 21.58
CA GLU B 377 28.87 26.35 21.00
C GLU B 377 27.63 25.81 21.70
N ILE B 378 27.56 24.50 21.92
CA ILE B 378 26.42 23.88 22.59
C ILE B 378 26.53 24.19 24.08
N LYS B 379 25.74 25.14 24.55
CA LYS B 379 25.81 25.52 25.96
C LYS B 379 25.19 24.45 26.86
N GLU B 380 24.02 23.94 26.48
CA GLU B 380 23.31 22.95 27.28
C GLU B 380 22.41 22.12 26.38
N CYS B 381 22.03 20.94 26.87
CA CYS B 381 21.10 20.08 26.15
C CYS B 381 20.03 19.57 27.10
N TYR B 382 18.90 19.19 26.54
CA TYR B 382 17.83 18.52 27.27
C TYR B 382 17.52 17.20 26.58
N ASP B 383 17.59 16.11 27.33
CA ASP B 383 17.40 14.78 26.78
C ASP B 383 15.91 14.53 26.57
N VAL B 384 15.58 13.47 25.82
CA VAL B 384 14.19 13.07 25.66
C VAL B 384 13.63 12.64 27.01
N TYR B 385 12.30 12.57 27.08
CA TYR B 385 11.66 12.26 28.35
C TYR B 385 11.98 10.86 28.81
N SER B 386 12.25 10.73 30.11
CA SER B 386 12.51 9.45 30.76
C SER B 386 12.42 9.66 32.26
N VAL B 387 11.94 8.64 32.97
CA VAL B 387 11.76 8.75 34.41
C VAL B 387 13.10 8.98 35.13
N SER B 388 14.20 8.52 34.53
CA SER B 388 15.52 8.72 35.13
C SER B 388 16.13 10.06 34.79
N SER B 389 15.48 10.88 33.97
CA SER B 389 15.99 12.21 33.60
C SER B 389 14.87 13.23 33.67
N GLU B 390 14.09 13.21 34.75
CA GLU B 390 12.97 14.10 34.93
C GLU B 390 13.29 15.08 36.05
N ASP B 391 13.14 16.37 35.77
CA ASP B 391 13.49 17.41 36.73
C ASP B 391 12.59 17.34 37.96
N ARG B 392 13.16 17.66 39.12
CA ARG B 392 12.41 17.64 40.37
C ARG B 392 12.72 18.83 41.27
N ALA B 393 13.14 19.96 40.69
CA ALA B 393 13.58 21.09 41.49
C ALA B 393 12.76 22.33 41.16
N PRO B 394 12.60 23.25 42.11
CA PRO B 394 11.87 24.48 41.82
C PRO B 394 12.60 25.35 40.81
N PHE B 395 11.82 26.12 40.06
CA PHE B 395 12.37 27.04 39.06
C PHE B 395 11.49 28.27 39.00
N GLY B 396 12.09 29.38 38.55
CA GLY B 396 11.41 30.64 38.51
C GLY B 396 11.04 31.10 39.90
N PRO B 397 10.02 31.95 40.01
CA PRO B 397 9.52 32.33 41.33
C PRO B 397 8.85 31.16 42.02
N ARG B 398 9.28 30.88 43.24
CA ARG B 398 8.79 29.73 43.99
C ARG B 398 7.57 30.11 44.84
N ASN B 399 6.57 30.67 44.15
CA ASN B 399 5.38 31.17 44.83
C ASN B 399 4.41 30.04 45.17
N GLY B 400 3.89 29.36 44.15
CA GLY B 400 2.82 28.40 44.38
C GLY B 400 3.17 26.98 43.98
N THR B 401 2.16 26.20 43.62
CA THR B 401 2.32 24.81 43.27
C THR B 401 2.67 24.60 41.80
N ALA B 402 2.71 25.67 41.02
CA ALA B 402 3.07 25.58 39.60
C ALA B 402 4.58 25.68 39.39
N TRP B 403 5.36 25.84 40.45
CA TRP B 403 6.80 25.92 40.35
C TRP B 403 7.48 24.95 41.31
N ILE B 404 6.73 23.97 41.81
CA ILE B 404 7.27 23.00 42.77
C ILE B 404 6.88 21.60 42.31
N TYR B 405 7.85 20.71 42.23
CA TYR B 405 7.59 19.34 41.79
C TYR B 405 6.75 18.60 42.82
N THR B 406 5.55 18.19 42.40
CA THR B 406 4.66 17.39 43.24
C THR B 406 4.67 15.96 42.72
N SER B 407 4.86 15.00 43.62
CA SER B 407 5.00 13.61 43.23
C SER B 407 3.69 13.06 42.66
N GLU B 408 3.77 11.82 42.16
CA GLU B 408 2.57 11.19 41.61
C GLU B 408 1.66 10.69 42.72
N LYS B 409 2.23 10.25 43.84
CA LYS B 409 1.42 9.69 44.92
C LYS B 409 0.47 10.71 45.51
N ASP B 410 0.91 11.94 45.71
CA ASP B 410 0.06 12.99 46.25
C ASP B 410 -0.66 13.80 45.18
N LEU B 411 -0.48 13.44 43.90
CA LEU B 411 -1.30 13.98 42.83
C LEU B 411 -2.44 13.05 42.43
N ASN B 412 -2.45 11.82 42.93
CA ASN B 412 -3.46 10.83 42.59
C ASN B 412 -3.52 10.60 41.07
N GLY B 413 -2.36 10.65 40.43
CA GLY B 413 -2.27 10.52 38.99
C GLY B 413 -1.92 9.12 38.54
N SER B 414 -1.73 8.99 37.22
CA SER B 414 -1.37 7.71 36.61
C SER B 414 -0.73 7.99 35.26
N SER B 415 -0.18 6.93 34.66
CA SER B 415 0.47 7.05 33.37
C SER B 415 -0.58 7.32 32.28
N HIS B 416 -0.09 7.67 31.08
CA HIS B 416 -1.01 8.04 30.01
C HIS B 416 -0.75 7.28 28.72
N TRP B 417 0.50 6.91 28.45
CA TRP B 417 0.88 6.26 27.20
C TRP B 417 0.52 7.13 25.99
N GLY B 418 1.21 8.27 25.92
CA GLY B 418 1.01 9.19 24.81
C GLY B 418 1.56 8.66 23.50
N ILE B 419 1.91 9.56 22.58
CA ILE B 419 2.41 9.17 21.28
C ILE B 419 3.92 8.98 21.28
N ILE B 420 4.67 9.97 21.77
CA ILE B 420 6.12 9.87 21.78
C ILE B 420 6.58 8.84 22.82
N ALA B 421 6.01 8.89 24.01
CA ALA B 421 6.44 8.01 25.10
C ALA B 421 5.29 7.85 26.08
N THR B 422 5.60 7.30 27.26
CA THR B 422 4.61 7.09 28.31
C THR B 422 4.96 8.00 29.48
N TYR B 423 4.13 9.01 29.72
CA TYR B 423 4.41 10.01 30.74
C TYR B 423 3.80 9.60 32.08
N SER B 424 4.47 9.97 33.15
CA SER B 424 4.03 9.64 34.49
C SER B 424 2.93 10.60 34.93
N GLY B 425 2.51 10.51 36.19
CA GLY B 425 1.46 11.34 36.72
C GLY B 425 1.91 12.50 37.57
N ALA B 426 3.21 12.75 37.68
CA ALA B 426 3.73 13.86 38.47
C ALA B 426 3.94 15.07 37.56
N GLY B 427 4.59 16.10 38.10
CA GLY B 427 4.92 17.28 37.36
C GLY B 427 4.49 18.53 38.09
N TYR B 428 4.57 19.65 37.39
CA TYR B 428 4.19 20.95 37.94
C TYR B 428 2.79 21.30 37.46
N TYR B 429 1.85 21.43 38.40
CA TYR B 429 0.45 21.59 38.06
C TYR B 429 -0.10 22.89 38.64
N LEU B 430 -1.29 23.24 38.18
CA LEU B 430 -2.00 24.42 38.66
C LEU B 430 -3.49 24.23 38.38
N ASP B 431 -4.31 24.50 39.40
CA ASP B 431 -5.76 24.44 39.29
C ASP B 431 -6.28 25.83 38.97
N LEU B 432 -6.87 25.99 37.79
CA LEU B 432 -7.40 27.28 37.37
C LEU B 432 -8.59 27.66 38.24
N SER B 433 -9.10 28.87 38.02
CA SER B 433 -10.14 29.42 38.88
C SER B 433 -11.52 29.08 38.33
N ARG B 434 -12.56 29.64 38.94
CA ARG B 434 -13.93 29.32 38.60
C ARG B 434 -14.58 30.34 37.68
N THR B 435 -14.03 31.54 37.57
CA THR B 435 -14.56 32.59 36.70
C THR B 435 -13.48 33.01 35.72
N ARG B 436 -13.93 33.49 34.55
CA ARG B 436 -13.01 33.78 33.45
C ARG B 436 -12.04 34.90 33.79
N GLU B 437 -12.52 35.96 34.44
CA GLU B 437 -11.72 37.17 34.60
C GLU B 437 -10.51 36.97 35.50
N GLU B 438 -10.47 35.90 36.30
CA GLU B 438 -9.31 35.60 37.12
C GLU B 438 -8.51 34.41 36.61
N THR B 439 -9.15 33.47 35.93
CA THR B 439 -8.41 32.43 35.23
C THR B 439 -7.52 33.04 34.15
N ALA B 440 -8.03 34.05 33.46
CA ALA B 440 -7.21 34.76 32.47
C ALA B 440 -6.02 35.44 33.12
N ALA B 441 -6.22 36.01 34.31
CA ALA B 441 -5.11 36.62 35.02
C ALA B 441 -4.06 35.58 35.42
N GLN B 442 -4.51 34.41 35.88
CA GLN B 442 -3.57 33.34 36.22
C GLN B 442 -2.79 32.89 35.00
N VAL B 443 -3.47 32.74 33.86
CA VAL B 443 -2.79 32.32 32.64
C VAL B 443 -1.78 33.38 32.20
N ALA B 444 -2.15 34.66 32.30
CA ALA B 444 -1.22 35.73 31.96
C ALA B 444 0.00 35.73 32.88
N SER B 445 -0.21 35.49 34.18
CA SER B 445 0.91 35.39 35.10
C SER B 445 1.83 34.22 34.75
N LEU B 446 1.24 33.09 34.37
CA LEU B 446 2.05 31.95 33.94
C LEU B 446 2.84 32.30 32.67
N LYS B 447 2.23 33.02 31.75
CA LYS B 447 2.90 33.37 30.50
C LYS B 447 4.03 34.37 30.72
N LYS B 448 3.83 35.33 31.62
CA LYS B 448 4.84 36.38 31.82
C LYS B 448 6.13 35.80 32.38
N ASN B 449 6.06 35.22 33.58
CA ASN B 449 7.19 34.47 34.13
C ASN B 449 7.25 33.15 33.37
N VAL B 450 8.22 33.03 32.46
CA VAL B 450 8.22 31.96 31.46
C VAL B 450 8.07 30.60 32.13
N TRP B 451 6.97 29.93 31.82
CA TRP B 451 6.66 28.63 32.40
C TRP B 451 6.92 27.49 31.44
N LEU B 452 6.87 27.75 30.14
CA LEU B 452 7.15 26.76 29.11
C LEU B 452 8.53 27.08 28.53
N ASP B 453 9.57 26.58 29.19
CA ASP B 453 10.93 26.70 28.69
C ASP B 453 11.16 25.65 27.61
N ARG B 454 12.42 25.51 27.17
CA ARG B 454 12.72 24.46 26.21
C ARG B 454 12.82 23.09 26.90
N GLY B 455 12.91 23.09 28.22
CA GLY B 455 13.05 21.84 28.95
C GLY B 455 11.74 21.12 29.19
N THR B 456 10.63 21.72 28.77
CA THR B 456 9.32 21.10 28.94
C THR B 456 9.09 20.06 27.87
N ARG B 457 8.47 18.95 28.26
CA ARG B 457 8.22 17.84 27.35
C ARG B 457 6.76 17.47 27.19
N ALA B 458 5.90 17.80 28.14
CA ALA B 458 4.49 17.45 27.98
C ALA B 458 3.63 18.43 28.75
N THR B 459 2.40 18.63 28.27
CA THR B 459 1.44 19.50 28.92
C THR B 459 0.04 18.90 28.82
N PHE B 460 -0.65 18.82 29.95
CA PHE B 460 -2.00 18.29 30.04
C PHE B 460 -2.96 19.37 30.51
N ILE B 461 -4.16 19.39 29.91
CA ILE B 461 -5.24 20.24 30.36
C ILE B 461 -6.50 19.38 30.44
N ASP B 462 -7.15 19.34 31.60
CA ASP B 462 -8.28 18.42 31.74
C ASP B 462 -9.37 19.01 32.62
N PHE B 463 -10.59 18.51 32.39
CA PHE B 463 -11.79 18.93 33.12
C PHE B 463 -12.90 17.93 32.84
N SER B 464 -14.12 18.26 33.28
CA SER B 464 -15.26 17.38 33.06
C SER B 464 -16.56 18.18 33.17
N VAL B 465 -17.62 17.64 32.57
CA VAL B 465 -18.94 18.26 32.53
C VAL B 465 -20.00 17.21 32.80
N TYR B 466 -21.23 17.68 33.09
CA TYR B 466 -22.30 16.81 33.56
C TYR B 466 -23.47 16.68 32.57
N ASN B 467 -24.04 17.79 32.11
CA ASN B 467 -25.19 17.77 31.20
C ASN B 467 -26.38 17.04 31.82
N ALA B 468 -26.92 17.66 32.86
CA ALA B 468 -27.91 17.06 33.76
C ALA B 468 -29.24 16.70 33.08
N ASN B 469 -29.47 17.06 31.81
CA ASN B 469 -30.73 16.68 31.18
C ASN B 469 -30.82 15.17 31.01
N ILE B 470 -29.92 14.59 30.23
CA ILE B 470 -29.66 13.16 30.27
C ILE B 470 -28.73 12.93 31.46
N ASN B 471 -28.52 11.68 31.84
CA ASN B 471 -27.65 11.36 32.96
C ASN B 471 -26.37 10.75 32.39
N LEU B 472 -25.40 11.60 32.05
CA LEU B 472 -24.19 11.14 31.37
C LEU B 472 -23.10 12.18 31.56
N PHE B 473 -22.07 11.84 32.34
CA PHE B 473 -20.93 12.73 32.49
C PHE B 473 -20.10 12.75 31.21
N CYS B 474 -19.09 13.62 31.19
CA CYS B 474 -18.17 13.66 30.05
C CYS B 474 -16.86 14.27 30.51
N VAL B 475 -15.79 13.49 30.50
CA VAL B 475 -14.48 13.94 30.92
C VAL B 475 -13.66 14.28 29.68
N VAL B 476 -12.87 15.36 29.77
CA VAL B 476 -12.12 15.88 28.65
C VAL B 476 -10.66 16.01 29.07
N ARG B 477 -9.75 15.49 28.23
CA ARG B 477 -8.32 15.66 28.44
C ARG B 477 -7.67 16.04 27.12
N LEU B 478 -6.76 17.02 27.16
CA LEU B 478 -6.02 17.48 26.00
C LEU B 478 -4.53 17.42 26.33
N LEU B 479 -3.76 16.82 25.45
CA LEU B 479 -2.33 16.63 25.65
C LEU B 479 -1.55 17.29 24.53
N VAL B 480 -0.45 17.95 24.89
CA VAL B 480 0.46 18.55 23.92
C VAL B 480 1.87 18.05 24.25
N GLU B 481 2.51 17.41 23.29
CA GLU B 481 3.82 16.83 23.48
C GLU B 481 4.86 17.63 22.72
N PHE B 482 6.00 17.89 23.37
CA PHE B 482 7.12 18.64 22.79
C PHE B 482 8.30 17.67 22.67
N PRO B 483 8.47 17.02 21.52
CA PRO B 483 9.63 16.13 21.36
C PRO B 483 10.94 16.91 21.44
N ALA B 484 11.98 16.22 21.88
CA ALA B 484 13.29 16.84 22.04
C ALA B 484 13.87 17.34 20.72
N THR B 485 13.38 16.84 19.59
CA THR B 485 13.80 17.30 18.28
C THR B 485 12.99 18.49 17.78
N GLY B 486 12.28 19.18 18.67
CA GLY B 486 11.48 20.32 18.29
C GLY B 486 10.14 19.92 17.70
N GLY B 487 9.15 20.81 17.82
CA GLY B 487 7.83 20.59 17.27
C GLY B 487 6.78 20.44 18.35
N VAL B 488 5.54 20.30 17.92
CA VAL B 488 4.41 20.15 18.82
C VAL B 488 3.49 19.07 18.25
N ILE B 489 3.07 18.15 19.12
CA ILE B 489 2.16 17.08 18.74
C ILE B 489 0.93 17.11 19.63
N PRO B 490 -0.25 17.42 19.10
CA PRO B 490 -1.45 17.47 19.92
C PRO B 490 -2.21 16.14 19.93
N SER B 491 -3.01 15.97 21.00
CA SER B 491 -3.87 14.81 21.14
C SER B 491 -5.02 15.18 22.07
N TRP B 492 -6.13 14.45 21.92
CA TRP B 492 -7.34 14.76 22.66
C TRP B 492 -8.05 13.47 23.05
N GLN B 493 -8.89 13.57 24.08
CA GLN B 493 -9.71 12.42 24.48
C GLN B 493 -10.94 12.91 25.21
N PHE B 494 -12.11 12.52 24.71
CA PHE B 494 -13.40 12.83 25.32
C PHE B 494 -14.08 11.52 25.67
N GLN B 495 -14.54 11.40 26.90
CA GLN B 495 -15.13 10.13 27.32
C GLN B 495 -16.43 10.34 28.11
N PRO B 496 -17.56 9.85 27.61
CA PRO B 496 -18.87 9.98 28.29
C PRO B 496 -19.13 8.93 29.37
N LEU B 497 -18.65 9.19 30.58
CA LEU B 497 -18.89 8.31 31.70
C LEU B 497 -20.33 8.44 32.21
N LYS B 498 -20.73 7.50 33.06
CA LYS B 498 -22.04 7.54 33.71
C LYS B 498 -21.90 6.88 35.07
N LEU B 499 -22.16 7.65 36.14
CA LEU B 499 -21.83 7.22 37.49
C LEU B 499 -23.04 7.13 38.41
N ILE B 500 -24.20 7.58 37.95
CA ILE B 500 -25.40 7.64 38.77
C ILE B 500 -26.45 6.73 38.15
N ARG B 501 -26.00 5.60 37.61
CA ARG B 501 -26.82 4.70 36.79
C ARG B 501 -28.23 4.48 37.33
N TYR B 502 -28.37 4.00 38.56
CA TYR B 502 -29.65 3.51 39.06
C TYR B 502 -30.60 4.67 39.35
N VAL B 503 -31.22 5.16 38.29
CA VAL B 503 -32.24 6.22 38.41
C VAL B 503 -33.53 5.78 37.74
N THR B 504 -33.46 5.47 36.45
CA THR B 504 -34.66 5.16 35.68
C THR B 504 -34.96 3.67 35.76
N THR B 505 -36.23 3.32 35.52
CA THR B 505 -36.64 1.92 35.54
C THR B 505 -35.86 1.08 34.54
N PHE B 506 -35.46 1.68 33.40
CA PHE B 506 -34.66 0.97 32.43
C PHE B 506 -33.33 0.53 33.03
N ASP B 507 -32.77 1.31 33.95
CA ASP B 507 -31.54 0.91 34.63
C ASP B 507 -31.79 -0.30 35.52
N PHE B 508 -32.95 -0.35 36.19
CA PHE B 508 -33.30 -1.54 36.96
C PHE B 508 -33.42 -2.76 36.05
N PHE B 509 -34.04 -2.58 34.88
CA PHE B 509 -34.13 -3.67 33.92
C PHE B 509 -32.76 -4.15 33.47
N LEU B 510 -31.84 -3.20 33.22
CA LEU B 510 -30.49 -3.58 32.82
C LEU B 510 -29.78 -4.33 33.95
N ALA B 511 -29.97 -3.92 35.19
CA ALA B 511 -29.38 -4.63 36.32
C ALA B 511 -29.91 -6.05 36.40
N ALA B 512 -31.21 -6.23 36.20
CA ALA B 512 -31.78 -7.58 36.19
C ALA B 512 -31.17 -8.41 35.07
N CYS B 513 -31.08 -7.84 33.87
CA CYS B 513 -30.54 -8.55 32.72
C CYS B 513 -29.06 -8.87 32.87
N GLU B 514 -28.30 -8.12 33.67
CA GLU B 514 -26.90 -8.46 33.88
C GLU B 514 -26.69 -9.44 35.02
N ILE B 515 -27.55 -9.45 36.04
CA ILE B 515 -27.54 -10.58 36.98
C ILE B 515 -27.88 -11.86 36.24
N ILE B 516 -28.83 -11.78 35.30
CA ILE B 516 -29.14 -12.94 34.47
C ILE B 516 -27.92 -13.39 33.68
N PHE B 517 -27.13 -12.44 33.18
CA PHE B 517 -25.91 -12.77 32.44
C PHE B 517 -24.90 -13.45 33.35
N CYS B 518 -24.78 -12.99 34.59
CA CYS B 518 -23.90 -13.65 35.55
C CYS B 518 -24.34 -15.09 35.80
N PHE B 519 -25.65 -15.31 35.95
CA PHE B 519 -26.16 -16.67 36.11
C PHE B 519 -25.83 -17.53 34.89
N PHE B 520 -26.00 -16.96 33.69
CA PHE B 520 -25.72 -17.70 32.47
C PHE B 520 -24.25 -18.09 32.38
N ILE B 521 -23.34 -17.17 32.73
CA ILE B 521 -21.93 -17.51 32.64
C ILE B 521 -21.54 -18.53 33.70
N PHE B 522 -22.18 -18.48 34.86
CA PHE B 522 -21.96 -19.53 35.86
C PHE B 522 -22.39 -20.89 35.32
N TYR B 523 -23.56 -20.94 34.69
CA TYR B 523 -24.04 -22.19 34.12
C TYR B 523 -23.10 -22.69 33.04
N TYR B 524 -22.63 -21.79 32.17
CA TYR B 524 -21.76 -22.20 31.08
C TYR B 524 -20.40 -22.65 31.57
N VAL B 525 -19.88 -22.07 32.65
CA VAL B 525 -18.61 -22.54 33.17
C VAL B 525 -18.76 -23.88 33.88
N VAL B 526 -19.86 -24.09 34.61
CA VAL B 526 -20.01 -25.37 35.31
C VAL B 526 -20.27 -26.51 34.32
N GLU B 527 -21.10 -26.25 33.29
CA GLU B 527 -21.42 -27.26 32.31
C GLU B 527 -20.31 -27.46 31.28
N GLU B 528 -19.25 -26.67 31.35
CA GLU B 528 -18.04 -26.92 30.59
C GLU B 528 -16.95 -27.57 31.42
N ILE B 529 -16.90 -27.29 32.72
CA ILE B 529 -16.04 -28.07 33.60
C ILE B 529 -16.52 -29.51 33.69
N LEU B 530 -17.84 -29.72 33.66
CA LEU B 530 -18.42 -31.05 33.71
C LEU B 530 -18.00 -31.93 32.55
N GLU B 531 -17.53 -31.32 31.46
CA GLU B 531 -17.12 -32.06 30.26
C GLU B 531 -15.61 -32.24 30.17
N ILE B 532 -14.92 -32.26 31.31
CA ILE B 532 -13.47 -32.39 31.30
C ILE B 532 -13.06 -33.63 32.07
N ARG B 533 -13.40 -33.70 33.35
CA ARG B 533 -13.02 -34.83 34.19
C ARG B 533 -14.16 -35.81 34.42
N ILE B 534 -15.41 -35.35 34.45
CA ILE B 534 -16.55 -36.26 34.50
C ILE B 534 -16.90 -36.80 33.13
N HIS B 535 -16.25 -36.31 32.09
CA HIS B 535 -16.44 -36.72 30.70
C HIS B 535 -15.11 -36.58 29.99
N LYS B 536 -15.15 -36.51 28.65
CA LYS B 536 -13.99 -36.60 27.78
C LYS B 536 -12.77 -35.89 28.37
N LEU B 537 -11.67 -36.63 28.51
CA LEU B 537 -10.43 -36.09 29.07
C LEU B 537 -9.52 -35.56 27.98
N HIS B 538 -9.17 -34.26 28.08
CA HIS B 538 -8.07 -33.65 27.34
C HIS B 538 -8.20 -33.87 25.82
N TYR B 539 -9.35 -33.49 25.30
CA TYR B 539 -9.55 -33.36 23.85
C TYR B 539 -9.96 -31.92 23.55
N PHE B 540 -9.07 -31.21 22.89
CA PHE B 540 -9.23 -29.79 22.60
C PHE B 540 -9.29 -29.50 21.11
N ARG B 541 -8.62 -30.31 20.28
CA ARG B 541 -8.49 -30.00 18.86
C ARG B 541 -9.81 -30.26 18.15
N SER B 542 -10.79 -29.40 18.45
CA SER B 542 -12.09 -29.40 17.81
C SER B 542 -12.54 -28.01 17.38
N PHE B 543 -11.97 -26.95 17.95
CA PHE B 543 -12.21 -25.56 17.59
C PHE B 543 -13.58 -25.10 18.07
N TRP B 544 -14.40 -26.02 18.58
CA TRP B 544 -15.66 -25.66 19.19
C TRP B 544 -15.62 -25.74 20.71
N ASN B 545 -14.58 -26.35 21.28
CA ASN B 545 -14.30 -26.26 22.70
C ASN B 545 -13.18 -25.28 23.01
N CYS B 546 -12.23 -25.09 22.09
CA CYS B 546 -11.24 -24.04 22.25
C CYS B 546 -11.87 -22.66 22.18
N LEU B 547 -12.98 -22.51 21.46
CA LEU B 547 -13.70 -21.24 21.40
C LEU B 547 -14.64 -21.07 22.59
N ASP B 548 -15.24 -22.16 23.07
CA ASP B 548 -16.15 -22.08 24.21
C ASP B 548 -15.42 -21.74 25.49
N VAL B 549 -14.10 -21.90 25.55
CA VAL B 549 -13.32 -21.48 26.71
C VAL B 549 -12.97 -20.01 26.63
N VAL B 550 -12.69 -19.51 25.41
CA VAL B 550 -12.36 -18.10 25.24
C VAL B 550 -13.52 -17.22 25.68
N ILE B 551 -14.74 -17.60 25.32
CA ILE B 551 -15.92 -16.82 25.71
C ILE B 551 -16.04 -16.77 27.24
N VAL B 552 -15.87 -17.91 27.91
CA VAL B 552 -16.00 -17.95 29.36
C VAL B 552 -14.92 -17.09 30.02
N VAL B 553 -13.67 -17.20 29.56
CA VAL B 553 -12.59 -16.45 30.16
C VAL B 553 -12.81 -14.94 29.96
N LEU B 554 -13.19 -14.55 28.74
CA LEU B 554 -13.43 -13.14 28.46
C LEU B 554 -14.58 -12.60 29.29
N SER B 555 -15.64 -13.40 29.45
CA SER B 555 -16.78 -12.97 30.27
C SER B 555 -16.38 -12.83 31.73
N VAL B 556 -15.56 -13.75 32.24
CA VAL B 556 -15.07 -13.64 33.62
C VAL B 556 -14.26 -12.36 33.79
N VAL B 557 -13.38 -12.07 32.84
CA VAL B 557 -12.56 -10.86 32.93
C VAL B 557 -13.43 -9.62 32.89
N ALA B 558 -14.42 -9.60 32.00
CA ALA B 558 -15.30 -8.45 31.89
C ALA B 558 -16.21 -8.28 33.09
N ILE B 559 -16.59 -9.36 33.76
CA ILE B 559 -17.35 -9.27 35.00
C ILE B 559 -16.48 -8.75 36.14
N GLY B 560 -15.25 -9.25 36.23
CA GLY B 560 -14.35 -8.74 37.27
C GLY B 560 -14.05 -7.27 37.10
N ILE B 561 -13.80 -6.83 35.87
CA ILE B 561 -13.53 -5.42 35.61
C ILE B 561 -14.74 -4.58 35.97
N ASN B 562 -15.93 -5.03 35.58
CA ASN B 562 -17.15 -4.30 35.91
C ASN B 562 -17.39 -4.21 37.40
N ILE B 563 -17.18 -5.28 38.16
CA ILE B 563 -17.30 -5.22 39.61
C ILE B 563 -16.28 -4.27 40.21
N TYR B 564 -15.03 -4.33 39.75
CA TYR B 564 -13.99 -3.45 40.26
C TYR B 564 -14.29 -1.98 39.97
N ARG B 565 -14.89 -1.69 38.81
CA ARG B 565 -15.15 -0.31 38.43
C ARG B 565 -16.21 0.33 39.31
N THR B 566 -17.31 -0.38 39.57
CA THR B 566 -18.43 0.17 40.33
C THR B 566 -18.34 -0.12 41.82
N SER B 567 -17.29 -0.80 42.27
CA SER B 567 -17.10 -1.04 43.70
C SER B 567 -16.47 0.15 44.41
N ASN B 568 -15.93 1.12 43.66
CA ASN B 568 -15.31 2.29 44.27
C ASN B 568 -15.56 3.53 43.41
N VAL B 569 -16.55 4.32 43.82
CA VAL B 569 -16.89 5.56 43.14
C VAL B 569 -16.64 6.70 44.13
N GLU B 570 -15.71 6.47 45.06
CA GLU B 570 -15.48 7.41 46.15
C GLU B 570 -14.99 8.77 45.67
N VAL B 571 -14.40 8.85 44.47
CA VAL B 571 -13.97 10.15 43.97
C VAL B 571 -15.17 11.04 43.71
N LEU B 572 -16.27 10.47 43.21
CA LEU B 572 -17.49 11.26 43.03
C LEU B 572 -18.03 11.75 44.35
N LEU B 573 -17.99 10.92 45.40
CA LEU B 573 -18.45 11.35 46.71
C LEU B 573 -17.56 12.47 47.25
N GLN B 574 -16.25 12.35 47.08
CA GLN B 574 -15.33 13.38 47.54
C GLN B 574 -15.59 14.71 46.82
N PHE B 575 -15.81 14.65 45.50
CA PHE B 575 -16.11 15.87 44.77
C PHE B 575 -17.44 16.47 45.21
N LEU B 576 -18.45 15.63 45.40
CA LEU B 576 -19.76 16.11 45.81
C LEU B 576 -19.74 16.68 47.23
N GLU B 577 -18.76 16.28 48.04
CA GLU B 577 -18.61 16.87 49.36
C GLU B 577 -18.32 18.37 49.26
N ASP B 578 -17.31 18.73 48.47
CA ASP B 578 -16.94 20.12 48.24
C ASP B 578 -16.73 20.32 46.75
N GLN B 579 -17.50 21.23 46.15
CA GLN B 579 -17.54 21.41 44.70
C GLN B 579 -16.73 22.61 44.25
N ASN B 580 -15.60 22.86 44.92
CA ASN B 580 -14.69 23.92 44.53
C ASN B 580 -13.30 23.39 44.21
N THR B 581 -13.17 22.07 44.08
CA THR B 581 -11.89 21.42 43.82
C THR B 581 -11.92 20.76 42.44
N PHE B 582 -10.84 20.06 42.11
CA PHE B 582 -10.73 19.39 40.82
C PHE B 582 -11.26 17.96 40.94
N PRO B 583 -12.25 17.58 40.12
CA PRO B 583 -12.75 16.21 40.15
C PRO B 583 -11.80 15.27 39.41
N ASN B 584 -11.19 14.34 40.14
CA ASN B 584 -10.22 13.41 39.56
C ASN B 584 -10.94 12.18 39.00
N PHE B 585 -11.58 12.37 37.85
CA PHE B 585 -12.33 11.32 37.18
C PHE B 585 -11.49 10.55 36.17
N GLU B 586 -10.18 10.80 36.11
CA GLU B 586 -9.32 10.20 35.11
C GLU B 586 -9.28 8.67 35.18
N HIS B 587 -9.33 8.08 36.37
CA HIS B 587 -9.22 6.63 36.52
C HIS B 587 -10.43 5.91 35.94
N LEU B 588 -11.64 6.41 36.20
CA LEU B 588 -12.84 5.76 35.72
C LEU B 588 -12.90 5.76 34.20
N ALA B 589 -12.47 6.86 33.57
CA ALA B 589 -12.48 6.98 32.13
C ALA B 589 -11.55 5.99 31.44
N TYR B 590 -10.55 5.47 32.13
CA TYR B 590 -9.67 4.45 31.59
C TYR B 590 -10.26 3.05 31.70
N TRP B 591 -10.85 2.72 32.85
CA TRP B 591 -11.46 1.41 33.00
C TRP B 591 -12.73 1.28 32.18
N GLN B 592 -13.42 2.39 31.90
CA GLN B 592 -14.56 2.32 30.98
C GLN B 592 -14.11 1.91 29.59
N ILE B 593 -13.02 2.49 29.10
CA ILE B 593 -12.48 2.09 27.80
C ILE B 593 -12.02 0.64 27.84
N GLN B 594 -11.33 0.26 28.91
CA GLN B 594 -10.83 -1.12 29.00
C GLN B 594 -11.96 -2.13 29.06
N PHE B 595 -13.10 -1.74 29.64
CA PHE B 595 -14.25 -2.64 29.72
C PHE B 595 -15.03 -2.68 28.41
N ASN B 596 -15.15 -1.55 27.70
CA ASN B 596 -15.78 -1.59 26.39
C ASN B 596 -14.96 -2.39 25.40
N ASN B 597 -13.63 -2.33 25.51
CA ASN B 597 -12.77 -3.10 24.62
C ASN B 597 -12.93 -4.60 24.81
N ILE B 598 -13.37 -5.04 25.99
CA ILE B 598 -13.56 -6.46 26.27
C ILE B 598 -15.00 -6.90 25.98
N ALA B 599 -15.97 -6.08 26.37
CA ALA B 599 -17.37 -6.41 26.13
C ALA B 599 -17.75 -6.34 24.66
N ALA B 600 -16.90 -5.79 23.80
CA ALA B 600 -17.15 -5.77 22.38
C ALA B 600 -16.53 -6.96 21.65
N VAL B 601 -15.50 -7.57 22.22
CA VAL B 601 -14.88 -8.76 21.64
C VAL B 601 -15.65 -10.02 22.02
N THR B 602 -16.20 -10.06 23.23
CA THR B 602 -16.99 -11.20 23.66
C THR B 602 -18.21 -11.39 22.78
N VAL B 603 -18.88 -10.29 22.42
CA VAL B 603 -20.06 -10.37 21.57
C VAL B 603 -19.70 -10.93 20.20
N PHE B 604 -18.54 -10.53 19.67
CA PHE B 604 -18.09 -11.03 18.37
C PHE B 604 -17.95 -12.55 18.39
N PHE B 605 -17.29 -13.08 19.41
CA PHE B 605 -17.10 -14.53 19.47
C PHE B 605 -18.40 -15.26 19.78
N VAL B 606 -19.29 -14.64 20.56
CA VAL B 606 -20.60 -15.24 20.79
C VAL B 606 -21.36 -15.37 19.48
N TRP B 607 -21.29 -14.34 18.64
CA TRP B 607 -21.94 -14.43 17.33
C TRP B 607 -21.27 -15.46 16.44
N ILE B 608 -19.94 -15.55 16.49
CA ILE B 608 -19.22 -16.56 15.71
C ILE B 608 -19.62 -17.96 16.15
N LYS B 609 -19.98 -18.12 17.42
CA LYS B 609 -20.36 -19.43 17.95
C LYS B 609 -21.64 -19.97 17.31
N LEU B 610 -22.39 -19.14 16.59
CA LEU B 610 -23.63 -19.60 15.97
C LEU B 610 -23.37 -20.64 14.88
N PHE B 611 -22.16 -20.67 14.31
CA PHE B 611 -21.85 -21.64 13.28
C PHE B 611 -21.95 -23.08 13.79
N LYS B 612 -21.90 -23.26 15.12
CA LYS B 612 -21.96 -24.59 15.70
C LYS B 612 -23.28 -25.29 15.41
N PHE B 613 -24.32 -24.54 15.04
CA PHE B 613 -25.66 -25.11 14.93
C PHE B 613 -26.26 -25.04 13.53
N ILE B 614 -25.54 -24.54 12.54
CA ILE B 614 -26.06 -24.42 11.18
C ILE B 614 -25.61 -25.66 10.40
N ASN B 615 -26.39 -26.73 10.53
CA ASN B 615 -26.24 -27.93 9.71
C ASN B 615 -27.60 -28.54 9.40
N PHE B 616 -28.63 -27.71 9.28
CA PHE B 616 -30.01 -28.18 9.26
C PHE B 616 -30.42 -28.88 7.97
N ASN B 617 -29.60 -28.84 6.92
CA ASN B 617 -29.94 -29.55 5.70
C ASN B 617 -28.67 -30.11 5.07
N ARG B 618 -28.83 -30.72 3.89
CA ARG B 618 -27.75 -31.40 3.21
C ARG B 618 -26.94 -30.49 2.30
N THR B 619 -27.31 -29.21 2.21
CA THR B 619 -26.53 -28.23 1.47
C THR B 619 -25.75 -27.28 2.35
N MET B 620 -26.15 -27.10 3.61
CA MET B 620 -25.34 -26.37 4.58
C MET B 620 -24.18 -27.21 5.11
N SER B 621 -24.26 -28.53 4.99
CA SER B 621 -23.21 -29.40 5.52
C SER B 621 -21.97 -29.40 4.66
N GLN B 622 -22.11 -29.40 3.34
CA GLN B 622 -20.95 -29.38 2.46
C GLN B 622 -20.30 -28.01 2.36
N LEU B 623 -21.07 -26.94 2.56
CA LEU B 623 -20.48 -25.60 2.59
C LEU B 623 -19.57 -25.41 3.78
N SER B 624 -19.79 -26.16 4.86
CA SER B 624 -18.89 -26.15 6.02
C SER B 624 -17.82 -27.22 5.92
N THR B 625 -18.12 -28.35 5.29
CA THR B 625 -17.10 -29.37 5.06
C THR B 625 -16.00 -28.84 4.16
N THR B 626 -16.36 -28.03 3.17
CA THR B 626 -15.36 -27.44 2.28
C THR B 626 -14.37 -26.60 3.07
N MET B 627 -14.88 -25.72 3.94
CA MET B 627 -13.99 -24.90 4.75
C MET B 627 -13.17 -25.75 5.71
N SER B 628 -13.80 -26.73 6.35
CA SER B 628 -13.09 -27.60 7.29
C SER B 628 -12.01 -28.44 6.62
N ARG B 629 -12.12 -28.70 5.32
CA ARG B 629 -11.11 -29.47 4.60
C ARG B 629 -10.12 -28.60 3.84
N CYS B 630 -10.41 -27.30 3.65
CA CYS B 630 -9.45 -26.40 3.04
C CYS B 630 -8.77 -25.50 4.07
N ALA B 631 -9.15 -25.61 5.35
CA ALA B 631 -8.48 -24.87 6.40
C ALA B 631 -7.15 -25.48 6.80
N LYS B 632 -6.88 -26.71 6.38
CA LYS B 632 -5.58 -27.34 6.60
C LYS B 632 -4.58 -26.99 5.52
N ASP B 633 -5.03 -26.81 4.28
CA ASP B 633 -4.15 -26.46 3.18
C ASP B 633 -3.90 -24.96 3.08
N LEU B 634 -4.86 -24.14 3.50
CA LEU B 634 -4.67 -22.70 3.45
C LEU B 634 -3.71 -22.23 4.53
N PHE B 635 -3.68 -22.94 5.67
CA PHE B 635 -2.78 -22.56 6.75
C PHE B 635 -1.32 -22.69 6.34
N GLY B 636 -0.99 -23.74 5.58
CA GLY B 636 0.37 -23.90 5.11
C GLY B 636 0.81 -22.80 4.17
N PHE B 637 -0.06 -22.37 3.25
CA PHE B 637 0.27 -21.30 2.34
C PHE B 637 0.24 -19.93 3.00
N ALA B 638 -0.50 -19.78 4.10
CA ALA B 638 -0.56 -18.49 4.78
C ALA B 638 0.80 -18.09 5.34
N ILE B 639 1.54 -19.04 5.90
CA ILE B 639 2.86 -18.74 6.43
C ILE B 639 3.79 -18.26 5.32
N MET B 640 3.78 -18.96 4.19
CA MET B 640 4.61 -18.56 3.06
C MET B 640 4.21 -17.19 2.53
N PHE B 641 2.92 -16.89 2.52
CA PHE B 641 2.46 -15.57 2.09
C PHE B 641 2.95 -14.49 3.03
N PHE B 642 2.74 -14.68 4.33
CA PHE B 642 3.04 -13.64 5.31
C PHE B 642 4.52 -13.50 5.61
N ILE B 643 5.35 -14.46 5.26
CA ILE B 643 6.79 -14.26 5.35
C ILE B 643 7.27 -13.26 4.31
N ILE B 644 6.83 -13.42 3.06
CA ILE B 644 7.16 -12.44 2.02
C ILE B 644 6.47 -11.10 2.30
N PHE B 645 5.28 -11.13 2.87
CA PHE B 645 4.61 -9.89 3.27
C PHE B 645 5.47 -9.10 4.25
N LEU B 646 6.00 -9.78 5.27
CA LEU B 646 6.87 -9.09 6.23
C LEU B 646 8.20 -8.72 5.61
N ALA B 647 8.69 -9.51 4.64
CA ALA B 647 9.91 -9.15 3.94
C ALA B 647 9.77 -7.84 3.17
N TYR B 648 8.65 -7.63 2.48
CA TYR B 648 8.36 -6.32 1.90
C TYR B 648 8.16 -5.25 2.97
N ALA B 649 7.47 -5.58 4.06
CA ALA B 649 7.15 -4.57 5.06
C ALA B 649 8.42 -4.00 5.70
N GLN B 650 9.36 -4.88 6.07
CA GLN B 650 10.58 -4.41 6.71
C GLN B 650 11.46 -3.63 5.74
N LEU B 651 11.52 -4.04 4.48
CA LEU B 651 12.29 -3.29 3.49
C LEU B 651 11.72 -1.90 3.30
N ALA B 652 10.39 -1.80 3.20
CA ALA B 652 9.76 -0.49 3.09
C ALA B 652 10.02 0.36 4.33
N TYR B 653 9.96 -0.26 5.51
CA TYR B 653 10.22 0.47 6.75
C TYR B 653 11.64 1.03 6.76
N LEU B 654 12.62 0.23 6.34
CA LEU B 654 14.00 0.69 6.37
C LEU B 654 14.29 1.74 5.32
N VAL B 655 13.68 1.63 4.13
CA VAL B 655 14.01 2.55 3.05
C VAL B 655 13.18 3.82 3.12
N PHE B 656 11.85 3.70 3.13
CA PHE B 656 10.98 4.86 3.11
C PHE B 656 10.57 5.35 4.49
N GLY B 657 10.94 4.65 5.55
CA GLY B 657 10.44 4.97 6.87
C GLY B 657 11.10 6.15 7.54
N THR B 658 11.64 7.08 6.75
CA THR B 658 12.26 8.27 7.28
C THR B 658 11.69 9.55 6.65
N GLN B 659 11.11 9.48 5.46
CA GLN B 659 10.68 10.68 4.75
C GLN B 659 9.29 10.58 4.13
N VAL B 660 8.47 9.61 4.54
CA VAL B 660 7.13 9.49 3.97
C VAL B 660 6.10 9.90 5.01
N ASP B 661 6.11 9.21 6.16
CA ASP B 661 5.21 9.09 7.32
C ASP B 661 4.14 8.01 7.10
N ASP B 662 4.07 7.45 5.89
CA ASP B 662 3.21 6.29 5.69
C ASP B 662 3.92 5.01 6.05
N PHE B 663 5.24 5.07 6.24
CA PHE B 663 6.05 3.96 6.68
C PHE B 663 6.87 4.30 7.92
N SER B 664 6.41 5.28 8.70
CA SER B 664 7.19 5.77 9.83
C SER B 664 7.42 4.68 10.87
N THR B 665 6.40 3.87 11.15
CA THR B 665 6.52 2.76 12.07
C THR B 665 6.12 1.47 11.37
N PHE B 666 6.54 0.34 11.94
CA PHE B 666 6.36 -0.95 11.30
C PHE B 666 4.88 -1.28 11.11
N GLN B 667 4.06 -1.00 12.14
CA GLN B 667 2.64 -1.23 12.01
C GLN B 667 2.05 -0.42 10.86
N GLU B 668 2.50 0.84 10.72
CA GLU B 668 2.04 1.66 9.61
C GLU B 668 2.48 1.07 8.28
N CYS B 669 3.67 0.47 8.22
CA CYS B 669 4.09 -0.18 7.00
C CYS B 669 3.19 -1.36 6.65
N ILE B 670 2.79 -2.15 7.65
CA ILE B 670 1.88 -3.26 7.39
C ILE B 670 0.52 -2.77 6.90
N PHE B 671 -0.02 -1.75 7.58
CA PHE B 671 -1.34 -1.26 7.21
C PHE B 671 -1.32 -0.58 5.84
N THR B 672 -0.20 0.05 5.47
CA THR B 672 -0.08 0.63 4.14
C THR B 672 -0.14 -0.44 3.04
N GLN B 673 0.52 -1.58 3.24
CA GLN B 673 0.44 -2.66 2.27
C GLN B 673 -0.96 -3.27 2.22
N PHE B 674 -1.60 -3.42 3.38
CA PHE B 674 -2.99 -3.87 3.37
C PHE B 674 -3.88 -2.89 2.61
N ARG B 675 -3.59 -1.59 2.71
CA ARG B 675 -4.32 -0.60 1.93
C ARG B 675 -3.91 -0.60 0.46
N ILE B 676 -2.69 -1.03 0.15
CA ILE B 676 -2.31 -1.18 -1.25
C ILE B 676 -3.11 -2.30 -1.89
N ILE B 677 -3.34 -3.39 -1.14
CA ILE B 677 -4.15 -4.50 -1.65
C ILE B 677 -5.52 -4.01 -2.06
N LEU B 678 -6.13 -3.13 -1.25
CA LEU B 678 -7.43 -2.58 -1.58
C LEU B 678 -7.37 -1.60 -2.75
N GLY B 679 -6.19 -1.21 -3.18
CA GLY B 679 -6.06 -0.16 -4.18
C GLY B 679 -6.48 1.19 -3.66
N ASP B 680 -6.11 1.52 -2.43
CA ASP B 680 -6.51 2.77 -1.79
C ASP B 680 -5.46 3.87 -1.91
N ILE B 681 -4.22 3.59 -1.57
CA ILE B 681 -3.20 4.62 -1.47
C ILE B 681 -2.69 4.96 -2.86
N ASN B 682 -2.26 6.22 -3.04
CA ASN B 682 -1.64 6.69 -4.26
C ASN B 682 -0.17 6.94 -3.99
N PHE B 683 0.67 6.59 -4.97
CA PHE B 683 2.12 6.60 -4.78
C PHE B 683 2.71 7.93 -5.21
N ALA B 684 1.95 9.02 -5.08
CA ALA B 684 2.40 10.31 -5.55
C ALA B 684 3.67 10.79 -4.85
N GLU B 685 3.92 10.31 -3.63
CA GLU B 685 5.05 10.78 -2.84
C GLU B 685 6.08 9.71 -2.52
N ILE B 686 5.85 8.45 -2.92
CA ILE B 686 6.79 7.38 -2.60
C ILE B 686 8.14 7.64 -3.27
N GLU B 687 8.12 8.00 -4.55
CA GLU B 687 9.36 8.21 -5.28
C GLU B 687 10.16 9.40 -4.75
N GLU B 688 9.52 10.32 -4.04
CA GLU B 688 10.23 11.47 -3.49
C GLU B 688 11.25 11.06 -2.43
N ALA B 689 10.92 10.07 -1.60
CA ALA B 689 11.87 9.58 -0.62
C ALA B 689 13.04 8.85 -1.28
N ASN B 690 12.81 8.17 -2.40
CA ASN B 690 13.86 7.49 -3.13
C ASN B 690 13.34 7.19 -4.53
N ARG B 691 14.20 7.36 -5.53
CA ARG B 691 13.82 7.13 -6.92
C ARG B 691 14.29 5.79 -7.47
N VAL B 692 15.41 5.26 -6.99
CA VAL B 692 15.87 3.94 -7.43
C VAL B 692 14.90 2.87 -6.94
N LEU B 693 14.54 2.93 -5.67
CA LEU B 693 13.64 1.96 -5.06
C LEU B 693 12.22 2.48 -4.90
N GLY B 694 11.90 3.62 -5.49
CA GLY B 694 10.59 4.22 -5.33
C GLY B 694 9.50 3.49 -6.10
N PRO B 695 9.57 3.55 -7.43
CA PRO B 695 8.55 2.87 -8.24
C PRO B 695 8.81 1.38 -8.39
N ILE B 696 10.08 0.99 -8.24
CA ILE B 696 10.43 -0.42 -8.33
C ILE B 696 9.71 -1.21 -7.24
N TYR B 697 9.75 -0.70 -6.01
CA TYR B 697 9.09 -1.37 -4.90
C TYR B 697 7.59 -1.55 -5.18
N PHE B 698 6.94 -0.46 -5.60
CA PHE B 698 5.51 -0.52 -5.85
C PHE B 698 5.17 -1.51 -6.96
N THR B 699 5.91 -1.46 -8.07
CA THR B 699 5.60 -2.33 -9.20
C THR B 699 5.83 -3.80 -8.84
N THR B 700 6.98 -4.12 -8.24
CA THR B 700 7.24 -5.50 -7.87
C THR B 700 6.25 -6.01 -6.83
N PHE B 701 5.91 -5.17 -5.85
CA PHE B 701 4.91 -5.57 -4.86
C PHE B 701 3.59 -5.91 -5.52
N VAL B 702 3.09 -5.00 -6.35
CA VAL B 702 1.78 -5.22 -6.99
C VAL B 702 1.83 -6.47 -7.86
N PHE B 703 2.88 -6.61 -8.66
CA PHE B 703 2.98 -7.75 -9.56
C PHE B 703 3.03 -9.07 -8.79
N PHE B 704 3.87 -9.15 -7.77
CA PHE B 704 4.10 -10.44 -7.12
C PHE B 704 3.02 -10.78 -6.10
N MET B 705 2.31 -9.79 -5.56
CA MET B 705 1.33 -10.04 -4.52
C MET B 705 -0.09 -9.70 -4.95
N PHE B 706 -0.29 -9.46 -6.24
CA PHE B 706 -1.61 -9.10 -6.73
C PHE B 706 -1.92 -9.79 -8.04
N PHE B 707 -1.06 -10.73 -8.42
CA PHE B 707 -1.26 -11.44 -9.68
C PHE B 707 -0.64 -12.83 -9.67
N ILE B 708 0.12 -13.15 -8.63
CA ILE B 708 0.78 -14.44 -8.55
C ILE B 708 0.65 -15.08 -7.18
N LEU B 709 0.62 -14.27 -6.14
CA LEU B 709 0.53 -14.80 -4.78
C LEU B 709 -0.84 -14.63 -4.15
N LEU B 710 -1.62 -13.66 -4.62
CA LEU B 710 -2.94 -13.42 -4.06
C LEU B 710 -3.99 -14.33 -4.70
N ASN B 711 -3.63 -14.97 -5.80
CA ASN B 711 -4.53 -15.88 -6.49
C ASN B 711 -4.52 -17.25 -5.84
N MET B 712 -3.33 -17.79 -5.61
CA MET B 712 -3.22 -19.11 -5.01
C MET B 712 -4.22 -19.31 -3.89
N PHE B 713 -4.61 -18.24 -3.19
CA PHE B 713 -5.64 -18.35 -2.18
C PHE B 713 -6.99 -18.70 -2.80
N ALA B 714 -7.23 -18.27 -4.03
CA ALA B 714 -8.48 -18.57 -4.71
C ALA B 714 -8.46 -19.98 -5.31
N ALA B 715 -7.50 -20.23 -6.21
CA ALA B 715 -7.38 -21.51 -6.89
C ALA B 715 -7.55 -22.68 -5.94
N ILE B 716 -6.70 -22.72 -4.91
CA ILE B 716 -6.78 -23.79 -3.90
C ILE B 716 -8.22 -24.01 -3.48
N ILE B 717 -8.86 -22.96 -2.99
CA ILE B 717 -10.23 -23.08 -2.47
C ILE B 717 -11.12 -23.69 -3.54
N ALA B 718 -11.07 -23.13 -4.76
CA ALA B 718 -11.89 -23.64 -5.83
C ALA B 718 -11.67 -25.13 -6.01
N ASP B 719 -10.41 -25.54 -6.13
CA ASP B 719 -10.11 -26.95 -6.34
C ASP B 719 -10.72 -27.77 -5.22
N THR B 720 -10.51 -27.35 -3.97
CA THR B 720 -11.04 -28.10 -2.84
C THR B 720 -12.53 -28.31 -3.01
N TYR B 721 -13.25 -27.22 -3.28
CA TYR B 721 -14.70 -27.31 -3.41
C TYR B 721 -15.06 -28.42 -4.40
N SER B 722 -14.41 -28.41 -5.56
CA SER B 722 -14.74 -29.38 -6.59
C SER B 722 -14.65 -30.79 -6.05
N GLU B 723 -13.51 -31.15 -5.44
CA GLU B 723 -13.33 -32.53 -5.01
C GLU B 723 -14.36 -32.87 -3.94
N VAL B 724 -14.66 -31.92 -3.06
CA VAL B 724 -15.64 -32.17 -2.02
C VAL B 724 -16.96 -32.58 -2.64
N LYS B 725 -17.39 -31.87 -3.68
CA LYS B 725 -18.63 -32.22 -4.34
C LYS B 725 -18.57 -33.65 -4.85
N SER B 726 -17.48 -34.00 -5.52
CA SER B 726 -17.32 -35.38 -5.97
C SER B 726 -17.35 -36.33 -4.79
N ASP B 727 -16.65 -35.96 -3.71
CA ASP B 727 -16.53 -36.82 -2.54
C ASP B 727 -17.89 -37.00 -1.87
N LEU B 728 -18.90 -36.28 -2.35
CA LEU B 728 -20.27 -36.55 -1.95
C LEU B 728 -21.06 -37.24 -3.05
N ALA B 729 -20.88 -36.78 -4.30
CA ALA B 729 -21.70 -37.29 -5.40
C ALA B 729 -21.49 -38.78 -5.59
N GLN B 730 -20.24 -39.24 -5.54
CA GLN B 730 -19.96 -40.66 -5.63
C GLN B 730 -20.65 -41.43 -4.52
N GLN B 731 -20.65 -40.87 -3.30
CA GLN B 731 -21.33 -41.51 -2.19
C GLN B 731 -22.84 -41.63 -2.44
N LYS B 732 -23.40 -40.75 -3.26
CA LYS B 732 -24.81 -40.90 -3.63
C LYS B 732 -24.99 -42.00 -4.67
N ALA B 733 -24.00 -42.17 -5.56
CA ALA B 733 -24.08 -43.23 -6.55
C ALA B 733 -23.95 -44.62 -5.93
N GLU B 734 -23.29 -44.71 -4.78
CA GLU B 734 -23.17 -46.00 -4.10
C GLU B 734 -24.53 -46.52 -3.64
N MET B 735 -25.38 -45.63 -3.11
CA MET B 735 -26.71 -46.03 -2.66
C MET B 735 -27.73 -45.91 -3.79
N LYS C 252 -49.38 -24.60 -32.16
CA LYS C 252 -50.18 -24.81 -30.96
C LYS C 252 -49.40 -24.43 -29.71
N TYR C 253 -48.08 -24.37 -29.83
CA TYR C 253 -47.20 -23.96 -28.74
C TYR C 253 -46.48 -22.65 -29.05
N LEU C 254 -45.98 -22.49 -30.28
CA LEU C 254 -45.34 -21.24 -30.65
C LEU C 254 -46.31 -20.07 -30.63
N LYS C 255 -47.59 -20.33 -30.90
CA LYS C 255 -48.60 -19.28 -30.90
C LYS C 255 -48.74 -18.66 -29.51
N SER C 256 -48.75 -19.48 -28.47
CA SER C 256 -48.86 -18.97 -27.11
C SER C 256 -47.65 -18.10 -26.76
N VAL C 257 -46.45 -18.57 -27.11
CA VAL C 257 -45.25 -17.80 -26.82
C VAL C 257 -45.28 -16.46 -27.57
N LEU C 258 -45.70 -16.49 -28.84
CA LEU C 258 -45.75 -15.25 -29.62
C LEU C 258 -46.78 -14.27 -29.06
N ARG C 259 -47.96 -14.76 -28.68
CA ARG C 259 -48.97 -13.85 -28.13
C ARG C 259 -48.51 -13.28 -26.80
N GLU C 260 -47.89 -14.10 -25.95
CA GLU C 260 -47.36 -13.58 -24.69
C GLU C 260 -46.28 -12.54 -24.95
N LEU C 261 -45.40 -12.80 -25.92
CA LEU C 261 -44.32 -11.86 -26.21
C LEU C 261 -44.84 -10.54 -26.73
N VAL C 262 -45.82 -10.57 -27.64
CA VAL C 262 -46.33 -9.32 -28.19
C VAL C 262 -47.11 -8.55 -27.14
N THR C 263 -47.89 -9.25 -26.30
CA THR C 263 -48.59 -8.59 -25.21
C THR C 263 -47.61 -7.92 -24.26
N TYR C 264 -46.53 -8.62 -23.90
CA TYR C 264 -45.54 -8.05 -23.01
C TYR C 264 -44.82 -6.86 -23.64
N LEU C 265 -44.51 -6.93 -24.94
CA LEU C 265 -43.88 -5.78 -25.59
C LEU C 265 -44.80 -4.56 -25.61
N LEU C 266 -46.08 -4.76 -25.88
CA LEU C 266 -47.01 -3.64 -25.84
C LEU C 266 -47.10 -3.06 -24.42
N PHE C 267 -47.18 -3.92 -23.42
CA PHE C 267 -47.23 -3.44 -22.04
C PHE C 267 -45.95 -2.68 -21.68
N LEU C 268 -44.80 -3.20 -22.10
CA LEU C 268 -43.54 -2.55 -21.80
C LEU C 268 -43.43 -1.19 -22.46
N ILE C 269 -43.84 -1.07 -23.73
CA ILE C 269 -43.74 0.22 -24.40
C ILE C 269 -44.70 1.22 -23.78
N VAL C 270 -45.91 0.78 -23.41
CA VAL C 270 -46.84 1.67 -22.73
C VAL C 270 -46.26 2.15 -21.40
N LEU C 271 -45.71 1.23 -20.62
CA LEU C 271 -45.14 1.61 -19.33
C LEU C 271 -43.97 2.57 -19.50
N CYS C 272 -43.08 2.29 -20.45
CA CYS C 272 -41.92 3.14 -20.66
C CYS C 272 -42.32 4.54 -21.13
N ILE C 273 -43.29 4.63 -22.05
CA ILE C 273 -43.70 5.94 -22.54
C ILE C 273 -44.46 6.71 -21.47
N LEU C 274 -45.16 5.99 -20.58
CA LEU C 274 -45.97 6.66 -19.58
C LEU C 274 -45.11 7.27 -18.47
N THR C 275 -44.08 6.56 -18.03
CA THR C 275 -43.28 7.03 -16.90
C THR C 275 -42.22 8.05 -17.30
N TYR C 276 -42.03 8.32 -18.59
CA TYR C 276 -41.10 9.33 -19.04
C TYR C 276 -41.79 10.62 -19.45
N GLY C 277 -43.12 10.63 -19.55
CA GLY C 277 -43.86 11.86 -19.73
C GLY C 277 -44.10 12.63 -18.46
N MET C 278 -43.70 12.08 -17.32
CA MET C 278 -43.82 12.74 -16.02
C MET C 278 -42.46 13.21 -15.49
N MET C 279 -41.46 13.29 -16.37
CA MET C 279 -40.12 13.73 -16.01
C MET C 279 -39.70 14.84 -16.97
N SER C 280 -39.57 16.06 -16.45
CA SER C 280 -39.15 17.21 -17.21
C SER C 280 -37.80 17.70 -16.69
N SER C 281 -37.03 18.33 -17.55
CA SER C 281 -35.72 18.83 -17.13
C SER C 281 -35.81 20.03 -16.21
N ASN C 282 -36.99 20.60 -16.01
CA ASN C 282 -37.15 21.75 -15.12
C ASN C 282 -37.40 21.34 -13.67
N VAL C 283 -37.97 20.16 -13.45
CA VAL C 283 -38.34 19.74 -12.10
C VAL C 283 -37.12 19.60 -11.20
N TYR C 284 -35.94 19.37 -11.77
CA TYR C 284 -34.70 19.28 -11.02
C TYR C 284 -33.97 20.62 -10.94
N TYR C 285 -33.90 21.36 -12.05
CA TYR C 285 -33.22 22.64 -12.03
C TYR C 285 -33.91 23.64 -11.11
N TYR C 286 -35.25 23.63 -11.09
CA TYR C 286 -35.98 24.51 -10.20
C TYR C 286 -35.70 24.18 -8.75
N THR C 287 -35.67 22.89 -8.42
CA THR C 287 -35.36 22.47 -7.06
C THR C 287 -33.95 22.91 -6.67
N ARG C 288 -32.98 22.72 -7.57
CA ARG C 288 -31.61 23.11 -7.26
C ARG C 288 -31.50 24.63 -7.07
N MET C 289 -32.17 25.41 -7.91
CA MET C 289 -32.12 26.86 -7.77
C MET C 289 -32.76 27.31 -6.47
N MET C 290 -33.90 26.71 -6.10
CA MET C 290 -34.52 27.05 -4.82
C MET C 290 -33.63 26.67 -3.65
N SER C 291 -32.94 25.53 -3.74
CA SER C 291 -32.01 25.15 -2.69
C SER C 291 -30.86 26.15 -2.58
N GLN C 292 -30.35 26.62 -3.72
CA GLN C 292 -29.31 27.64 -3.67
C GLN C 292 -29.81 28.96 -3.11
N LEU C 293 -31.07 29.30 -3.37
CA LEU C 293 -31.61 30.59 -2.94
C LEU C 293 -31.62 30.72 -1.42
N PHE C 294 -32.03 29.66 -0.72
CA PHE C 294 -32.18 29.74 0.73
C PHE C 294 -30.98 29.15 1.47
N LEU C 295 -30.54 27.96 1.08
CA LEU C 295 -29.57 27.20 1.84
C LEU C 295 -28.13 27.61 1.58
N ASP C 296 -27.88 28.46 0.59
CA ASP C 296 -26.52 28.77 0.21
C ASP C 296 -26.12 30.21 0.46
N THR C 297 -27.05 31.15 0.45
CA THR C 297 -26.70 32.53 0.74
C THR C 297 -26.31 32.68 2.20
N PRO C 298 -25.39 33.58 2.52
CA PRO C 298 -25.00 33.79 3.92
C PRO C 298 -26.16 34.32 4.74
N VAL C 299 -26.12 34.03 6.05
CA VAL C 299 -27.21 34.41 6.93
C VAL C 299 -27.45 35.92 6.88
N SER C 300 -26.38 36.70 6.95
CA SER C 300 -26.43 38.13 6.75
C SER C 300 -25.54 38.49 5.55
N LYS C 301 -25.37 39.79 5.33
CA LYS C 301 -24.41 40.27 4.33
C LYS C 301 -23.02 40.46 4.92
N THR C 302 -22.80 39.97 6.14
CA THR C 302 -21.50 40.10 6.80
C THR C 302 -20.94 38.77 7.32
N GLU C 303 -21.79 37.84 7.72
CA GLU C 303 -21.34 36.55 8.25
C GLU C 303 -21.11 35.55 7.13
N LYS C 304 -20.42 34.46 7.47
CA LYS C 304 -20.09 33.41 6.51
C LYS C 304 -20.97 32.17 6.66
N THR C 305 -21.82 32.12 7.68
CA THR C 305 -22.63 30.94 7.95
C THR C 305 -23.94 31.00 7.16
N ASN C 306 -24.22 29.95 6.42
CA ASN C 306 -25.51 29.82 5.74
C ASN C 306 -26.43 28.96 6.60
N PHE C 307 -27.61 28.63 6.06
CA PHE C 307 -28.58 27.87 6.86
C PHE C 307 -28.07 26.48 7.19
N LYS C 308 -27.42 25.81 6.24
CA LYS C 308 -26.97 24.44 6.43
C LYS C 308 -25.73 24.35 7.32
N THR C 309 -25.30 25.46 7.94
CA THR C 309 -24.18 25.43 8.88
C THR C 309 -24.50 26.22 10.14
N LEU C 310 -25.75 26.19 10.60
CA LEU C 310 -26.11 26.88 11.82
C LEU C 310 -25.45 26.22 13.02
N SER C 311 -25.23 27.00 14.08
CA SER C 311 -24.57 26.48 15.27
C SER C 311 -25.20 26.92 16.58
N SER C 312 -26.22 27.79 16.56
CA SER C 312 -26.82 28.27 17.80
C SER C 312 -28.15 28.92 17.49
N MET C 313 -28.92 29.18 18.55
CA MET C 313 -30.21 29.85 18.40
C MET C 313 -30.06 31.26 17.86
N GLU C 314 -29.00 31.98 18.23
CA GLU C 314 -28.80 33.33 17.74
C GLU C 314 -28.62 33.34 16.22
N ASP C 315 -27.90 32.35 15.69
CA ASP C 315 -27.77 32.23 14.23
C ASP C 315 -29.12 31.99 13.58
N PHE C 316 -29.97 31.17 14.20
CA PHE C 316 -31.31 30.93 13.68
C PHE C 316 -32.12 32.22 13.66
N TRP C 317 -32.04 33.00 14.74
CA TRP C 317 -32.74 34.28 14.78
C TRP C 317 -32.21 35.22 13.71
N LYS C 318 -30.91 35.17 13.44
CA LYS C 318 -30.35 35.95 12.34
C LYS C 318 -30.92 35.50 10.99
N PHE C 319 -31.10 34.18 10.82
CA PHE C 319 -31.57 33.66 9.54
C PHE C 319 -33.01 34.04 9.26
N THR C 320 -33.88 33.88 10.25
CA THR C 320 -35.29 34.20 10.06
C THR C 320 -35.55 35.69 9.93
N GLU C 321 -34.58 36.53 10.26
CA GLU C 321 -34.64 37.97 10.06
C GLU C 321 -33.61 38.40 9.03
N GLY C 322 -33.46 37.59 7.98
CA GLY C 322 -32.36 37.73 7.06
C GLY C 322 -32.65 37.06 5.73
N SER C 323 -31.67 36.28 5.26
CA SER C 323 -31.74 35.56 3.99
C SER C 323 -33.10 34.93 3.73
N LEU C 324 -33.76 34.43 4.77
CA LEU C 324 -35.10 33.88 4.61
C LEU C 324 -36.06 34.90 4.03
N LEU C 325 -36.04 36.13 4.57
CA LEU C 325 -36.93 37.16 4.08
C LEU C 325 -36.52 37.62 2.68
N ASP C 326 -35.23 37.70 2.41
CA ASP C 326 -34.76 38.12 1.09
C ASP C 326 -35.19 37.13 0.01
N GLY C 327 -35.07 35.83 0.28
CA GLY C 327 -35.47 34.84 -0.69
C GLY C 327 -36.97 34.66 -0.77
N LEU C 328 -37.68 34.85 0.35
CA LEU C 328 -39.12 34.67 0.36
C LEU C 328 -39.83 35.82 -0.35
N TYR C 329 -39.37 37.05 -0.13
CA TYR C 329 -39.90 38.23 -0.81
C TYR C 329 -38.77 38.78 -1.67
N TRP C 330 -38.69 38.27 -2.89
CA TRP C 330 -37.56 38.60 -3.77
C TRP C 330 -37.69 40.03 -4.28
N LYS C 331 -36.60 40.52 -4.86
CA LYS C 331 -36.53 41.86 -5.45
C LYS C 331 -37.59 42.05 -6.52
N TYR C 348 -36.15 32.13 -8.34
CA TYR C 348 -35.83 33.54 -8.12
C TYR C 348 -36.98 34.43 -8.60
N GLU C 349 -37.56 34.07 -9.73
CA GLU C 349 -38.65 34.83 -10.34
C GLU C 349 -40.02 34.30 -9.95
N ASN C 350 -40.14 33.74 -8.74
CA ASN C 350 -41.36 33.11 -8.26
C ASN C 350 -42.19 34.10 -7.46
N LEU C 351 -43.41 33.68 -7.15
CA LEU C 351 -44.31 34.45 -6.30
C LEU C 351 -44.84 33.54 -5.20
N LEU C 352 -45.12 34.14 -4.04
CA LEU C 352 -45.66 33.41 -2.91
C LEU C 352 -47.18 33.31 -3.03
N LEU C 353 -47.74 32.18 -2.61
CA LEU C 353 -49.17 32.01 -2.49
C LEU C 353 -49.50 31.58 -1.06
N GLY C 354 -50.63 32.06 -0.56
CA GLY C 354 -50.96 31.79 0.83
C GLY C 354 -50.11 32.65 1.74
N VAL C 355 -49.56 32.04 2.79
CA VAL C 355 -48.72 32.75 3.75
C VAL C 355 -47.89 31.72 4.52
N PRO C 356 -46.60 31.97 4.75
CA PRO C 356 -45.79 31.00 5.50
C PRO C 356 -46.22 30.90 6.95
N ARG C 357 -45.84 29.80 7.59
CA ARG C 357 -46.18 29.57 8.99
C ARG C 357 -44.98 29.00 9.72
N ILE C 358 -44.78 29.46 10.95
CA ILE C 358 -43.65 29.04 11.78
C ILE C 358 -44.20 28.44 13.07
N ARG C 359 -43.73 27.23 13.41
CA ARG C 359 -44.25 26.49 14.54
C ARG C 359 -43.08 25.94 15.35
N GLN C 360 -43.29 25.72 16.65
CA GLN C 360 -42.28 25.12 17.49
C GLN C 360 -42.90 24.08 18.39
N LEU C 361 -42.07 23.10 18.77
CA LEU C 361 -42.42 22.05 19.71
C LEU C 361 -41.40 22.06 20.85
N ARG C 362 -41.90 22.00 22.08
CA ARG C 362 -41.07 22.18 23.25
C ARG C 362 -41.48 21.19 24.34
N VAL C 363 -40.55 20.93 25.26
CA VAL C 363 -40.80 20.07 26.38
C VAL C 363 -40.97 20.94 27.63
N ARG C 364 -41.39 20.32 28.73
CA ARG C 364 -41.74 21.05 29.94
C ARG C 364 -40.70 20.82 31.03
N ASN C 365 -40.51 21.83 31.85
CA ASN C 365 -39.70 21.71 33.05
C ASN C 365 -40.33 20.70 34.00
N GLY C 366 -39.49 19.93 34.68
CA GLY C 366 -39.97 18.90 35.58
C GLY C 366 -40.27 17.57 34.93
N SER C 367 -39.96 17.41 33.65
CA SER C 367 -40.06 16.13 32.95
C SER C 367 -38.80 15.30 33.11
N CYS C 368 -38.05 15.56 34.17
CA CYS C 368 -36.68 15.09 34.33
C CYS C 368 -36.44 14.78 35.80
N SER C 369 -35.45 13.94 36.06
CA SER C 369 -35.18 13.48 37.42
C SER C 369 -33.72 13.73 37.74
N ILE C 370 -33.45 14.83 38.45
CA ILE C 370 -32.10 15.16 38.91
C ILE C 370 -31.74 14.18 40.03
N PRO C 371 -30.51 13.67 40.05
CA PRO C 371 -30.08 12.89 41.22
C PRO C 371 -30.09 13.72 42.48
N GLN C 372 -30.40 13.05 43.59
CA GLN C 372 -30.51 13.75 44.88
C GLN C 372 -29.17 14.30 45.34
N ASP C 373 -28.07 13.73 44.86
CA ASP C 373 -26.75 14.12 45.37
C ASP C 373 -26.44 15.58 45.05
N LEU C 374 -26.74 16.02 43.82
CA LEU C 374 -26.40 17.36 43.38
C LEU C 374 -27.65 18.17 43.02
N ARG C 375 -28.74 17.93 43.75
CA ARG C 375 -29.99 18.64 43.48
C ARG C 375 -29.84 20.15 43.64
N ASP C 376 -28.97 20.59 44.55
CA ASP C 376 -28.82 22.02 44.83
C ASP C 376 -28.16 22.78 43.68
N GLU C 377 -27.34 22.12 42.87
CA GLU C 377 -26.62 22.81 41.80
C GLU C 377 -27.43 22.95 40.54
N ILE C 378 -28.25 21.96 40.18
CA ILE C 378 -29.11 22.01 39.01
C ILE C 378 -30.54 22.20 39.49
N LYS C 379 -31.16 23.30 39.09
CA LYS C 379 -32.52 23.60 39.50
C LYS C 379 -33.57 23.04 38.56
N GLU C 380 -33.21 22.74 37.31
CA GLU C 380 -34.17 22.18 36.37
C GLU C 380 -33.42 21.52 35.23
N CYS C 381 -34.00 20.45 34.69
CA CYS C 381 -33.51 19.80 33.47
C CYS C 381 -34.71 19.44 32.60
N TYR C 382 -34.53 19.55 31.29
CA TYR C 382 -35.57 19.21 30.34
C TYR C 382 -35.20 17.92 29.62
N ASP C 383 -36.15 16.99 29.55
CA ASP C 383 -35.88 15.67 29.00
C ASP C 383 -35.82 15.74 27.48
N VAL C 384 -35.42 14.64 26.85
CA VAL C 384 -35.42 14.53 25.40
C VAL C 384 -36.88 14.48 24.93
N TYR C 385 -37.11 14.95 23.71
CA TYR C 385 -38.48 15.06 23.20
C TYR C 385 -39.15 13.70 23.16
N SER C 386 -40.40 13.67 23.62
CA SER C 386 -41.24 12.48 23.61
C SER C 386 -42.67 12.92 23.86
N VAL C 387 -43.62 12.21 23.25
CA VAL C 387 -45.02 12.62 23.33
C VAL C 387 -45.50 12.60 24.79
N SER C 388 -45.04 11.63 25.57
CA SER C 388 -45.42 11.54 26.97
C SER C 388 -44.82 12.64 27.82
N SER C 389 -43.88 13.41 27.30
CA SER C 389 -43.19 14.45 28.05
C SER C 389 -43.18 15.77 27.27
N GLU C 390 -44.34 16.15 26.74
CA GLU C 390 -44.48 17.39 26.01
C GLU C 390 -45.16 18.45 26.86
N ASP C 391 -44.92 19.71 26.50
CA ASP C 391 -45.50 20.83 27.22
C ASP C 391 -46.89 21.15 26.68
N ARG C 392 -47.78 21.57 27.58
CA ARG C 392 -49.15 21.91 27.19
C ARG C 392 -49.65 23.16 27.91
N ALA C 393 -48.75 24.02 28.40
CA ALA C 393 -49.17 25.17 29.17
C ALA C 393 -48.65 26.46 28.55
N PRO C 394 -49.39 27.56 28.69
CA PRO C 394 -48.92 28.82 28.11
C PRO C 394 -47.70 29.36 28.83
N PHE C 395 -46.88 30.10 28.10
CA PHE C 395 -45.68 30.71 28.64
C PHE C 395 -45.54 32.13 28.10
N GLY C 396 -44.81 32.96 28.84
CA GLY C 396 -44.61 34.33 28.46
C GLY C 396 -45.92 35.11 28.46
N PRO C 397 -46.01 36.13 27.62
CA PRO C 397 -47.28 36.86 27.50
C PRO C 397 -48.33 36.02 26.81
N ARG C 398 -49.40 35.67 27.55
CA ARG C 398 -50.45 34.80 27.02
C ARG C 398 -51.37 35.60 26.10
N ASN C 399 -50.77 36.15 25.05
CA ASN C 399 -51.46 37.10 24.19
C ASN C 399 -52.35 36.41 23.17
N GLY C 400 -51.74 35.63 22.28
CA GLY C 400 -52.50 35.04 21.19
C GLY C 400 -52.21 33.58 20.94
N THR C 401 -52.07 33.22 19.66
CA THR C 401 -51.91 31.82 19.27
C THR C 401 -50.47 31.35 19.31
N ALA C 402 -49.51 32.27 19.45
CA ALA C 402 -48.10 31.89 19.48
C ALA C 402 -47.63 31.50 20.87
N TRP C 403 -48.48 31.60 21.90
CA TRP C 403 -48.08 31.28 23.26
C TRP C 403 -49.09 30.34 23.94
N ILE C 404 -49.92 29.65 23.17
CA ILE C 404 -50.91 28.74 23.71
C ILE C 404 -50.82 27.42 22.96
N TYR C 405 -50.80 26.30 23.68
CA TYR C 405 -50.72 24.99 23.05
C TYR C 405 -51.99 24.71 22.26
N THR C 406 -51.82 24.21 21.04
CA THR C 406 -52.92 23.80 20.19
C THR C 406 -52.73 22.34 19.81
N SER C 407 -53.82 21.57 19.89
CA SER C 407 -53.74 20.14 19.64
C SER C 407 -53.44 19.88 18.15
N GLU C 408 -53.06 18.62 17.87
CA GLU C 408 -52.76 18.23 16.50
C GLU C 408 -54.00 18.33 15.62
N LYS C 409 -55.16 17.93 16.14
CA LYS C 409 -56.38 17.95 15.36
C LYS C 409 -56.73 19.36 14.91
N ASP C 410 -56.59 20.33 15.81
CA ASP C 410 -56.94 21.72 15.50
C ASP C 410 -55.93 22.34 14.55
N LEU C 411 -54.78 21.69 14.38
CA LEU C 411 -53.74 22.20 13.49
C LEU C 411 -53.71 21.51 12.13
N ASN C 412 -54.38 20.36 11.99
CA ASN C 412 -54.34 19.57 10.76
C ASN C 412 -52.90 19.22 10.38
N GLY C 413 -52.25 18.49 11.29
CA GLY C 413 -50.85 18.13 11.12
C GLY C 413 -50.64 16.63 11.22
N SER C 414 -49.37 16.24 11.10
CA SER C 414 -48.99 14.84 11.12
C SER C 414 -47.51 14.74 11.48
N SER C 415 -47.07 13.50 11.76
CA SER C 415 -45.70 13.27 12.17
C SER C 415 -44.73 13.61 11.04
N HIS C 416 -43.44 13.65 11.38
CA HIS C 416 -42.44 14.07 10.41
C HIS C 416 -41.28 13.09 10.27
N TRP C 417 -40.94 12.39 11.36
CA TRP C 417 -39.78 11.50 11.40
C TRP C 417 -38.51 12.25 11.01
N GLY C 418 -38.14 13.19 11.88
CA GLY C 418 -36.91 13.94 11.67
C GLY C 418 -35.66 13.13 11.89
N ILE C 419 -34.56 13.78 12.23
CA ILE C 419 -33.29 13.08 12.40
C ILE C 419 -33.14 12.52 13.80
N ILE C 420 -33.50 13.28 14.84
CA ILE C 420 -33.34 12.82 16.21
C ILE C 420 -34.52 11.95 16.64
N ALA C 421 -35.74 12.36 16.33
CA ALA C 421 -36.93 11.63 16.75
C ALA C 421 -38.05 11.90 15.76
N THR C 422 -39.27 11.54 16.14
CA THR C 422 -40.47 11.72 15.32
C THR C 422 -41.38 12.72 16.02
N TYR C 423 -41.42 13.95 15.51
CA TYR C 423 -42.17 15.02 16.13
C TYR C 423 -43.63 14.97 15.70
N SER C 424 -44.53 15.34 16.61
CA SER C 424 -45.96 15.30 16.34
C SER C 424 -46.38 16.52 15.53
N GLY C 425 -47.68 16.71 15.37
CA GLY C 425 -48.18 17.80 14.56
C GLY C 425 -48.69 18.98 15.37
N ALA C 426 -48.70 18.84 16.69
CA ALA C 426 -49.15 19.92 17.57
C ALA C 426 -48.04 20.95 17.75
N GLY C 427 -48.20 21.84 18.70
CA GLY C 427 -47.17 22.79 19.06
C GLY C 427 -47.71 24.20 19.11
N TYR C 428 -46.80 25.16 19.21
CA TYR C 428 -47.13 26.57 19.25
C TYR C 428 -46.78 27.18 17.90
N TYR C 429 -47.78 27.68 17.19
CA TYR C 429 -47.60 28.11 15.81
C TYR C 429 -47.97 29.59 15.67
N LEU C 430 -47.54 30.16 14.55
CA LEU C 430 -47.87 31.53 14.21
C LEU C 430 -47.83 31.69 12.70
N ASP C 431 -48.85 32.34 12.14
CA ASP C 431 -48.93 32.61 10.72
C ASP C 431 -48.41 34.02 10.45
N LEU C 432 -47.49 34.12 9.50
CA LEU C 432 -46.84 35.40 9.20
C LEU C 432 -47.75 36.29 8.36
N SER C 433 -47.19 37.35 7.78
CA SER C 433 -47.96 38.29 6.98
C SER C 433 -47.64 38.11 5.50
N ARG C 434 -48.39 38.82 4.66
CA ARG C 434 -48.27 38.67 3.22
C ARG C 434 -47.07 39.38 2.63
N THR C 435 -46.54 40.42 3.28
CA THR C 435 -45.43 41.18 2.73
C THR C 435 -44.35 41.36 3.78
N ARG C 436 -43.25 42.00 3.36
CA ARG C 436 -42.02 41.97 4.15
C ARG C 436 -42.15 42.74 5.46
N GLU C 437 -42.81 43.89 5.43
CA GLU C 437 -42.75 44.80 6.59
C GLU C 437 -43.41 44.19 7.82
N GLU C 438 -44.66 43.73 7.70
CA GLU C 438 -45.33 43.17 8.87
C GLU C 438 -44.72 41.84 9.28
N THR C 439 -44.23 41.06 8.32
CA THR C 439 -43.54 39.82 8.68
C THR C 439 -42.30 40.10 9.53
N ALA C 440 -41.50 41.08 9.10
CA ALA C 440 -40.30 41.43 9.86
C ALA C 440 -40.67 41.99 11.23
N ALA C 441 -41.69 42.84 11.28
CA ALA C 441 -42.11 43.40 12.57
C ALA C 441 -42.59 42.30 13.51
N GLN C 442 -43.34 41.33 13.00
CA GLN C 442 -43.88 40.27 13.84
C GLN C 442 -42.79 39.33 14.33
N VAL C 443 -41.85 38.96 13.46
CA VAL C 443 -40.75 38.12 13.90
C VAL C 443 -39.85 38.87 14.89
N ALA C 444 -39.66 40.18 14.70
CA ALA C 444 -38.91 40.96 15.68
C ALA C 444 -39.64 41.04 17.01
N SER C 445 -40.96 41.15 16.99
CA SER C 445 -41.73 41.10 18.23
C SER C 445 -41.59 39.76 18.93
N LEU C 446 -41.55 38.66 18.18
CA LEU C 446 -41.26 37.35 18.76
C LEU C 446 -39.88 37.29 19.36
N LYS C 447 -38.88 37.85 18.67
CA LYS C 447 -37.50 37.81 19.16
C LYS C 447 -37.32 38.69 20.40
N LYS C 448 -38.10 39.77 20.51
CA LYS C 448 -37.98 40.65 21.67
C LYS C 448 -38.28 39.89 22.95
N ASN C 449 -39.39 39.16 22.97
CA ASN C 449 -39.63 38.21 24.04
C ASN C 449 -38.79 36.96 23.80
N VAL C 450 -38.82 36.03 24.75
CA VAL C 450 -38.06 34.79 24.58
C VAL C 450 -39.00 33.69 24.10
N TRP C 451 -39.14 33.57 22.78
CA TRP C 451 -39.95 32.52 22.20
C TRP C 451 -39.18 31.23 21.99
N LEU C 452 -37.85 31.28 22.06
CA LEU C 452 -37.00 30.10 21.96
C LEU C 452 -36.25 29.97 23.29
N ASP C 453 -36.90 29.34 24.25
CA ASP C 453 -36.33 29.13 25.57
C ASP C 453 -35.45 27.90 25.54
N ARG C 454 -35.00 27.43 26.71
CA ARG C 454 -34.22 26.21 26.79
C ARG C 454 -35.06 24.97 26.56
N GLY C 455 -36.38 25.06 26.71
CA GLY C 455 -37.26 23.93 26.50
C GLY C 455 -37.61 23.63 25.07
N THR C 456 -37.33 24.55 24.15
CA THR C 456 -37.66 24.34 22.75
C THR C 456 -36.87 23.17 22.19
N ARG C 457 -37.57 22.27 21.48
CA ARG C 457 -36.95 21.08 20.94
C ARG C 457 -37.00 20.98 19.43
N ALA C 458 -37.94 21.65 18.76
CA ALA C 458 -37.97 21.61 17.31
C ALA C 458 -38.67 22.86 16.78
N THR C 459 -38.29 23.25 15.57
CA THR C 459 -38.86 24.42 14.91
C THR C 459 -39.08 24.13 13.44
N PHE C 460 -40.31 24.34 12.98
CA PHE C 460 -40.70 24.11 11.60
C PHE C 460 -41.06 25.43 10.93
N ILE C 461 -40.67 25.58 9.67
CA ILE C 461 -41.08 26.70 8.83
C ILE C 461 -41.63 26.13 7.53
N ASP C 462 -42.85 26.52 7.17
CA ASP C 462 -43.53 25.93 6.03
C ASP C 462 -44.06 27.01 5.11
N PHE C 463 -43.88 26.82 3.80
CA PHE C 463 -44.50 27.72 2.84
C PHE C 463 -44.54 27.04 1.46
N SER C 464 -45.10 27.75 0.49
CA SER C 464 -45.27 27.24 -0.86
C SER C 464 -45.15 28.38 -1.85
N VAL C 465 -44.63 28.07 -3.04
CA VAL C 465 -44.46 29.05 -4.11
C VAL C 465 -44.98 28.45 -5.41
N TYR C 466 -45.28 29.33 -6.37
CA TYR C 466 -45.90 28.93 -7.63
C TYR C 466 -44.99 29.10 -8.83
N ASN C 467 -44.32 30.26 -8.97
CA ASN C 467 -43.37 30.50 -10.05
C ASN C 467 -44.03 30.35 -11.42
N ALA C 468 -44.94 31.29 -11.71
CA ALA C 468 -45.79 31.20 -12.89
C ALA C 468 -45.01 31.14 -14.20
N ASN C 469 -43.75 31.59 -14.22
CA ASN C 469 -42.99 31.66 -15.45
C ASN C 469 -42.92 30.29 -16.14
N ILE C 470 -42.58 29.26 -15.38
CA ILE C 470 -42.68 27.87 -15.84
C ILE C 470 -43.62 27.15 -14.88
N ASN C 471 -44.61 26.46 -15.44
CA ASN C 471 -45.71 25.95 -14.62
C ASN C 471 -45.23 24.81 -13.73
N LEU C 472 -44.84 25.14 -12.50
CA LEU C 472 -44.32 24.14 -11.57
C LEU C 472 -44.43 24.70 -10.16
N PHE C 473 -45.28 24.11 -9.33
CA PHE C 473 -45.41 24.53 -7.94
C PHE C 473 -44.17 24.13 -7.16
N CYS C 474 -44.17 24.47 -5.87
CA CYS C 474 -43.10 24.02 -4.97
C CYS C 474 -43.56 24.18 -3.54
N VAL C 475 -43.37 23.14 -2.72
CA VAL C 475 -43.67 23.19 -1.29
C VAL C 475 -42.37 23.05 -0.53
N VAL C 476 -42.13 23.96 0.41
CA VAL C 476 -40.86 24.04 1.13
C VAL C 476 -41.12 23.88 2.62
N ARG C 477 -40.36 23.00 3.26
CA ARG C 477 -40.42 22.81 4.70
C ARG C 477 -39.00 22.76 5.25
N LEU C 478 -38.71 23.63 6.21
CA LEU C 478 -37.42 23.66 6.89
C LEU C 478 -37.59 23.30 8.35
N LEU C 479 -36.63 22.55 8.89
CA LEU C 479 -36.69 22.06 10.25
C LEU C 479 -35.37 22.32 10.94
N VAL C 480 -35.46 22.78 12.19
CA VAL C 480 -34.29 22.98 13.04
C VAL C 480 -34.55 22.24 14.35
N GLU C 481 -33.65 21.32 14.70
CA GLU C 481 -33.80 20.51 15.90
C GLU C 481 -32.73 20.87 16.90
N PHE C 482 -33.14 21.16 18.14
CA PHE C 482 -32.21 21.44 19.22
C PHE C 482 -32.14 20.23 20.12
N PRO C 483 -31.09 19.42 20.05
CA PRO C 483 -30.99 18.25 20.93
C PRO C 483 -30.85 18.67 22.38
N ALA C 484 -31.10 17.71 23.27
CA ALA C 484 -31.02 17.95 24.70
C ALA C 484 -29.60 18.15 25.20
N THR C 485 -28.61 18.08 24.32
CA THR C 485 -27.20 18.25 24.68
C THR C 485 -26.63 19.52 24.06
N GLY C 486 -27.49 20.46 23.69
CA GLY C 486 -27.05 21.69 23.05
C GLY C 486 -26.66 21.50 21.60
N GLY C 487 -26.81 22.54 20.81
CA GLY C 487 -26.46 22.51 19.40
C GLY C 487 -27.68 22.70 18.53
N VAL C 488 -27.45 22.69 17.23
CA VAL C 488 -28.50 22.90 16.23
C VAL C 488 -28.28 21.94 15.08
N ILE C 489 -29.35 21.26 14.67
CA ILE C 489 -29.31 20.35 13.52
C ILE C 489 -30.35 20.82 12.50
N PRO C 490 -29.93 21.30 11.33
CA PRO C 490 -30.89 21.71 10.30
C PRO C 490 -31.20 20.60 9.32
N SER C 491 -32.38 20.71 8.70
CA SER C 491 -32.79 19.75 7.69
C SER C 491 -33.89 20.38 6.82
N TRP C 492 -33.73 20.29 5.51
CA TRP C 492 -34.61 20.96 4.58
C TRP C 492 -35.35 19.93 3.73
N GLN C 493 -36.42 20.39 3.08
CA GLN C 493 -37.12 19.55 2.12
C GLN C 493 -37.88 20.43 1.15
N PHE C 494 -37.52 20.33 -0.14
CA PHE C 494 -38.22 20.99 -1.22
C PHE C 494 -38.92 19.93 -2.07
N GLN C 495 -40.14 20.24 -2.50
CA GLN C 495 -40.86 19.30 -3.34
C GLN C 495 -41.65 20.05 -4.40
N PRO C 496 -41.23 20.00 -5.66
CA PRO C 496 -41.96 20.70 -6.73
C PRO C 496 -43.14 19.87 -7.21
N LEU C 497 -44.30 20.50 -7.31
CA LEU C 497 -45.50 19.86 -7.81
C LEU C 497 -45.89 20.43 -9.17
N LYS C 498 -46.84 19.76 -9.82
CA LYS C 498 -47.30 20.19 -11.14
C LYS C 498 -48.80 20.02 -11.29
N LEU C 499 -49.42 20.84 -12.13
CA LEU C 499 -50.85 20.77 -12.35
C LEU C 499 -51.18 20.63 -13.83
N ILE C 500 -50.26 20.08 -14.59
CA ILE C 500 -50.45 19.89 -16.02
C ILE C 500 -51.41 18.73 -16.29
N ARG C 501 -52.61 19.05 -16.77
CA ARG C 501 -53.61 18.03 -17.07
C ARG C 501 -53.81 17.91 -18.58
N TYR C 502 -54.68 18.74 -19.12
CA TYR C 502 -54.95 18.73 -20.56
C TYR C 502 -54.57 20.06 -21.17
N VAL C 503 -53.26 20.31 -21.26
CA VAL C 503 -52.75 21.56 -21.81
C VAL C 503 -52.54 21.52 -23.33
N THR C 504 -51.28 21.39 -23.73
CA THR C 504 -50.94 21.36 -25.15
C THR C 504 -51.54 20.16 -25.89
N THR C 505 -51.00 19.85 -27.07
CA THR C 505 -51.48 18.72 -27.87
C THR C 505 -50.66 17.46 -27.62
N PHE C 506 -49.79 17.52 -26.61
CA PHE C 506 -48.93 16.39 -26.27
C PHE C 506 -49.52 15.59 -25.11
N ASP C 507 -50.34 16.26 -24.31
CA ASP C 507 -50.96 15.63 -23.15
C ASP C 507 -51.91 14.51 -23.55
N PHE C 508 -53.07 14.87 -24.09
CA PHE C 508 -54.05 13.87 -24.50
C PHE C 508 -53.38 12.53 -24.75
N PHE C 509 -52.15 12.53 -25.25
CA PHE C 509 -51.43 11.28 -25.48
C PHE C 509 -51.22 10.53 -24.18
N LEU C 510 -50.78 11.23 -23.13
CA LEU C 510 -50.58 10.59 -21.83
C LEU C 510 -51.90 10.18 -21.20
N ALA C 511 -52.95 10.98 -21.41
CA ALA C 511 -54.27 10.61 -20.89
C ALA C 511 -54.77 9.32 -21.52
N ALA C 512 -54.59 9.16 -22.83
CA ALA C 512 -54.96 7.90 -23.48
C ALA C 512 -54.07 6.76 -23.01
N CYS C 513 -52.77 7.02 -22.83
CA CYS C 513 -51.85 5.98 -22.40
C CYS C 513 -52.21 5.47 -21.01
N GLU C 514 -52.68 6.35 -20.12
CA GLU C 514 -53.09 5.91 -18.79
C GLU C 514 -54.26 4.94 -18.87
N ILE C 515 -55.25 5.23 -19.72
CA ILE C 515 -56.39 4.34 -19.89
C ILE C 515 -55.94 3.01 -20.48
N ILE C 516 -55.05 3.05 -21.46
CA ILE C 516 -54.52 1.82 -22.06
C ILE C 516 -53.80 0.99 -21.00
N PHE C 517 -53.01 1.65 -20.16
CA PHE C 517 -52.29 0.94 -19.10
C PHE C 517 -53.25 0.30 -18.11
N CYS C 518 -54.32 1.01 -17.75
CA CYS C 518 -55.31 0.44 -16.83
C CYS C 518 -55.99 -0.78 -17.46
N PHE C 519 -56.32 -0.70 -18.75
CA PHE C 519 -56.90 -1.86 -19.43
C PHE C 519 -55.93 -3.03 -19.46
N PHE C 520 -54.65 -2.74 -19.69
CA PHE C 520 -53.64 -3.81 -19.69
C PHE C 520 -53.54 -4.47 -18.33
N ILE C 521 -53.60 -3.67 -17.25
CA ILE C 521 -53.56 -4.25 -15.91
C ILE C 521 -54.79 -5.10 -15.66
N PHE C 522 -55.96 -4.65 -16.13
CA PHE C 522 -57.16 -5.47 -16.00
C PHE C 522 -57.01 -6.80 -16.72
N TYR C 523 -56.48 -6.76 -17.94
CA TYR C 523 -56.27 -8.00 -18.70
C TYR C 523 -55.28 -8.91 -17.99
N TYR C 524 -54.20 -8.34 -17.46
CA TYR C 524 -53.20 -9.15 -16.77
C TYR C 524 -53.78 -9.80 -15.52
N VAL C 525 -54.58 -9.06 -14.76
CA VAL C 525 -55.13 -9.63 -13.53
C VAL C 525 -56.17 -10.69 -13.85
N VAL C 526 -56.96 -10.52 -14.91
CA VAL C 526 -57.93 -11.56 -15.25
C VAL C 526 -57.22 -12.81 -15.76
N GLU C 527 -56.13 -12.64 -16.52
CA GLU C 527 -55.36 -13.81 -16.94
C GLU C 527 -54.74 -14.51 -15.74
N GLU C 528 -54.23 -13.74 -14.77
CA GLU C 528 -53.65 -14.33 -13.57
C GLU C 528 -54.68 -15.10 -12.77
N ILE C 529 -55.89 -14.55 -12.63
CA ILE C 529 -56.92 -15.26 -11.88
C ILE C 529 -57.36 -16.51 -12.62
N LEU C 530 -57.41 -16.47 -13.95
CA LEU C 530 -57.73 -17.67 -14.72
C LEU C 530 -56.68 -18.75 -14.48
N GLU C 531 -55.39 -18.38 -14.56
CA GLU C 531 -54.33 -19.35 -14.36
C GLU C 531 -54.35 -19.92 -12.95
N ILE C 532 -54.60 -19.07 -11.95
CA ILE C 532 -54.63 -19.55 -10.58
C ILE C 532 -55.89 -20.37 -10.29
N ARG C 533 -56.96 -20.19 -11.07
CA ARG C 533 -58.11 -21.06 -10.93
C ARG C 533 -57.86 -22.42 -11.56
N ILE C 534 -57.17 -22.44 -12.71
CA ILE C 534 -56.84 -23.72 -13.33
C ILE C 534 -55.85 -24.49 -12.48
N HIS C 535 -54.71 -23.87 -12.17
CA HIS C 535 -53.74 -24.44 -11.22
C HIS C 535 -54.08 -23.90 -9.85
N LYS C 536 -54.87 -24.69 -9.09
CA LYS C 536 -55.35 -24.23 -7.79
C LYS C 536 -54.20 -23.93 -6.84
N LEU C 537 -53.10 -24.67 -6.94
CA LEU C 537 -51.92 -24.42 -6.13
C LEU C 537 -50.72 -24.93 -6.92
N HIS C 538 -49.53 -24.88 -6.32
CA HIS C 538 -48.23 -25.09 -6.95
C HIS C 538 -47.93 -23.98 -7.95
N TYR C 539 -48.73 -22.92 -7.99
CA TYR C 539 -48.52 -21.77 -8.85
C TYR C 539 -47.53 -20.78 -8.27
N PHE C 540 -46.99 -21.05 -7.08
CA PHE C 540 -46.15 -20.11 -6.34
C PHE C 540 -44.74 -20.65 -6.17
N ARG C 541 -44.22 -21.34 -7.18
CA ARG C 541 -42.86 -21.85 -7.10
C ARG C 541 -42.01 -21.60 -8.34
N SER C 542 -42.60 -21.38 -9.52
CA SER C 542 -41.83 -21.16 -10.73
C SER C 542 -41.02 -19.88 -10.72
N PHE C 543 -41.35 -18.94 -9.83
CA PHE C 543 -40.66 -17.66 -9.64
C PHE C 543 -40.95 -16.71 -10.80
N TRP C 544 -41.57 -17.21 -11.86
CA TRP C 544 -42.09 -16.37 -12.93
C TRP C 544 -43.56 -16.05 -12.73
N ASN C 545 -44.18 -16.59 -11.68
CA ASN C 545 -45.54 -16.26 -11.29
C ASN C 545 -45.59 -15.32 -10.09
N CYS C 546 -44.63 -15.45 -9.17
CA CYS C 546 -44.52 -14.48 -8.08
C CYS C 546 -44.18 -13.11 -8.63
N LEU C 547 -43.25 -13.04 -9.58
CA LEU C 547 -42.91 -11.80 -10.25
C LEU C 547 -44.06 -11.27 -11.11
N ASP C 548 -45.06 -12.11 -11.39
CA ASP C 548 -46.23 -11.67 -12.14
C ASP C 548 -47.37 -11.19 -11.26
N VAL C 549 -47.45 -11.64 -10.00
CA VAL C 549 -48.43 -11.09 -9.08
C VAL C 549 -47.89 -9.86 -8.35
N VAL C 550 -46.58 -9.81 -8.10
CA VAL C 550 -46.00 -8.62 -7.50
C VAL C 550 -46.20 -7.41 -8.40
N ILE C 551 -46.01 -7.59 -9.70
CA ILE C 551 -46.17 -6.49 -10.65
C ILE C 551 -47.59 -5.96 -10.63
N VAL C 552 -48.58 -6.85 -10.66
CA VAL C 552 -49.97 -6.39 -10.69
C VAL C 552 -50.37 -5.74 -9.37
N VAL C 553 -49.88 -6.27 -8.25
CA VAL C 553 -50.19 -5.65 -6.96
C VAL C 553 -49.60 -4.25 -6.88
N LEU C 554 -48.33 -4.11 -7.29
CA LEU C 554 -47.70 -2.79 -7.27
C LEU C 554 -48.41 -1.82 -8.22
N SER C 555 -48.83 -2.32 -9.38
CA SER C 555 -49.53 -1.46 -10.33
C SER C 555 -50.89 -1.01 -9.80
N VAL C 556 -51.62 -1.91 -9.13
CA VAL C 556 -52.88 -1.51 -8.53
C VAL C 556 -52.66 -0.46 -7.45
N VAL C 557 -51.63 -0.66 -6.61
CA VAL C 557 -51.32 0.33 -5.58
C VAL C 557 -50.98 1.68 -6.21
N ALA C 558 -50.17 1.63 -7.26
CA ALA C 558 -49.75 2.83 -7.97
C ALA C 558 -50.89 3.42 -8.80
N ILE C 559 -51.98 2.68 -8.91
CA ILE C 559 -53.13 3.14 -9.67
C ILE C 559 -54.12 3.84 -8.72
N GLY C 560 -54.09 3.43 -7.46
CA GLY C 560 -54.96 4.02 -6.46
C GLY C 560 -54.32 5.24 -5.84
N ILE C 561 -52.98 5.25 -5.84
CA ILE C 561 -52.24 6.37 -5.29
C ILE C 561 -52.21 7.55 -6.26
N ASN C 562 -52.41 7.25 -7.55
CA ASN C 562 -52.41 8.29 -8.56
C ASN C 562 -53.76 8.99 -8.63
N ILE C 563 -54.78 8.36 -8.08
CA ILE C 563 -56.12 8.94 -8.06
C ILE C 563 -56.21 10.01 -6.97
N TYR C 564 -55.63 9.70 -5.82
CA TYR C 564 -55.64 10.63 -4.69
C TYR C 564 -55.07 11.98 -5.11
N ARG C 565 -53.83 11.96 -5.61
CA ARG C 565 -53.14 13.16 -6.03
C ARG C 565 -53.81 13.81 -7.23
N THR C 566 -54.73 13.10 -7.86
CA THR C 566 -55.44 13.62 -9.02
C THR C 566 -56.81 14.16 -8.62
N SER C 567 -57.31 13.67 -7.49
CA SER C 567 -58.61 14.10 -6.99
C SER C 567 -58.49 15.34 -6.12
N ASN C 568 -57.50 15.32 -5.22
CA ASN C 568 -57.28 16.44 -4.31
C ASN C 568 -56.29 17.46 -4.88
N VAL C 569 -56.60 17.98 -6.06
CA VAL C 569 -55.75 18.98 -6.70
C VAL C 569 -56.57 20.18 -7.15
N GLU C 570 -57.84 20.21 -6.76
CA GLU C 570 -58.73 21.31 -7.12
C GLU C 570 -58.43 22.55 -6.29
N VAL C 571 -57.86 22.34 -5.11
CA VAL C 571 -57.52 23.45 -4.22
C VAL C 571 -56.23 24.12 -4.64
N LEU C 572 -55.42 23.42 -5.43
CA LEU C 572 -54.15 23.95 -5.90
C LEU C 572 -54.33 25.31 -6.58
N LEU C 573 -55.56 25.59 -7.02
CA LEU C 573 -55.83 26.87 -7.68
C LEU C 573 -56.36 27.89 -6.69
N GLN C 574 -57.33 27.47 -5.88
CA GLN C 574 -57.94 28.35 -4.88
C GLN C 574 -56.90 29.02 -4.00
N PHE C 575 -55.82 29.52 -4.59
CA PHE C 575 -54.78 30.18 -3.83
C PHE C 575 -53.96 31.16 -4.66
N LEU C 576 -54.15 31.23 -5.97
CA LEU C 576 -53.63 32.30 -6.79
C LEU C 576 -54.49 33.55 -6.69
N GLU C 577 -55.50 33.54 -5.81
CA GLU C 577 -56.41 34.66 -5.61
C GLU C 577 -55.87 35.69 -4.63
N ASP C 578 -54.68 35.47 -4.07
CA ASP C 578 -54.05 36.40 -3.13
C ASP C 578 -54.94 36.60 -1.89
N GLN C 579 -55.14 35.51 -1.16
CA GLN C 579 -55.88 35.52 0.09
C GLN C 579 -54.89 35.53 1.26
N ASN C 580 -55.42 35.43 2.48
CA ASN C 580 -54.60 35.43 3.70
C ASN C 580 -54.96 34.21 4.53
N THR C 581 -54.33 33.08 4.19
CA THR C 581 -54.48 31.84 4.93
C THR C 581 -53.30 30.95 4.58
N PHE C 582 -53.00 29.99 5.47
CA PHE C 582 -51.90 29.06 5.24
C PHE C 582 -52.43 27.84 4.50
N PRO C 583 -51.99 27.60 3.26
CA PRO C 583 -52.38 26.36 2.59
C PRO C 583 -51.71 25.16 3.24
N ASN C 584 -52.45 24.06 3.33
CA ASN C 584 -51.92 22.81 3.87
C ASN C 584 -51.66 21.86 2.71
N PHE C 585 -50.48 22.00 2.11
CA PHE C 585 -50.08 21.19 0.97
C PHE C 585 -49.13 20.07 1.35
N GLU C 586 -49.05 19.72 2.63
CA GLU C 586 -48.15 18.67 3.07
C GLU C 586 -48.53 17.32 2.47
N HIS C 587 -49.82 16.97 2.54
CA HIS C 587 -50.26 15.68 2.02
C HIS C 587 -50.07 15.60 0.51
N LEU C 588 -50.39 16.68 -0.21
CA LEU C 588 -50.23 16.68 -1.66
C LEU C 588 -48.78 16.57 -2.09
N ALA C 589 -47.82 16.93 -1.23
CA ALA C 589 -46.41 16.77 -1.53
C ALA C 589 -45.82 15.48 -0.97
N TYR C 590 -46.48 14.87 0.02
CA TYR C 590 -46.03 13.58 0.53
C TYR C 590 -46.39 12.43 -0.38
N TRP C 591 -47.57 12.46 -1.00
CA TRP C 591 -47.97 11.41 -1.91
C TRP C 591 -47.24 11.47 -3.24
N GLN C 592 -46.74 12.64 -3.62
CA GLN C 592 -45.93 12.75 -4.83
C GLN C 592 -44.60 12.03 -4.68
N ILE C 593 -44.13 11.84 -3.45
CA ILE C 593 -42.90 11.09 -3.22
C ILE C 593 -43.16 9.59 -3.14
N GLN C 594 -44.23 9.19 -2.46
CA GLN C 594 -44.61 7.78 -2.38
C GLN C 594 -45.19 7.24 -3.68
N PHE C 595 -45.39 8.10 -4.68
CA PHE C 595 -45.79 7.65 -6.00
C PHE C 595 -44.60 7.34 -6.90
N ASN C 596 -43.50 8.07 -6.76
CA ASN C 596 -42.28 7.72 -7.48
C ASN C 596 -41.63 6.47 -6.90
N ASN C 597 -41.68 6.29 -5.59
CA ASN C 597 -41.13 5.09 -4.97
C ASN C 597 -41.88 3.82 -5.34
N ILE C 598 -43.07 3.95 -5.93
CA ILE C 598 -43.84 2.81 -6.40
C ILE C 598 -43.75 2.66 -7.91
N ALA C 599 -43.82 3.77 -8.64
CA ALA C 599 -43.69 3.74 -10.09
C ALA C 599 -42.28 3.42 -10.56
N ALA C 600 -41.29 3.45 -9.66
CA ALA C 600 -39.91 3.10 -10.02
C ALA C 600 -39.58 1.65 -9.74
N VAL C 601 -40.27 1.01 -8.80
CA VAL C 601 -40.08 -0.41 -8.53
C VAL C 601 -40.83 -1.27 -9.53
N THR C 602 -42.00 -0.79 -9.97
CA THR C 602 -42.73 -1.51 -11.01
C THR C 602 -41.94 -1.57 -12.32
N VAL C 603 -41.29 -0.45 -12.68
CA VAL C 603 -40.49 -0.43 -13.92
C VAL C 603 -39.33 -1.41 -13.81
N PHE C 604 -38.66 -1.44 -12.65
CA PHE C 604 -37.55 -2.36 -12.46
C PHE C 604 -38.01 -3.80 -12.57
N PHE C 605 -39.10 -4.15 -11.89
CA PHE C 605 -39.61 -5.52 -11.92
C PHE C 605 -40.21 -5.89 -13.27
N VAL C 606 -40.58 -4.93 -14.09
CA VAL C 606 -41.01 -5.22 -15.45
C VAL C 606 -39.81 -5.47 -16.36
N TRP C 607 -38.78 -4.63 -16.25
CA TRP C 607 -37.57 -4.83 -17.05
C TRP C 607 -36.84 -6.10 -16.67
N ILE C 608 -37.01 -6.58 -15.44
CA ILE C 608 -36.43 -7.88 -15.06
C ILE C 608 -37.09 -9.00 -15.84
N LYS C 609 -38.39 -8.87 -16.14
CA LYS C 609 -39.17 -9.97 -16.69
C LYS C 609 -38.75 -10.38 -18.11
N LEU C 610 -37.91 -9.59 -18.77
CA LEU C 610 -37.47 -9.97 -20.13
C LEU C 610 -36.80 -11.34 -20.14
N PHE C 611 -36.21 -11.76 -19.03
CA PHE C 611 -35.54 -13.05 -18.99
C PHE C 611 -36.50 -14.21 -19.24
N LYS C 612 -37.80 -14.00 -19.05
CA LYS C 612 -38.78 -15.05 -19.33
C LYS C 612 -38.83 -15.41 -20.81
N PHE C 613 -38.40 -14.51 -21.69
CA PHE C 613 -38.54 -14.71 -23.13
C PHE C 613 -37.23 -14.86 -23.87
N ILE C 614 -36.12 -14.35 -23.33
CA ILE C 614 -34.83 -14.46 -23.97
C ILE C 614 -34.06 -15.68 -23.45
N ASN C 615 -34.74 -16.59 -22.75
CA ASN C 615 -34.13 -17.82 -22.27
C ASN C 615 -34.37 -18.99 -23.21
N PHE C 616 -34.60 -18.70 -24.49
CA PHE C 616 -34.77 -19.74 -25.50
C PHE C 616 -33.54 -19.95 -26.37
N ASN C 617 -32.67 -18.95 -26.47
CA ASN C 617 -31.40 -19.12 -27.15
C ASN C 617 -30.54 -20.11 -26.39
N ARG C 618 -29.80 -20.95 -27.12
CA ARG C 618 -29.04 -22.02 -26.48
C ARG C 618 -28.02 -21.48 -25.49
N THR C 619 -27.26 -20.45 -25.87
CA THR C 619 -26.30 -19.87 -24.94
C THR C 619 -27.00 -19.19 -23.77
N MET C 620 -28.07 -18.46 -24.04
CA MET C 620 -28.81 -17.81 -22.97
C MET C 620 -29.50 -18.82 -22.06
N SER C 621 -30.05 -19.89 -22.65
CA SER C 621 -30.64 -20.95 -21.84
C SER C 621 -29.60 -21.61 -20.96
N GLN C 622 -28.41 -21.84 -21.49
CA GLN C 622 -27.34 -22.43 -20.70
C GLN C 622 -26.94 -21.50 -19.55
N LEU C 623 -26.83 -20.20 -19.83
CA LEU C 623 -26.49 -19.24 -18.79
C LEU C 623 -27.55 -19.21 -17.70
N SER C 624 -28.83 -19.20 -18.08
CA SER C 624 -29.90 -19.16 -17.09
C SER C 624 -29.95 -20.46 -16.29
N THR C 625 -29.72 -21.60 -16.93
CA THR C 625 -29.68 -22.86 -16.20
C THR C 625 -28.54 -22.88 -15.19
N THR C 626 -27.37 -22.33 -15.59
CA THR C 626 -26.25 -22.22 -14.66
C THR C 626 -26.63 -21.34 -13.47
N MET C 627 -27.24 -20.19 -13.73
CA MET C 627 -27.60 -19.28 -12.66
C MET C 627 -28.72 -19.82 -11.79
N SER C 628 -29.53 -20.75 -12.29
CA SER C 628 -30.65 -21.29 -11.54
C SER C 628 -30.28 -22.53 -10.73
N ARG C 629 -29.41 -23.40 -11.26
CA ARG C 629 -29.06 -24.62 -10.53
C ARG C 629 -28.17 -24.34 -9.33
N CYS C 630 -27.59 -23.15 -9.21
CA CYS C 630 -26.75 -22.80 -8.08
C CYS C 630 -27.41 -21.76 -7.17
N ALA C 631 -28.73 -21.62 -7.25
CA ALA C 631 -29.46 -20.66 -6.45
C ALA C 631 -29.76 -21.16 -5.04
N LYS C 632 -29.40 -22.41 -4.74
CA LYS C 632 -29.54 -22.95 -3.40
C LYS C 632 -28.24 -22.95 -2.61
N ASP C 633 -27.11 -23.20 -3.26
CA ASP C 633 -25.83 -23.05 -2.60
C ASP C 633 -25.47 -21.59 -2.39
N LEU C 634 -25.83 -20.72 -3.34
CA LEU C 634 -25.56 -19.30 -3.18
C LEU C 634 -26.31 -18.74 -1.98
N PHE C 635 -27.61 -19.03 -1.87
CA PHE C 635 -28.37 -18.57 -0.72
C PHE C 635 -27.90 -19.25 0.56
N GLY C 636 -27.46 -20.50 0.47
CA GLY C 636 -26.93 -21.17 1.66
C GLY C 636 -25.68 -20.49 2.18
N PHE C 637 -24.79 -20.08 1.29
CA PHE C 637 -23.57 -19.40 1.70
C PHE C 637 -23.81 -17.93 2.03
N ALA C 638 -24.89 -17.33 1.54
CA ALA C 638 -25.21 -15.95 1.85
C ALA C 638 -25.62 -15.76 3.31
N ILE C 639 -25.92 -16.84 4.02
CA ILE C 639 -26.17 -16.78 5.45
C ILE C 639 -24.87 -16.88 6.24
N MET C 640 -23.99 -17.80 5.85
CA MET C 640 -22.68 -17.90 6.49
C MET C 640 -21.88 -16.63 6.29
N PHE C 641 -22.02 -15.98 5.14
CA PHE C 641 -21.33 -14.73 4.90
C PHE C 641 -21.89 -13.61 5.75
N PHE C 642 -23.21 -13.50 5.82
CA PHE C 642 -23.84 -12.38 6.51
C PHE C 642 -23.87 -12.55 8.02
N ILE C 643 -23.63 -13.75 8.55
CA ILE C 643 -23.43 -13.86 9.99
C ILE C 643 -22.13 -13.19 10.40
N ILE C 644 -21.04 -13.47 9.67
CA ILE C 644 -19.77 -12.83 9.96
C ILE C 644 -19.83 -11.34 9.61
N PHE C 645 -20.51 -10.99 8.53
CA PHE C 645 -20.64 -9.60 8.13
C PHE C 645 -21.40 -8.76 9.15
N LEU C 646 -22.23 -9.38 9.99
CA LEU C 646 -22.89 -8.67 11.08
C LEU C 646 -22.13 -8.77 12.39
N ALA C 647 -21.43 -9.88 12.63
CA ALA C 647 -20.56 -9.96 13.80
C ALA C 647 -19.44 -8.92 13.74
N TYR C 648 -18.91 -8.64 12.55
CA TYR C 648 -17.93 -7.57 12.42
C TYR C 648 -18.57 -6.20 12.57
N ALA C 649 -19.76 -6.01 12.00
CA ALA C 649 -20.44 -4.72 12.08
C ALA C 649 -20.81 -4.34 13.50
N GLN C 650 -21.29 -5.27 14.31
CA GLN C 650 -21.63 -4.96 15.69
C GLN C 650 -20.39 -4.62 16.50
N LEU C 651 -19.28 -5.33 16.26
CA LEU C 651 -18.01 -4.97 16.91
C LEU C 651 -17.58 -3.57 16.54
N ALA C 652 -17.67 -3.22 15.24
CA ALA C 652 -17.29 -1.88 14.81
C ALA C 652 -18.20 -0.83 15.45
N TYR C 653 -19.50 -1.13 15.54
CA TYR C 653 -20.42 -0.21 16.19
C TYR C 653 -20.09 0.00 17.66
N LEU C 654 -19.72 -1.07 18.36
CA LEU C 654 -19.39 -0.93 19.77
C LEU C 654 -18.07 -0.17 19.98
N VAL C 655 -17.09 -0.39 19.11
CA VAL C 655 -15.77 0.21 19.33
C VAL C 655 -15.73 1.64 18.81
N PHE C 656 -16.15 1.86 17.56
CA PHE C 656 -16.07 3.17 16.92
C PHE C 656 -17.40 3.91 16.91
N GLY C 657 -18.30 3.61 17.83
CA GLY C 657 -19.66 4.13 17.74
C GLY C 657 -19.89 5.52 18.28
N THR C 658 -18.88 6.21 18.78
CA THR C 658 -19.09 7.53 19.38
C THR C 658 -18.22 8.64 18.81
N GLN C 659 -17.18 8.32 18.03
CA GLN C 659 -16.26 9.38 17.62
C GLN C 659 -15.78 9.26 16.17
N VAL C 660 -16.55 8.64 15.29
CA VAL C 660 -16.10 8.43 13.92
C VAL C 660 -17.05 9.01 12.87
N ASP C 661 -18.34 9.15 13.17
CA ASP C 661 -19.34 9.75 12.28
C ASP C 661 -19.67 8.81 11.13
N ASP C 662 -18.93 7.70 11.01
CA ASP C 662 -19.25 6.67 10.03
C ASP C 662 -19.83 5.43 10.66
N PHE C 663 -19.53 5.18 11.94
CA PHE C 663 -20.08 4.07 12.70
C PHE C 663 -21.04 4.53 13.78
N SER C 664 -21.67 5.69 13.59
CA SER C 664 -22.57 6.25 14.60
C SER C 664 -23.86 5.45 14.72
N THR C 665 -24.24 4.69 13.70
CA THR C 665 -25.43 3.86 13.75
C THR C 665 -25.10 2.50 13.13
N PHE C 666 -25.93 1.50 13.47
CA PHE C 666 -25.68 0.15 12.99
C PHE C 666 -25.77 0.08 11.46
N GLN C 667 -26.80 0.70 10.88
CA GLN C 667 -26.91 0.72 9.44
C GLN C 667 -25.73 1.42 8.79
N GLU C 668 -25.24 2.51 9.41
CA GLU C 668 -24.05 3.16 8.91
C GLU C 668 -22.84 2.24 8.97
N CYS C 669 -22.75 1.42 10.01
CA CYS C 669 -21.66 0.44 10.07
C CYS C 669 -21.75 -0.55 8.92
N ILE C 670 -22.96 -1.04 8.62
CA ILE C 670 -23.12 -1.99 7.53
C ILE C 670 -22.72 -1.36 6.20
N PHE C 671 -23.18 -0.13 5.96
CA PHE C 671 -22.87 0.52 4.69
C PHE C 671 -21.40 0.88 4.59
N THR C 672 -20.78 1.23 5.72
CA THR C 672 -19.34 1.50 5.72
C THR C 672 -18.56 0.23 5.39
N GLN C 673 -18.98 -0.92 5.92
CA GLN C 673 -18.32 -2.17 5.55
C GLN C 673 -18.50 -2.47 4.06
N PHE C 674 -19.71 -2.24 3.53
CA PHE C 674 -19.93 -2.44 2.11
C PHE C 674 -19.01 -1.56 1.28
N ARG C 675 -18.85 -0.28 1.68
CA ARG C 675 -17.95 0.60 0.96
C ARG C 675 -16.50 0.17 1.11
N ILE C 676 -16.14 -0.39 2.26
CA ILE C 676 -14.78 -0.91 2.45
C ILE C 676 -14.51 -2.06 1.49
N ILE C 677 -15.53 -2.89 1.23
CA ILE C 677 -15.38 -3.97 0.26
C ILE C 677 -14.98 -3.42 -1.09
N LEU C 678 -15.59 -2.31 -1.51
CA LEU C 678 -15.24 -1.66 -2.76
C LEU C 678 -13.90 -0.94 -2.71
N GLY C 679 -13.32 -0.76 -1.52
CA GLY C 679 -12.05 -0.07 -1.40
C GLY C 679 -12.20 1.42 -1.30
N ASP C 680 -12.99 1.89 -0.34
CA ASP C 680 -13.20 3.32 -0.07
C ASP C 680 -13.06 3.57 1.43
N ILE C 681 -11.97 3.08 1.99
CA ILE C 681 -11.71 3.17 3.41
C ILE C 681 -10.96 4.47 3.71
N ASN C 682 -11.33 5.10 4.83
CA ASN C 682 -10.61 6.28 5.30
C ASN C 682 -9.34 5.88 6.05
N PHE C 683 -9.50 5.14 7.14
CA PHE C 683 -8.43 4.57 7.96
C PHE C 683 -7.61 5.62 8.68
N ALA C 684 -7.82 6.91 8.41
CA ALA C 684 -7.17 7.95 9.19
C ALA C 684 -7.89 8.21 10.50
N GLU C 685 -9.18 7.92 10.57
CA GLU C 685 -9.98 8.05 11.78
C GLU C 685 -10.05 6.76 12.57
N ILE C 686 -10.07 5.62 11.88
CA ILE C 686 -10.12 4.33 12.57
C ILE C 686 -8.86 4.13 13.41
N GLU C 687 -7.70 4.44 12.83
CA GLU C 687 -6.43 4.23 13.50
C GLU C 687 -6.25 5.11 14.74
N GLU C 688 -6.87 6.30 14.77
CA GLU C 688 -6.73 7.19 15.91
C GLU C 688 -7.90 7.14 16.88
N ALA C 689 -9.08 6.69 16.44
CA ALA C 689 -10.19 6.53 17.38
C ALA C 689 -9.87 5.49 18.44
N ASN C 690 -9.24 4.38 18.05
CA ASN C 690 -8.77 3.38 19.00
C ASN C 690 -7.46 2.86 18.44
N ARG C 691 -6.34 3.32 19.01
CA ARG C 691 -5.04 3.04 18.41
C ARG C 691 -4.74 1.55 18.41
N VAL C 692 -5.30 0.81 19.36
CA VAL C 692 -5.30 -0.63 19.32
C VAL C 692 -6.72 -1.10 19.02
N LEU C 693 -6.86 -2.36 18.57
CA LEU C 693 -8.15 -2.99 18.34
C LEU C 693 -8.89 -2.38 17.15
N GLY C 694 -8.34 -1.31 16.57
CA GLY C 694 -8.87 -0.74 15.36
C GLY C 694 -8.16 -1.30 14.14
N PRO C 695 -6.83 -1.16 14.13
CA PRO C 695 -6.04 -1.85 13.10
C PRO C 695 -6.25 -3.34 13.08
N ILE C 696 -6.43 -3.97 14.24
CA ILE C 696 -6.74 -5.39 14.29
C ILE C 696 -8.03 -5.67 13.52
N TYR C 697 -9.07 -4.90 13.81
CA TYR C 697 -10.34 -5.05 13.11
C TYR C 697 -10.15 -4.92 11.62
N PHE C 698 -9.46 -3.86 11.19
CA PHE C 698 -9.30 -3.60 9.76
C PHE C 698 -8.56 -4.74 9.07
N THR C 699 -7.42 -5.16 9.64
CA THR C 699 -6.60 -6.18 8.99
C THR C 699 -7.32 -7.52 8.95
N THR C 700 -7.91 -7.94 10.07
CA THR C 700 -8.61 -9.23 10.07
C THR C 700 -9.82 -9.20 9.15
N PHE C 701 -10.56 -8.08 9.09
CA PHE C 701 -11.70 -8.00 8.19
C PHE C 701 -11.25 -8.12 6.74
N VAL C 702 -10.20 -7.38 6.36
CA VAL C 702 -9.71 -7.45 4.99
C VAL C 702 -9.26 -8.87 4.64
N PHE C 703 -8.50 -9.50 5.55
CA PHE C 703 -8.00 -10.84 5.30
C PHE C 703 -9.15 -11.83 5.14
N PHE C 704 -10.12 -11.79 6.05
CA PHE C 704 -11.19 -12.78 6.02
C PHE C 704 -12.15 -12.54 4.87
N MET C 705 -12.22 -11.32 4.35
CA MET C 705 -13.15 -11.05 3.25
C MET C 705 -12.50 -11.24 1.88
N PHE C 706 -11.46 -10.46 1.60
CA PHE C 706 -10.91 -10.44 0.25
C PHE C 706 -10.19 -11.73 -0.12
N PHE C 707 -9.62 -12.43 0.86
CA PHE C 707 -8.82 -13.61 0.55
C PHE C 707 -9.56 -14.92 0.70
N ILE C 708 -10.60 -14.97 1.52
CA ILE C 708 -11.28 -16.23 1.85
C ILE C 708 -12.73 -16.24 1.39
N LEU C 709 -13.55 -15.32 1.90
CA LEU C 709 -14.99 -15.41 1.73
C LEU C 709 -15.49 -14.89 0.39
N LEU C 710 -14.66 -14.18 -0.38
CA LEU C 710 -15.08 -13.73 -1.69
C LEU C 710 -14.79 -14.75 -2.78
N ASN C 711 -13.75 -15.57 -2.59
CA ASN C 711 -13.43 -16.59 -3.59
C ASN C 711 -14.40 -17.76 -3.55
N MET C 712 -15.11 -17.93 -2.44
CA MET C 712 -16.06 -19.03 -2.32
C MET C 712 -17.21 -18.87 -3.31
N PHE C 713 -17.70 -17.65 -3.50
CA PHE C 713 -18.76 -17.42 -4.49
C PHE C 713 -18.28 -17.79 -5.89
N ALA C 714 -17.07 -17.36 -6.25
CA ALA C 714 -16.53 -17.67 -7.57
C ALA C 714 -16.35 -19.16 -7.75
N ALA C 715 -15.89 -19.87 -6.73
CA ALA C 715 -15.72 -21.31 -6.84
C ALA C 715 -17.05 -21.99 -7.11
N ILE C 716 -18.10 -21.61 -6.37
CA ILE C 716 -19.41 -22.22 -6.55
C ILE C 716 -19.92 -21.97 -7.96
N ILE C 717 -19.84 -20.71 -8.42
CA ILE C 717 -20.36 -20.38 -9.73
C ILE C 717 -19.58 -21.11 -10.83
N ALA C 718 -18.26 -21.17 -10.70
CA ALA C 718 -17.45 -21.83 -11.72
C ALA C 718 -17.75 -23.32 -11.79
N ASP C 719 -17.86 -23.97 -10.62
CA ASP C 719 -18.16 -25.41 -10.62
C ASP C 719 -19.52 -25.68 -11.23
N THR C 720 -20.53 -24.88 -10.85
CA THR C 720 -21.86 -25.08 -11.40
C THR C 720 -21.88 -24.87 -12.90
N TYR C 721 -21.20 -23.83 -13.39
CA TYR C 721 -21.17 -23.58 -14.82
C TYR C 721 -20.49 -24.72 -15.57
N SER C 722 -19.37 -25.22 -15.03
CA SER C 722 -18.66 -26.30 -15.70
C SER C 722 -19.53 -27.56 -15.77
N GLU C 723 -20.17 -27.92 -14.66
CA GLU C 723 -20.97 -29.13 -14.68
C GLU C 723 -22.21 -28.99 -15.55
N VAL C 724 -22.83 -27.80 -15.57
CA VAL C 724 -23.98 -27.59 -16.45
C VAL C 724 -23.58 -27.68 -17.91
N LYS C 725 -22.45 -27.09 -18.28
CA LYS C 725 -22.00 -27.17 -19.67
C LYS C 725 -21.67 -28.60 -20.05
N SER C 726 -21.01 -29.35 -19.16
CA SER C 726 -20.71 -30.74 -19.45
C SER C 726 -21.99 -31.55 -19.63
N ASP C 727 -22.98 -31.34 -18.75
CA ASP C 727 -24.23 -32.06 -18.85
C ASP C 727 -24.94 -31.74 -20.15
N LEU C 728 -24.99 -30.46 -20.53
CA LEU C 728 -25.66 -30.08 -21.77
C LEU C 728 -24.96 -30.66 -22.98
N ALA C 729 -23.63 -30.62 -22.99
CA ALA C 729 -22.88 -31.20 -24.11
C ALA C 729 -23.12 -32.70 -24.21
N GLN C 730 -23.12 -33.39 -23.08
CA GLN C 730 -23.38 -34.83 -23.08
C GLN C 730 -24.78 -35.13 -23.61
N GLN C 731 -25.78 -34.38 -23.15
CA GLN C 731 -27.15 -34.59 -23.60
C GLN C 731 -27.28 -34.34 -25.10
N LYS C 732 -26.64 -33.29 -25.59
CA LYS C 732 -26.67 -33.02 -27.03
C LYS C 732 -25.98 -34.14 -27.81
N ALA C 733 -24.88 -34.65 -27.27
CA ALA C 733 -24.16 -35.73 -27.93
C ALA C 733 -25.00 -37.01 -28.00
N GLU C 734 -25.84 -37.25 -26.99
CA GLU C 734 -26.69 -38.44 -27.02
C GLU C 734 -27.64 -38.40 -28.21
N MET C 735 -28.24 -37.24 -28.47
CA MET C 735 -29.17 -37.09 -29.59
C MET C 735 -28.43 -37.18 -30.92
N LYS D 252 13.78 -34.65 -17.74
CA LYS D 252 14.40 -33.38 -17.34
C LYS D 252 13.53 -32.20 -17.75
N TYR D 253 13.76 -31.70 -18.97
CA TYR D 253 13.02 -30.58 -19.55
C TYR D 253 13.15 -29.31 -18.70
N LEU D 254 14.28 -29.15 -18.00
CA LEU D 254 14.53 -27.96 -17.21
C LEU D 254 15.65 -27.10 -17.75
N LYS D 255 16.53 -27.65 -18.59
CA LYS D 255 17.61 -26.89 -19.21
C LYS D 255 17.55 -26.84 -20.72
N SER D 256 16.75 -27.71 -21.35
CA SER D 256 16.60 -27.70 -22.80
C SER D 256 15.20 -27.31 -23.27
N VAL D 257 14.20 -27.35 -22.38
CA VAL D 257 12.84 -26.99 -22.73
C VAL D 257 12.27 -25.90 -21.84
N LEU D 258 13.02 -25.43 -20.84
CA LEU D 258 12.57 -24.37 -19.96
C LEU D 258 13.41 -23.10 -20.05
N ARG D 259 14.51 -23.11 -20.78
CA ARG D 259 15.39 -21.96 -20.90
C ARG D 259 15.35 -21.31 -22.27
N GLU D 260 15.45 -22.10 -23.35
CA GLU D 260 15.43 -21.54 -24.69
C GLU D 260 14.12 -20.82 -24.98
N LEU D 261 12.99 -21.44 -24.63
CA LEU D 261 11.69 -20.79 -24.83
C LEU D 261 11.56 -19.55 -23.97
N VAL D 262 12.00 -19.62 -22.71
CA VAL D 262 11.93 -18.47 -21.81
C VAL D 262 12.83 -17.35 -22.33
N THR D 263 14.04 -17.69 -22.78
CA THR D 263 14.95 -16.67 -23.32
C THR D 263 14.37 -16.03 -24.57
N TYR D 264 13.76 -16.84 -25.45
CA TYR D 264 13.14 -16.29 -26.66
C TYR D 264 11.99 -15.36 -26.29
N LEU D 265 11.16 -15.74 -25.32
CA LEU D 265 10.07 -14.88 -24.89
C LEU D 265 10.59 -13.57 -24.30
N LEU D 266 11.64 -13.65 -23.49
CA LEU D 266 12.22 -12.43 -22.92
C LEU D 266 12.80 -11.53 -24.01
N PHE D 267 13.45 -12.12 -25.01
CA PHE D 267 13.98 -11.34 -26.12
C PHE D 267 12.86 -10.67 -26.90
N LEU D 268 11.76 -11.39 -27.12
CA LEU D 268 10.61 -10.80 -27.80
C LEU D 268 10.02 -9.65 -26.98
N ILE D 269 9.94 -9.82 -25.66
CA ILE D 269 9.43 -8.75 -24.80
C ILE D 269 10.34 -7.52 -24.87
N VAL D 270 11.64 -7.75 -24.86
CA VAL D 270 12.59 -6.63 -24.93
C VAL D 270 12.46 -5.92 -26.28
N LEU D 271 12.32 -6.68 -27.36
CA LEU D 271 12.14 -6.08 -28.68
C LEU D 271 10.85 -5.27 -28.74
N CYS D 272 9.77 -5.79 -28.16
CA CYS D 272 8.50 -5.06 -28.13
C CYS D 272 8.64 -3.77 -27.34
N ILE D 273 9.35 -3.81 -26.20
CA ILE D 273 9.55 -2.61 -25.40
C ILE D 273 10.37 -1.58 -26.18
N LEU D 274 11.44 -2.04 -26.84
CA LEU D 274 12.28 -1.13 -27.62
C LEU D 274 11.53 -0.53 -28.79
N THR D 275 10.62 -1.29 -29.42
CA THR D 275 9.79 -0.76 -30.49
C THR D 275 8.77 0.24 -29.97
N TYR D 276 8.16 -0.04 -28.81
CA TYR D 276 7.22 0.90 -28.22
C TYR D 276 7.90 2.19 -27.80
N GLY D 277 9.17 2.11 -27.39
CA GLY D 277 9.91 3.30 -27.04
C GLY D 277 10.54 3.99 -28.24
N MET D 278 9.84 3.97 -29.37
CA MET D 278 10.33 4.62 -30.58
C MET D 278 9.24 5.36 -31.34
N MET D 279 8.04 5.49 -30.78
CA MET D 279 6.92 6.14 -31.45
C MET D 279 6.87 7.60 -31.01
N SER D 280 7.17 8.51 -31.93
CA SER D 280 7.13 9.94 -31.64
C SER D 280 5.72 10.46 -31.92
N SER D 281 4.99 10.77 -30.85
CA SER D 281 3.63 11.27 -30.99
C SER D 281 3.60 12.77 -31.21
N ASN D 282 4.29 13.53 -30.33
CA ASN D 282 4.30 14.98 -30.46
C ASN D 282 4.99 15.43 -31.73
N VAL D 283 6.09 14.78 -32.11
CA VAL D 283 6.79 15.13 -33.34
C VAL D 283 5.90 14.88 -34.55
N TYR D 284 5.21 13.74 -34.57
CA TYR D 284 4.30 13.44 -35.67
C TYR D 284 3.15 14.44 -35.74
N TYR D 285 2.60 14.82 -34.58
CA TYR D 285 1.53 15.80 -34.56
C TYR D 285 2.01 17.16 -35.07
N TYR D 286 3.21 17.58 -34.67
CA TYR D 286 3.75 18.85 -35.14
C TYR D 286 4.00 18.81 -36.65
N THR D 287 4.54 17.70 -37.16
CA THR D 287 4.76 17.57 -38.59
C THR D 287 3.45 17.61 -39.36
N ARG D 288 2.42 16.93 -38.83
CA ARG D 288 1.11 16.94 -39.48
C ARG D 288 0.50 18.34 -39.49
N MET D 289 0.63 19.07 -38.37
CA MET D 289 0.13 20.43 -38.32
C MET D 289 0.86 21.33 -39.30
N MET D 290 2.19 21.19 -39.39
CA MET D 290 2.95 21.99 -40.34
C MET D 290 2.56 21.67 -41.77
N SER D 291 2.37 20.39 -42.08
CA SER D 291 1.94 20.02 -43.43
C SER D 291 0.56 20.57 -43.75
N GLN D 292 -0.37 20.49 -42.80
CA GLN D 292 -1.71 21.03 -43.01
C GLN D 292 -1.66 22.52 -43.24
N LEU D 293 -0.85 23.24 -42.46
CA LEU D 293 -0.73 24.69 -42.63
C LEU D 293 0.07 25.07 -43.86
N PHE D 294 0.81 24.13 -44.46
CA PHE D 294 1.64 24.41 -45.62
C PHE D 294 1.17 23.71 -46.89
N LEU D 295 1.01 22.39 -46.87
CA LEU D 295 0.63 21.67 -48.08
C LEU D 295 -0.78 22.05 -48.53
N ASP D 296 -1.71 22.21 -47.59
CA ASP D 296 -3.07 22.59 -47.91
C ASP D 296 -3.26 24.10 -48.02
N THR D 297 -2.18 24.87 -47.84
CA THR D 297 -2.29 26.32 -47.91
C THR D 297 -2.42 26.78 -49.36
N PRO D 298 -3.45 27.53 -49.73
CA PRO D 298 -3.56 28.02 -51.10
C PRO D 298 -2.63 29.19 -51.37
N VAL D 299 -2.73 29.79 -52.56
CA VAL D 299 -1.89 30.93 -52.89
C VAL D 299 -2.29 32.15 -52.07
N SER D 300 -3.54 32.58 -52.20
CA SER D 300 -4.04 33.74 -51.49
C SER D 300 -5.52 33.52 -51.19
N LYS D 301 -6.18 34.57 -50.70
CA LYS D 301 -7.61 34.48 -50.38
C LYS D 301 -8.44 34.21 -51.63
N THR D 302 -8.13 34.91 -52.73
CA THR D 302 -8.90 34.77 -53.96
C THR D 302 -8.30 33.75 -54.92
N GLU D 303 -6.99 33.52 -54.86
CA GLU D 303 -6.36 32.56 -55.76
C GLU D 303 -6.65 31.13 -55.33
N LYS D 304 -6.51 30.21 -56.27
CA LYS D 304 -6.78 28.79 -56.05
C LYS D 304 -5.59 27.94 -56.48
N THR D 305 -4.40 28.35 -56.04
CA THR D 305 -3.16 27.64 -56.34
C THR D 305 -2.55 27.18 -55.02
N ASN D 306 -2.63 25.88 -54.75
CA ASN D 306 -2.11 25.30 -53.51
C ASN D 306 -0.82 24.55 -53.78
N PHE D 307 -0.20 24.08 -52.70
CA PHE D 307 1.04 23.32 -52.82
C PHE D 307 0.80 22.00 -53.54
N LYS D 308 -0.33 21.34 -53.27
CA LYS D 308 -0.67 20.07 -53.89
C LYS D 308 -1.33 20.24 -55.25
N THR D 309 -1.51 21.47 -55.72
CA THR D 309 -2.16 21.75 -56.99
C THR D 309 -1.25 22.61 -57.87
N LEU D 310 0.02 22.21 -57.95
CA LEU D 310 1.00 22.94 -58.75
C LEU D 310 0.69 22.72 -60.23
N SER D 311 0.26 23.79 -60.91
CA SER D 311 -0.09 23.71 -62.32
C SER D 311 0.54 24.80 -63.19
N SER D 312 1.22 25.76 -62.60
CA SER D 312 1.83 26.84 -63.37
C SER D 312 3.03 27.39 -62.59
N MET D 313 3.89 28.11 -63.30
CA MET D 313 5.07 28.69 -62.69
C MET D 313 4.75 29.85 -61.75
N GLU D 314 3.53 30.38 -61.79
CA GLU D 314 3.10 31.43 -60.89
C GLU D 314 2.38 30.89 -59.66
N ASP D 315 2.16 29.58 -59.58
CA ASP D 315 1.52 29.01 -58.40
C ASP D 315 2.40 29.15 -57.16
N PHE D 316 3.69 28.82 -57.29
CA PHE D 316 4.60 28.95 -56.16
C PHE D 316 4.83 30.41 -55.79
N TRP D 317 4.95 31.29 -56.79
CA TRP D 317 5.17 32.71 -56.51
C TRP D 317 3.98 33.30 -55.77
N LYS D 318 2.76 32.96 -56.20
CA LYS D 318 1.56 33.43 -55.51
C LYS D 318 1.36 32.75 -54.17
N PHE D 319 1.87 31.53 -54.00
CA PHE D 319 1.75 30.84 -52.72
C PHE D 319 2.69 31.42 -51.68
N THR D 320 3.90 31.80 -52.08
CA THR D 320 4.87 32.35 -51.14
C THR D 320 4.39 33.65 -50.50
N GLU D 321 3.56 34.42 -51.20
CA GLU D 321 2.97 35.65 -50.68
C GLU D 321 1.48 35.38 -50.49
N GLY D 322 1.09 35.06 -49.27
CA GLY D 322 -0.29 34.68 -48.99
C GLY D 322 -0.42 33.75 -47.81
N SER D 323 -1.06 32.59 -48.03
CA SER D 323 -1.27 31.65 -46.93
C SER D 323 0.04 31.15 -46.34
N LEU D 324 1.09 31.03 -47.17
CA LEU D 324 2.41 30.68 -46.64
C LEU D 324 2.99 31.80 -45.79
N LEU D 325 2.56 33.05 -46.01
CA LEU D 325 2.96 34.16 -45.17
C LEU D 325 2.04 34.36 -43.98
N ASP D 326 0.96 33.61 -43.88
CA ASP D 326 0.03 33.68 -42.75
C ASP D 326 0.19 32.52 -41.78
N GLY D 327 0.40 31.30 -42.29
CA GLY D 327 0.59 30.16 -41.43
C GLY D 327 2.02 29.99 -40.96
N LEU D 328 2.96 30.63 -41.64
CA LEU D 328 4.37 30.57 -41.29
C LEU D 328 4.96 31.92 -40.91
N TYR D 329 4.79 32.93 -41.76
CA TYR D 329 5.41 34.24 -41.54
C TYR D 329 4.47 35.15 -40.76
N TRP D 330 4.11 34.69 -39.57
CA TRP D 330 3.24 35.44 -38.68
C TRP D 330 4.04 36.48 -37.89
N LYS D 331 3.44 37.64 -37.68
CA LYS D 331 4.11 38.72 -36.97
C LYS D 331 4.30 38.36 -35.50
N MET D 332 5.19 39.09 -34.84
CA MET D 332 5.50 38.86 -33.44
C MET D 332 4.46 39.55 -32.55
N GLN D 333 4.72 39.58 -31.25
CA GLN D 333 3.79 40.20 -30.31
C GLN D 333 4.55 41.06 -29.30
N ASN D 342 9.74 40.54 -35.92
CA ASN D 342 8.88 39.57 -36.61
C ASN D 342 9.32 38.14 -36.31
N ARG D 343 8.66 37.52 -35.33
CA ARG D 343 8.98 36.16 -34.92
C ARG D 343 8.31 35.18 -35.89
N SER D 344 8.30 33.90 -35.53
CA SER D 344 7.68 32.85 -36.34
C SER D 344 6.77 32.03 -35.42
N PHE D 345 5.51 32.48 -35.29
CA PHE D 345 4.53 31.78 -34.47
C PHE D 345 3.14 32.15 -34.98
N ILE D 346 2.51 31.22 -35.71
CA ILE D 346 1.19 31.48 -36.28
C ILE D 346 0.14 31.57 -35.17
N PHE D 347 -0.04 30.48 -34.42
CA PHE D 347 -0.96 30.45 -33.29
C PHE D 347 -0.27 30.76 -31.97
N TYR D 348 0.87 31.46 -32.01
CA TYR D 348 1.70 31.79 -30.86
C TYR D 348 2.24 30.55 -30.15
N GLU D 349 2.17 29.39 -30.79
CA GLU D 349 2.68 28.15 -30.21
C GLU D 349 3.56 27.34 -31.14
N ASN D 350 3.64 27.70 -32.42
CA ASN D 350 4.47 26.98 -33.39
C ASN D 350 5.69 27.86 -33.67
N LEU D 351 6.74 27.67 -32.87
CA LEU D 351 7.97 28.46 -33.00
C LEU D 351 8.90 27.77 -33.99
N LEU D 352 9.08 28.40 -35.16
CA LEU D 352 9.99 27.88 -36.16
C LEU D 352 11.44 28.16 -35.75
N LEU D 353 12.33 27.26 -36.13
CA LEU D 353 13.75 27.36 -35.79
C LEU D 353 14.55 27.96 -36.93
N GLY D 354 15.37 28.95 -36.59
CA GLY D 354 16.27 29.54 -37.57
C GLY D 354 15.52 30.23 -38.69
N VAL D 355 16.12 30.20 -39.88
CA VAL D 355 15.53 30.81 -41.06
C VAL D 355 15.60 29.82 -42.22
N PRO D 356 14.70 29.96 -43.19
CA PRO D 356 14.69 29.03 -44.32
C PRO D 356 15.72 29.40 -45.38
N ARG D 357 15.92 28.46 -46.30
CA ARG D 357 16.81 28.65 -47.43
C ARG D 357 16.14 28.08 -48.68
N ILE D 358 16.51 28.62 -49.83
CA ILE D 358 15.91 28.24 -51.11
C ILE D 358 17.00 27.83 -52.08
N ARG D 359 16.74 26.78 -52.85
CA ARG D 359 17.67 26.30 -53.87
C ARG D 359 16.90 26.03 -55.15
N GLN D 360 17.58 26.22 -56.28
CA GLN D 360 16.96 26.02 -57.59
C GLN D 360 17.98 25.33 -58.49
N LEU D 361 17.73 24.05 -58.79
CA LEU D 361 18.58 23.29 -59.72
C LEU D 361 17.98 23.46 -61.11
N ARG D 362 18.53 24.41 -61.86
CA ARG D 362 18.04 24.73 -63.19
C ARG D 362 18.93 24.13 -64.26
N VAL D 363 18.38 24.04 -65.47
CA VAL D 363 19.15 23.57 -66.62
C VAL D 363 20.04 24.70 -67.12
N ARG D 364 21.25 24.36 -67.53
CA ARG D 364 22.19 25.36 -68.02
C ARG D 364 21.67 25.98 -69.31
N ASN D 365 22.22 27.16 -69.62
CA ASN D 365 21.84 27.88 -70.84
C ASN D 365 22.29 27.07 -72.04
N GLY D 366 21.33 26.44 -72.72
CA GLY D 366 21.65 25.53 -73.80
C GLY D 366 21.93 24.12 -73.31
N SER D 367 20.98 23.55 -72.56
CA SER D 367 21.12 22.22 -72.01
C SER D 367 20.71 21.12 -72.98
N CYS D 368 20.31 21.50 -74.19
CA CYS D 368 19.92 20.53 -75.22
C CYS D 368 20.26 21.15 -76.58
N SER D 369 19.78 20.52 -77.65
CA SER D 369 20.04 20.99 -79.00
C SER D 369 18.76 20.98 -79.80
N ILE D 370 18.72 21.81 -80.83
CA ILE D 370 17.57 21.90 -81.72
C ILE D 370 17.91 21.21 -83.03
N PRO D 371 16.95 20.63 -83.74
CA PRO D 371 17.26 19.93 -84.98
C PRO D 371 17.81 20.87 -86.03
N GLN D 372 18.75 20.36 -86.84
CA GLN D 372 19.32 21.17 -87.91
C GLN D 372 18.32 21.41 -89.03
N ASP D 373 17.45 20.44 -89.30
CA ASP D 373 16.44 20.60 -90.34
C ASP D 373 15.39 21.64 -89.97
N LEU D 374 15.24 21.95 -88.69
CA LEU D 374 14.29 22.94 -88.20
C LEU D 374 14.99 23.98 -87.34
N ARG D 375 16.22 24.34 -87.72
CA ARG D 375 17.01 25.32 -86.97
C ARG D 375 16.52 26.75 -87.19
N ASP D 376 15.65 26.99 -88.18
CA ASP D 376 15.13 28.32 -88.42
C ASP D 376 14.00 28.71 -87.47
N GLU D 377 13.45 27.75 -86.73
CA GLU D 377 12.35 28.02 -85.82
C GLU D 377 12.54 27.44 -84.42
N ILE D 378 13.40 26.44 -84.25
CA ILE D 378 13.65 25.82 -82.95
C ILE D 378 14.96 26.35 -82.39
N LYS D 379 14.91 26.86 -81.15
CA LYS D 379 16.08 27.47 -80.53
C LYS D 379 16.87 26.45 -79.69
N GLU D 380 16.23 25.89 -78.67
CA GLU D 380 16.89 24.96 -77.75
C GLU D 380 15.82 24.32 -76.87
N CYS D 381 16.26 23.44 -75.98
CA CYS D 381 15.37 22.75 -75.05
C CYS D 381 16.11 22.55 -73.73
N TYR D 382 15.39 22.02 -72.74
CA TYR D 382 15.96 21.76 -71.42
C TYR D 382 15.66 20.33 -71.02
N ASP D 383 16.66 19.66 -70.44
CA ASP D 383 16.53 18.28 -70.02
C ASP D 383 16.05 18.21 -68.58
N VAL D 384 15.92 17.00 -68.04
CA VAL D 384 15.46 16.80 -66.67
C VAL D 384 16.60 17.12 -65.70
N TYR D 385 16.28 17.25 -64.42
CA TYR D 385 17.28 17.55 -63.41
C TYR D 385 18.20 16.35 -63.22
N SER D 386 19.50 16.61 -63.14
CA SER D 386 20.50 15.57 -62.94
C SER D 386 21.79 16.24 -62.46
N VAL D 387 22.82 15.43 -62.22
CA VAL D 387 24.11 15.97 -61.80
C VAL D 387 24.76 16.73 -62.95
N SER D 388 24.74 16.15 -64.15
CA SER D 388 25.33 16.77 -65.33
C SER D 388 24.36 17.70 -66.05
N SER D 389 23.13 17.83 -65.58
CA SER D 389 22.13 18.71 -66.21
C SER D 389 21.73 19.84 -65.27
N GLU D 390 22.64 20.29 -64.43
CA GLU D 390 22.40 21.37 -63.49
C GLU D 390 23.21 22.59 -63.91
N ASP D 391 22.57 23.76 -63.92
CA ASP D 391 23.23 24.98 -64.33
C ASP D 391 24.35 25.34 -63.36
N ARG D 392 25.41 25.93 -63.90
CA ARG D 392 26.53 26.40 -63.10
C ARG D 392 26.95 27.83 -63.39
N ALA D 393 26.68 28.36 -64.59
CA ALA D 393 27.01 29.74 -64.92
C ALA D 393 25.83 30.64 -64.56
N PRO D 394 25.95 31.95 -64.78
CA PRO D 394 24.84 32.85 -64.46
C PRO D 394 23.63 32.60 -65.35
N PHE D 395 22.45 32.87 -64.79
CA PHE D 395 21.18 32.71 -65.48
C PHE D 395 20.40 34.01 -65.28
N GLY D 396 20.48 34.91 -66.25
CA GLY D 396 19.85 36.21 -66.14
C GLY D 396 20.70 37.19 -65.37
N PRO D 397 20.08 38.24 -64.84
CA PRO D 397 20.85 39.22 -64.05
C PRO D 397 21.30 38.67 -62.72
N ARG D 398 22.60 38.39 -62.59
CA ARG D 398 23.17 37.80 -61.38
C ARG D 398 24.03 38.85 -60.70
N ASN D 399 23.40 39.67 -59.85
CA ASN D 399 24.15 40.63 -59.06
C ASN D 399 25.01 39.93 -58.02
N GLY D 400 24.45 38.92 -57.35
CA GLY D 400 25.19 38.15 -56.39
C GLY D 400 24.95 36.66 -56.54
N THR D 401 24.50 36.01 -55.47
CA THR D 401 24.18 34.58 -55.51
C THR D 401 22.71 34.32 -55.87
N ALA D 402 21.94 35.38 -56.15
CA ALA D 402 20.53 35.19 -56.49
C ALA D 402 20.34 34.47 -57.83
N TRP D 403 21.34 34.54 -58.72
CA TRP D 403 21.25 33.85 -59.99
C TRP D 403 22.53 33.12 -60.36
N ILE D 404 23.50 33.03 -59.45
CA ILE D 404 24.75 32.32 -59.69
C ILE D 404 24.71 31.01 -58.92
N TYR D 405 24.82 29.91 -59.63
CA TYR D 405 24.72 28.59 -59.01
C TYR D 405 25.93 28.32 -58.12
N THR D 406 25.69 27.69 -56.97
CA THR D 406 26.73 27.29 -56.05
C THR D 406 27.11 25.85 -56.28
N SER D 407 28.39 25.54 -56.05
CA SER D 407 28.88 24.18 -56.25
C SER D 407 28.22 23.23 -55.26
N GLU D 408 28.04 21.98 -55.70
CA GLU D 408 27.41 20.97 -54.85
C GLU D 408 28.23 20.71 -53.59
N LYS D 409 29.54 20.61 -53.74
CA LYS D 409 30.41 20.39 -52.58
C LYS D 409 30.56 21.66 -51.75
N ASP D 410 30.46 22.83 -52.36
CA ASP D 410 30.64 24.10 -51.67
C ASP D 410 29.35 24.63 -51.05
N LEU D 411 28.21 24.00 -51.31
CA LEU D 411 26.93 24.43 -50.76
C LEU D 411 26.28 23.36 -49.90
N ASN D 412 27.04 22.34 -49.49
CA ASN D 412 26.54 21.25 -48.65
C ASN D 412 25.35 20.54 -49.31
N GLY D 413 25.59 20.08 -50.54
CA GLY D 413 24.56 19.38 -51.29
C GLY D 413 25.11 18.14 -51.94
N SER D 414 24.21 17.19 -52.18
CA SER D 414 24.57 15.92 -52.80
C SER D 414 23.35 15.32 -53.46
N SER D 415 23.59 14.36 -54.34
CA SER D 415 22.50 13.68 -55.03
C SER D 415 21.67 12.86 -54.05
N HIS D 416 20.38 12.74 -54.35
CA HIS D 416 19.46 12.02 -53.47
C HIS D 416 18.73 10.91 -54.22
N TRP D 417 18.43 11.14 -55.50
CA TRP D 417 17.70 10.19 -56.33
C TRP D 417 16.34 9.86 -55.70
N GLY D 418 15.50 10.89 -55.58
CA GLY D 418 14.21 10.74 -54.94
C GLY D 418 13.14 10.16 -55.84
N ILE D 419 11.94 10.72 -55.77
CA ILE D 419 10.82 10.18 -56.54
C ILE D 419 10.84 10.67 -57.99
N ILE D 420 11.56 11.75 -58.27
CA ILE D 420 11.60 12.36 -59.60
C ILE D 420 12.94 12.12 -60.28
N ALA D 421 14.02 12.64 -59.70
CA ALA D 421 15.34 12.53 -60.31
C ALA D 421 16.39 12.72 -59.21
N THR D 422 17.66 12.62 -59.61
CA THR D 422 18.78 12.75 -58.69
C THR D 422 19.29 14.19 -58.69
N TYR D 423 18.49 15.07 -58.10
CA TYR D 423 18.87 16.48 -57.99
C TYR D 423 20.02 16.65 -57.02
N SER D 424 21.19 17.01 -57.52
CA SER D 424 22.38 17.16 -56.70
C SER D 424 22.36 18.53 -56.02
N GLY D 425 23.46 18.90 -55.39
CA GLY D 425 23.57 20.17 -54.70
C GLY D 425 23.87 21.37 -55.57
N ALA D 426 24.03 21.17 -56.88
CA ALA D 426 24.27 22.28 -57.77
C ALA D 426 23.00 23.09 -58.01
N GLY D 427 23.17 24.36 -58.35
CA GLY D 427 22.05 25.24 -58.58
C GLY D 427 22.14 26.52 -57.78
N TYR D 428 21.31 27.50 -58.13
CA TYR D 428 21.31 28.77 -57.43
C TYR D 428 20.82 28.59 -55.99
N TYR D 429 21.41 29.34 -55.07
CA TYR D 429 21.07 29.27 -53.66
C TYR D 429 20.76 30.67 -53.13
N LEU D 430 19.90 30.72 -52.12
CA LEU D 430 19.53 31.97 -51.49
C LEU D 430 19.10 31.71 -50.06
N ASP D 431 19.29 32.71 -49.21
CA ASP D 431 18.93 32.63 -47.80
C ASP D 431 17.84 33.65 -47.48
N LEU D 432 16.96 33.28 -46.56
CA LEU D 432 15.86 34.15 -46.16
C LEU D 432 16.36 35.19 -45.17
N SER D 433 15.44 35.94 -44.58
CA SER D 433 15.75 36.99 -43.63
C SER D 433 15.20 36.62 -42.25
N ARG D 434 15.35 37.54 -41.31
CA ARG D 434 14.89 37.36 -39.93
C ARG D 434 13.57 38.05 -39.67
N THR D 435 12.91 38.56 -40.70
CA THR D 435 11.63 39.24 -40.55
C THR D 435 10.66 38.75 -41.62
N ARG D 436 9.39 38.66 -41.25
CA ARG D 436 8.37 38.22 -42.19
C ARG D 436 8.20 39.21 -43.33
N GLU D 437 8.22 40.51 -43.03
CA GLU D 437 8.12 41.52 -44.07
C GLU D 437 9.31 41.47 -45.02
N GLU D 438 10.51 41.31 -44.47
CA GLU D 438 11.71 41.19 -45.30
C GLU D 438 11.67 39.93 -46.14
N THR D 439 11.21 38.80 -45.59
CA THR D 439 11.08 37.59 -46.37
C THR D 439 10.08 37.75 -47.51
N ALA D 440 8.94 38.40 -47.24
CA ALA D 440 7.96 38.66 -48.29
C ALA D 440 8.54 39.55 -49.37
N ALA D 441 9.28 40.59 -48.98
CA ALA D 441 9.90 41.47 -49.97
C ALA D 441 10.92 40.72 -50.81
N GLN D 442 11.72 39.86 -50.19
CA GLN D 442 12.69 39.07 -50.95
C GLN D 442 12.00 38.11 -51.90
N VAL D 443 10.89 37.49 -51.47
CA VAL D 443 10.13 36.61 -52.35
C VAL D 443 9.56 37.37 -53.52
N ALA D 444 9.03 38.57 -53.28
CA ALA D 444 8.51 39.39 -54.38
C ALA D 444 9.61 39.79 -55.34
N SER D 445 10.78 40.15 -54.81
CA SER D 445 11.90 40.50 -55.69
C SER D 445 12.35 39.32 -56.53
N LEU D 446 12.41 38.12 -55.93
CA LEU D 446 12.78 36.94 -56.67
C LEU D 446 11.75 36.55 -57.72
N LYS D 447 10.46 36.76 -57.43
CA LYS D 447 9.42 36.48 -58.41
C LYS D 447 9.38 37.49 -59.54
N LYS D 448 9.70 38.75 -59.27
CA LYS D 448 9.75 39.76 -60.32
C LYS D 448 10.86 39.45 -61.33
N ASN D 449 12.01 39.04 -60.83
CA ASN D 449 13.15 38.71 -61.68
C ASN D 449 13.09 37.24 -62.10
N VAL D 450 13.99 36.88 -63.01
CA VAL D 450 14.05 35.50 -63.50
C VAL D 450 14.86 34.67 -62.50
N TRP D 451 14.16 34.00 -61.59
CA TRP D 451 14.78 33.09 -60.63
C TRP D 451 14.54 31.63 -60.97
N LEU D 452 13.28 31.24 -61.21
CA LEU D 452 12.94 29.92 -61.73
C LEU D 452 12.36 30.13 -63.13
N ASP D 453 13.24 30.21 -64.11
CA ASP D 453 12.84 30.51 -65.47
C ASP D 453 12.38 29.25 -66.19
N ARG D 454 12.11 29.38 -67.49
CA ARG D 454 11.70 28.24 -68.29
C ARG D 454 12.82 27.21 -68.44
N GLY D 455 14.07 27.61 -68.23
CA GLY D 455 15.19 26.69 -68.30
C GLY D 455 15.56 26.10 -66.95
N THR D 456 14.55 25.86 -66.12
CA THR D 456 14.74 25.27 -64.79
C THR D 456 14.24 23.84 -64.78
N ARG D 457 14.70 23.08 -63.79
CA ARG D 457 14.34 21.68 -63.66
C ARG D 457 13.81 21.28 -62.29
N ALA D 458 14.27 21.90 -61.20
CA ALA D 458 13.76 21.55 -59.88
C ALA D 458 13.98 22.72 -58.93
N THR D 459 13.14 22.79 -57.90
CA THR D 459 13.24 23.81 -56.87
C THR D 459 13.05 23.15 -55.52
N PHE D 460 13.61 23.79 -54.48
CA PHE D 460 13.50 23.24 -53.14
C PHE D 460 13.65 24.37 -52.12
N ILE D 461 13.12 24.12 -50.93
CA ILE D 461 13.23 25.05 -49.80
C ILE D 461 13.34 24.22 -48.53
N ASP D 462 14.14 24.71 -47.60
CA ASP D 462 14.40 23.99 -46.35
C ASP D 462 14.28 24.94 -45.18
N PHE D 463 13.46 24.57 -44.20
CA PHE D 463 13.29 25.36 -42.98
C PHE D 463 13.37 24.43 -41.78
N SER D 464 13.43 25.01 -40.59
CA SER D 464 13.48 24.27 -39.35
C SER D 464 12.40 24.76 -38.41
N VAL D 465 11.91 23.85 -37.57
CA VAL D 465 10.88 24.16 -36.60
C VAL D 465 11.36 23.73 -35.22
N TYR D 466 11.18 24.63 -34.25
CA TYR D 466 11.60 24.37 -32.87
C TYR D 466 10.44 24.17 -31.92
N ASN D 467 9.39 24.99 -32.03
CA ASN D 467 8.24 24.94 -31.12
C ASN D 467 8.70 24.98 -29.67
N ALA D 468 9.28 26.13 -29.32
CA ALA D 468 10.01 26.34 -28.07
C ALA D 468 9.31 25.77 -26.84
N ASN D 469 7.98 25.71 -26.86
CA ASN D 469 7.25 25.08 -25.78
C ASN D 469 7.47 23.57 -25.72
N ILE D 470 7.87 22.94 -26.82
CA ILE D 470 8.06 21.50 -26.89
C ILE D 470 9.48 21.20 -27.34
N ASN D 471 10.12 20.24 -26.68
CA ASN D 471 11.51 19.87 -27.00
C ASN D 471 11.50 18.96 -28.22
N LEU D 472 11.33 19.59 -29.39
CA LEU D 472 11.31 18.85 -30.66
C LEU D 472 11.73 19.81 -31.76
N PHE D 473 12.98 19.70 -32.19
CA PHE D 473 13.53 20.51 -33.28
C PHE D 473 13.63 19.63 -34.52
N CYS D 474 12.80 19.91 -35.51
CA CYS D 474 12.73 19.11 -36.73
C CYS D 474 12.99 19.99 -37.94
N VAL D 475 13.13 19.33 -39.09
CA VAL D 475 13.35 20.04 -40.36
C VAL D 475 12.17 19.77 -41.27
N VAL D 476 11.87 20.75 -42.13
CA VAL D 476 10.81 20.63 -43.11
C VAL D 476 11.37 21.06 -44.46
N ARG D 477 11.34 20.16 -45.44
CA ARG D 477 11.87 20.44 -46.77
C ARG D 477 10.76 20.28 -47.79
N LEU D 478 10.48 21.36 -48.52
CA LEU D 478 9.55 21.31 -49.63
C LEU D 478 10.35 21.22 -50.94
N LEU D 479 9.80 20.47 -51.90
CA LEU D 479 10.45 20.26 -53.17
C LEU D 479 9.42 20.41 -54.29
N VAL D 480 9.92 20.68 -55.49
CA VAL D 480 9.07 20.82 -56.66
C VAL D 480 9.87 20.35 -57.86
N GLU D 481 9.30 19.40 -58.60
CA GLU D 481 9.93 18.83 -59.78
C GLU D 481 9.32 19.47 -61.02
N PHE D 482 10.07 20.36 -61.66
CA PHE D 482 9.62 20.99 -62.89
C PHE D 482 10.01 20.11 -64.08
N PRO D 483 9.07 19.34 -64.63
CA PRO D 483 9.42 18.44 -65.74
C PRO D 483 9.71 19.22 -67.01
N ALA D 484 10.45 18.56 -67.90
CA ALA D 484 10.79 19.15 -69.20
C ALA D 484 9.58 19.25 -70.12
N THR D 485 8.46 18.62 -69.79
CA THR D 485 7.24 18.68 -70.58
C THR D 485 6.24 19.66 -69.98
N GLY D 486 6.75 20.71 -69.34
CA GLY D 486 5.89 21.74 -68.78
C GLY D 486 5.33 21.40 -67.41
N GLY D 487 5.04 22.42 -66.62
CA GLY D 487 4.46 22.21 -65.32
C GLY D 487 5.49 21.83 -64.26
N VAL D 488 4.98 21.51 -63.07
CA VAL D 488 5.81 21.11 -61.94
C VAL D 488 4.93 20.39 -60.94
N ILE D 489 5.54 19.51 -60.15
CA ILE D 489 4.83 18.76 -59.12
C ILE D 489 5.48 19.05 -57.77
N PRO D 490 4.76 19.66 -56.83
CA PRO D 490 5.35 19.94 -55.52
C PRO D 490 5.02 18.87 -54.49
N SER D 491 5.79 18.90 -53.40
CA SER D 491 5.63 17.96 -52.29
C SER D 491 6.40 18.51 -51.10
N TRP D 492 6.20 17.88 -49.94
CA TRP D 492 6.89 18.28 -48.72
C TRP D 492 7.24 17.04 -47.91
N GLN D 493 8.28 17.17 -47.08
CA GLN D 493 8.73 16.08 -46.23
C GLN D 493 9.28 16.65 -44.93
N PHE D 494 8.87 16.05 -43.81
CA PHE D 494 9.29 16.49 -42.49
C PHE D 494 10.17 15.43 -41.86
N GLN D 495 11.36 15.84 -41.41
CA GLN D 495 12.31 14.96 -40.75
C GLN D 495 12.42 15.34 -39.28
N PRO D 496 11.91 14.51 -38.36
CA PRO D 496 12.06 14.79 -36.91
C PRO D 496 13.34 14.21 -36.32
N LEU D 497 14.46 14.87 -36.59
CA LEU D 497 15.76 14.45 -36.12
C LEU D 497 16.12 15.22 -34.85
N LYS D 498 16.31 14.49 -33.76
CA LYS D 498 16.67 15.10 -32.47
C LYS D 498 17.72 14.25 -31.79
N LEU D 499 18.55 14.90 -30.97
CA LEU D 499 19.61 14.23 -30.23
C LEU D 499 19.66 14.77 -28.80
N ILE D 500 18.50 15.02 -28.21
CA ILE D 500 18.39 15.53 -26.86
C ILE D 500 17.57 14.55 -26.02
N ARG D 501 17.69 13.26 -26.33
CA ARG D 501 16.83 12.26 -25.71
C ARG D 501 17.03 12.18 -24.20
N TYR D 502 18.27 12.31 -23.72
CA TYR D 502 18.56 12.18 -22.30
C TYR D 502 18.00 13.38 -21.56
N VAL D 503 16.83 13.21 -20.96
CA VAL D 503 16.13 14.31 -20.29
C VAL D 503 15.84 13.98 -18.84
N THR D 504 15.06 12.92 -18.61
CA THR D 504 14.52 12.65 -17.28
C THR D 504 14.41 11.13 -17.10
N THR D 505 13.61 10.72 -16.11
CA THR D 505 13.51 9.30 -15.75
C THR D 505 13.06 8.44 -16.91
N PHE D 506 12.22 8.97 -17.80
CA PHE D 506 11.84 8.21 -18.99
C PHE D 506 13.03 7.93 -19.88
N ASP D 507 13.91 8.92 -20.06
CA ASP D 507 15.13 8.71 -20.82
C ASP D 507 16.03 7.68 -20.15
N PHE D 508 16.12 7.73 -18.82
CA PHE D 508 16.91 6.75 -18.09
C PHE D 508 16.37 5.34 -18.30
N PHE D 509 15.04 5.19 -18.26
CA PHE D 509 14.43 3.88 -18.50
C PHE D 509 14.70 3.40 -19.92
N LEU D 510 14.59 4.30 -20.90
CA LEU D 510 14.87 3.92 -22.29
C LEU D 510 16.32 3.48 -22.46
N ALA D 511 17.25 4.22 -21.86
CA ALA D 511 18.67 3.85 -21.96
C ALA D 511 18.94 2.53 -21.27
N ALA D 512 18.33 2.29 -20.11
CA ALA D 512 18.49 1.02 -19.42
C ALA D 512 17.96 -0.13 -20.25
N CYS D 513 16.80 0.07 -20.89
CA CYS D 513 16.24 -0.97 -21.76
C CYS D 513 17.15 -1.24 -22.95
N GLU D 514 17.72 -0.18 -23.54
CA GLU D 514 18.63 -0.37 -24.67
C GLU D 514 19.88 -1.14 -24.25
N ILE D 515 20.44 -0.80 -23.08
CA ILE D 515 21.62 -1.48 -22.60
C ILE D 515 21.32 -2.94 -22.30
N ILE D 516 20.16 -3.22 -21.70
CA ILE D 516 19.77 -4.60 -21.42
C ILE D 516 19.58 -5.38 -22.71
N PHE D 517 18.98 -4.75 -23.72
CA PHE D 517 18.83 -5.42 -25.01
C PHE D 517 20.17 -5.72 -25.65
N CYS D 518 21.11 -4.78 -25.57
CA CYS D 518 22.45 -5.03 -26.13
C CYS D 518 23.14 -6.17 -25.39
N PHE D 519 23.03 -6.20 -24.07
CA PHE D 519 23.63 -7.29 -23.29
C PHE D 519 22.99 -8.63 -23.61
N PHE D 520 21.66 -8.65 -23.78
CA PHE D 520 20.98 -9.89 -24.14
C PHE D 520 21.42 -10.36 -25.52
N ILE D 521 21.56 -9.44 -26.47
CA ILE D 521 22.02 -9.81 -27.81
C ILE D 521 23.43 -10.38 -27.75
N PHE D 522 24.31 -9.75 -26.96
CA PHE D 522 25.68 -10.25 -26.82
C PHE D 522 25.69 -11.65 -26.21
N TYR D 523 24.86 -11.86 -25.16
CA TYR D 523 24.79 -13.18 -24.54
C TYR D 523 24.25 -14.22 -25.50
N TYR D 524 23.24 -13.88 -26.29
CA TYR D 524 22.69 -14.82 -27.27
C TYR D 524 23.74 -15.16 -28.34
N VAL D 525 24.49 -14.16 -28.79
CA VAL D 525 25.54 -14.40 -29.77
C VAL D 525 26.61 -15.33 -29.19
N VAL D 526 26.98 -15.10 -27.94
CA VAL D 526 27.98 -15.94 -27.29
C VAL D 526 27.48 -17.37 -27.17
N GLU D 527 26.22 -17.53 -26.77
CA GLU D 527 25.64 -18.86 -26.58
C GLU D 527 25.39 -19.59 -27.89
N GLU D 528 25.20 -18.88 -29.00
CA GLU D 528 24.93 -19.51 -30.28
C GLU D 528 26.13 -19.54 -31.22
N ILE D 529 27.27 -18.98 -30.82
CA ILE D 529 28.45 -18.99 -31.68
C ILE D 529 29.37 -20.17 -31.41
N LEU D 530 29.04 -21.01 -30.43
CA LEU D 530 29.86 -22.17 -30.09
C LEU D 530 29.31 -23.49 -30.61
N GLU D 531 27.99 -23.62 -30.67
CA GLU D 531 27.35 -24.84 -31.14
C GLU D 531 27.19 -24.88 -32.66
N ILE D 532 27.87 -24.00 -33.39
CA ILE D 532 27.80 -23.99 -34.84
C ILE D 532 29.20 -23.99 -35.42
N ARG D 533 30.20 -23.77 -34.57
CA ARG D 533 31.59 -23.77 -35.01
C ARG D 533 32.26 -25.11 -34.71
N ILE D 534 32.19 -25.57 -33.47
CA ILE D 534 32.75 -26.85 -33.06
C ILE D 534 31.73 -27.95 -33.31
N HIS D 535 30.65 -27.61 -34.01
CA HIS D 535 29.57 -28.55 -34.29
C HIS D 535 29.17 -28.47 -35.75
N LYS D 536 28.03 -29.07 -36.10
CA LYS D 536 27.55 -29.10 -37.48
C LYS D 536 27.47 -27.70 -38.06
N LEU D 537 28.26 -27.47 -39.11
CA LEU D 537 28.36 -26.17 -39.76
C LEU D 537 27.66 -26.19 -41.11
N HIS D 538 27.58 -25.01 -41.74
CA HIS D 538 26.97 -24.82 -43.04
C HIS D 538 25.48 -25.17 -43.05
N TYR D 539 24.84 -25.13 -41.89
CA TYR D 539 23.41 -25.41 -41.78
C TYR D 539 22.64 -24.15 -42.13
N PHE D 540 22.08 -24.11 -43.34
CA PHE D 540 21.34 -22.95 -43.81
C PHE D 540 19.87 -23.26 -44.08
N ARG D 541 19.57 -24.37 -44.74
CA ARG D 541 18.19 -24.76 -45.03
C ARG D 541 17.63 -25.66 -43.94
N SER D 542 17.73 -25.21 -42.68
CA SER D 542 17.22 -25.96 -41.55
C SER D 542 16.05 -25.27 -40.85
N PHE D 543 15.77 -24.01 -41.18
CA PHE D 543 14.64 -23.25 -40.64
C PHE D 543 14.79 -23.00 -39.14
N TRP D 544 15.89 -23.46 -38.54
CA TRP D 544 16.15 -23.21 -37.13
C TRP D 544 17.57 -22.77 -36.83
N ASN D 545 18.56 -23.06 -37.67
CA ASN D 545 19.93 -22.65 -37.42
C ASN D 545 20.29 -21.36 -38.14
N CYS D 546 19.83 -21.18 -39.37
CA CYS D 546 20.10 -19.94 -40.09
C CYS D 546 19.29 -18.78 -39.54
N LEU D 547 18.10 -19.05 -39.01
CA LEU D 547 17.25 -17.98 -38.50
C LEU D 547 17.89 -17.28 -37.30
N ASP D 548 18.47 -18.05 -36.38
CA ASP D 548 19.10 -17.45 -35.21
C ASP D 548 20.29 -16.59 -35.60
N VAL D 549 21.12 -17.08 -36.52
CA VAL D 549 22.28 -16.32 -36.97
C VAL D 549 21.84 -15.04 -37.68
N VAL D 550 20.81 -15.15 -38.53
CA VAL D 550 20.31 -13.97 -39.24
C VAL D 550 19.76 -12.95 -38.25
N ILE D 551 19.03 -13.42 -37.24
CA ILE D 551 18.46 -12.50 -36.25
C ILE D 551 19.56 -11.81 -35.47
N VAL D 552 20.59 -12.56 -35.06
CA VAL D 552 21.69 -11.96 -34.32
C VAL D 552 22.42 -10.92 -35.15
N VAL D 553 22.70 -11.26 -36.42
CA VAL D 553 23.41 -10.34 -37.30
C VAL D 553 22.59 -9.08 -37.53
N LEU D 554 21.28 -9.24 -37.78
CA LEU D 554 20.42 -8.09 -38.01
C LEU D 554 20.32 -7.21 -36.77
N SER D 555 20.21 -7.82 -35.59
CA SER D 555 20.15 -7.04 -34.36
C SER D 555 21.44 -6.26 -34.14
N VAL D 556 22.58 -6.91 -34.37
CA VAL D 556 23.87 -6.22 -34.20
C VAL D 556 23.99 -5.07 -35.19
N VAL D 557 23.61 -5.30 -36.45
CA VAL D 557 23.71 -4.26 -37.47
C VAL D 557 22.79 -3.09 -37.14
N ALA D 558 21.56 -3.38 -36.70
CA ALA D 558 20.63 -2.32 -36.35
C ALA D 558 21.13 -1.51 -35.16
N ILE D 559 21.67 -2.19 -34.14
CA ILE D 559 22.21 -1.48 -32.98
C ILE D 559 23.37 -0.59 -33.40
N GLY D 560 24.26 -1.11 -34.24
CA GLY D 560 25.38 -0.29 -34.70
C GLY D 560 24.94 0.90 -35.51
N ILE D 561 23.94 0.71 -36.39
CA ILE D 561 23.43 1.81 -37.20
C ILE D 561 22.79 2.87 -36.32
N ASN D 562 22.00 2.44 -35.32
CA ASN D 562 21.37 3.39 -34.42
C ASN D 562 22.41 4.16 -33.61
N ILE D 563 23.46 3.47 -33.16
CA ILE D 563 24.52 4.15 -32.41
C ILE D 563 25.24 5.16 -33.30
N TYR D 564 25.55 4.78 -34.54
CA TYR D 564 26.25 5.68 -35.45
C TYR D 564 25.39 6.85 -35.88
N ARG D 565 24.06 6.70 -35.92
CA ARG D 565 23.19 7.80 -36.29
C ARG D 565 23.27 8.94 -35.29
N THR D 566 23.52 8.63 -34.01
CA THR D 566 23.65 9.62 -32.96
C THR D 566 25.11 9.77 -32.52
N SER D 567 26.03 9.64 -33.46
CA SER D 567 27.45 9.75 -33.14
C SER D 567 27.80 11.14 -32.63
N ASN D 568 27.23 12.18 -33.25
CA ASN D 568 27.47 13.56 -32.85
C ASN D 568 26.14 14.26 -32.65
N VAL D 569 26.10 15.15 -31.65
CA VAL D 569 24.88 15.88 -31.32
C VAL D 569 25.18 17.37 -31.28
N GLU D 570 26.30 17.77 -31.90
CA GLU D 570 26.72 19.17 -31.86
C GLU D 570 26.00 20.03 -32.89
N VAL D 571 25.30 19.44 -33.85
CA VAL D 571 24.63 20.22 -34.89
C VAL D 571 23.51 21.07 -34.28
N LEU D 572 22.67 20.44 -33.45
CA LEU D 572 21.58 21.18 -32.81
C LEU D 572 22.09 22.25 -31.86
N LEU D 573 23.13 21.92 -31.07
CA LEU D 573 23.70 22.91 -30.16
C LEU D 573 24.29 24.10 -30.91
N GLN D 574 24.99 23.83 -32.01
CA GLN D 574 25.53 24.91 -32.82
C GLN D 574 24.43 25.76 -33.45
N PHE D 575 23.36 25.12 -33.93
CA PHE D 575 22.24 25.88 -34.48
C PHE D 575 21.56 26.74 -33.44
N LEU D 576 21.40 26.23 -32.22
CA LEU D 576 20.77 27.00 -31.15
C LEU D 576 21.67 28.13 -30.65
N GLU D 577 22.98 27.92 -30.60
CA GLU D 577 23.89 28.97 -30.15
C GLU D 577 23.97 30.12 -31.15
N ASP D 578 23.99 29.79 -32.45
CA ASP D 578 24.02 30.79 -33.51
C ASP D 578 22.95 30.43 -34.54
N GLN D 579 21.91 31.25 -34.60
CA GLN D 579 20.77 31.02 -35.50
C GLN D 579 20.60 32.19 -36.47
N ASN D 580 21.69 32.65 -37.06
CA ASN D 580 21.68 33.77 -37.98
C ASN D 580 21.70 33.32 -39.44
N THR D 581 21.54 32.02 -39.69
CA THR D 581 21.53 31.48 -41.05
C THR D 581 20.85 30.12 -41.02
N PHE D 582 20.74 29.51 -42.19
CA PHE D 582 20.13 28.19 -42.32
C PHE D 582 21.21 27.13 -42.29
N PRO D 583 21.23 26.26 -41.29
CA PRO D 583 22.27 25.22 -41.23
C PRO D 583 22.04 24.14 -42.26
N ASN D 584 23.10 23.39 -42.55
CA ASN D 584 23.05 22.31 -43.53
C ASN D 584 22.34 21.10 -42.92
N PHE D 585 21.02 21.23 -42.80
CA PHE D 585 20.19 20.20 -42.20
C PHE D 585 19.76 19.12 -43.18
N GLU D 586 20.18 19.21 -44.44
CA GLU D 586 19.83 18.17 -45.41
C GLU D 586 20.46 16.83 -45.05
N HIS D 587 21.73 16.84 -44.62
CA HIS D 587 22.38 15.60 -44.20
C HIS D 587 21.69 15.01 -42.98
N LEU D 588 21.31 15.84 -42.03
CA LEU D 588 20.58 15.36 -40.86
C LEU D 588 19.22 14.79 -41.24
N ALA D 589 18.53 15.43 -42.20
CA ALA D 589 17.25 14.90 -42.66
C ALA D 589 17.43 13.55 -43.36
N TYR D 590 18.48 13.41 -44.16
CA TYR D 590 18.77 12.13 -44.80
C TYR D 590 19.08 11.05 -43.75
N TRP D 591 19.84 11.42 -42.72
CA TRP D 591 20.13 10.48 -41.64
C TRP D 591 18.85 10.08 -40.91
N GLN D 592 17.95 11.03 -40.70
CA GLN D 592 16.66 10.72 -40.06
C GLN D 592 15.81 9.81 -40.94
N ILE D 593 15.83 10.02 -42.25
CA ILE D 593 15.10 9.14 -43.16
C ILE D 593 15.69 7.73 -43.11
N GLN D 594 17.01 7.63 -43.08
CA GLN D 594 17.66 6.33 -42.94
C GLN D 594 17.29 5.67 -41.61
N PHE D 595 17.19 6.48 -40.55
CA PHE D 595 16.77 5.96 -39.25
C PHE D 595 15.33 5.45 -39.29
N ASN D 596 14.46 6.15 -40.00
CA ASN D 596 13.08 5.69 -40.16
C ASN D 596 13.03 4.37 -40.93
N ASN D 597 13.84 4.26 -41.99
CA ASN D 597 13.93 3.00 -42.73
C ASN D 597 14.45 1.89 -41.82
N ILE D 598 15.44 2.20 -40.98
CA ILE D 598 15.96 1.22 -40.03
C ILE D 598 14.88 0.83 -39.02
N ALA D 599 14.02 1.78 -38.63
CA ALA D 599 12.93 1.46 -37.73
C ALA D 599 11.91 0.53 -38.38
N ALA D 600 11.62 0.76 -39.66
CA ALA D 600 10.75 -0.18 -40.39
C ALA D 600 11.40 -1.56 -40.47
N VAL D 601 12.72 -1.60 -40.73
CA VAL D 601 13.44 -2.86 -40.77
C VAL D 601 13.42 -3.53 -39.39
N THR D 602 13.47 -2.75 -38.32
CA THR D 602 13.39 -3.29 -36.97
C THR D 602 12.00 -3.83 -36.66
N VAL D 603 10.95 -3.20 -37.18
CA VAL D 603 9.61 -3.77 -37.06
C VAL D 603 9.54 -5.11 -37.79
N PHE D 604 10.14 -5.18 -38.99
CA PHE D 604 10.21 -6.44 -39.71
C PHE D 604 11.00 -7.48 -38.91
N PHE D 605 12.07 -7.05 -38.25
CA PHE D 605 12.87 -7.97 -37.44
C PHE D 605 12.11 -8.43 -36.21
N VAL D 606 11.26 -7.57 -35.64
CA VAL D 606 10.40 -7.99 -34.53
C VAL D 606 9.39 -9.03 -35.01
N TRP D 607 8.85 -8.84 -36.21
CA TRP D 607 8.00 -9.87 -36.80
C TRP D 607 8.76 -11.18 -37.00
N ILE D 608 10.01 -11.08 -37.44
CA ILE D 608 10.84 -12.28 -37.63
C ILE D 608 11.11 -12.95 -36.30
N LYS D 609 11.32 -12.17 -35.24
CA LYS D 609 11.52 -12.73 -33.91
C LYS D 609 10.26 -13.43 -33.41
N LEU D 610 9.09 -12.84 -33.69
CA LEU D 610 7.83 -13.50 -33.35
C LEU D 610 7.70 -14.82 -34.10
N PHE D 611 8.10 -14.84 -35.37
CA PHE D 611 8.11 -16.09 -36.13
C PHE D 611 9.07 -17.10 -35.50
N LYS D 612 10.23 -16.65 -35.07
CA LYS D 612 11.20 -17.50 -34.39
C LYS D 612 10.72 -17.95 -33.02
N PHE D 613 9.68 -17.29 -32.47
CA PHE D 613 9.03 -17.73 -31.25
C PHE D 613 7.89 -18.71 -31.53
N ILE D 614 7.75 -19.14 -32.77
CA ILE D 614 6.69 -20.08 -33.16
C ILE D 614 7.23 -21.50 -33.31
N ASN D 615 8.31 -21.83 -32.59
CA ASN D 615 8.89 -23.17 -32.67
C ASN D 615 7.90 -24.26 -32.26
N PHE D 616 6.86 -23.91 -31.50
CA PHE D 616 5.78 -24.82 -31.17
C PHE D 616 4.64 -24.51 -32.15
N ASN D 617 4.69 -25.12 -33.32
CA ASN D 617 3.80 -24.80 -34.43
C ASN D 617 2.57 -25.70 -34.41
N ARG D 618 1.78 -25.63 -35.49
CA ARG D 618 0.57 -26.40 -35.72
C ARG D 618 -0.58 -25.94 -34.81
N THR D 619 -0.29 -25.07 -33.86
CA THR D 619 -1.31 -24.42 -33.05
C THR D 619 -1.55 -22.99 -33.55
N MET D 620 -2.03 -22.88 -34.78
CA MET D 620 -2.23 -21.55 -35.35
C MET D 620 -3.65 -21.33 -35.87
N SER D 621 -4.31 -22.36 -36.40
CA SER D 621 -5.64 -22.21 -36.96
C SER D 621 -6.58 -23.34 -36.60
N GLN D 622 -6.15 -24.30 -35.80
CA GLN D 622 -7.02 -25.41 -35.38
C GLN D 622 -7.86 -25.07 -34.15
N LEU D 623 -7.70 -23.89 -33.57
CA LEU D 623 -8.41 -23.50 -32.36
C LEU D 623 -9.43 -22.39 -32.58
N SER D 624 -9.61 -21.92 -33.82
CA SER D 624 -10.53 -20.82 -34.06
C SER D 624 -11.97 -21.20 -33.72
N THR D 625 -12.33 -22.48 -33.86
CA THR D 625 -13.69 -22.89 -33.56
C THR D 625 -14.04 -22.73 -32.09
N THR D 626 -13.04 -22.82 -31.21
CA THR D 626 -13.28 -22.64 -29.78
C THR D 626 -13.32 -21.17 -29.40
N MET D 627 -12.45 -20.36 -30.02
CA MET D 627 -12.47 -18.92 -29.76
C MET D 627 -13.78 -18.30 -30.26
N SER D 628 -14.28 -18.76 -31.40
CA SER D 628 -15.54 -18.24 -31.90
C SER D 628 -16.74 -18.69 -31.06
N ARG D 629 -16.58 -19.73 -30.25
CA ARG D 629 -17.62 -20.12 -29.30
C ARG D 629 -17.51 -19.34 -28.00
N CYS D 630 -16.29 -19.08 -27.55
CA CYS D 630 -16.09 -18.22 -26.40
C CYS D 630 -16.62 -16.82 -26.68
N ALA D 631 -16.41 -16.32 -27.89
CA ALA D 631 -16.96 -15.02 -28.26
C ALA D 631 -18.49 -15.04 -28.21
N LYS D 632 -19.10 -16.13 -28.66
CA LYS D 632 -20.55 -16.26 -28.59
C LYS D 632 -21.03 -16.24 -27.15
N ASP D 633 -20.33 -16.95 -26.26
CA ASP D 633 -20.71 -16.97 -24.86
C ASP D 633 -20.58 -15.58 -24.23
N LEU D 634 -19.50 -14.87 -24.54
CA LEU D 634 -19.34 -13.51 -24.01
C LEU D 634 -20.41 -12.58 -24.54
N PHE D 635 -20.77 -12.70 -25.81
CA PHE D 635 -21.83 -11.87 -26.36
C PHE D 635 -23.16 -12.17 -25.68
N GLY D 636 -23.44 -13.45 -25.41
CA GLY D 636 -24.64 -13.80 -24.68
C GLY D 636 -24.66 -13.25 -23.27
N PHE D 637 -23.51 -13.24 -22.60
CA PHE D 637 -23.41 -12.68 -21.26
C PHE D 637 -23.61 -11.17 -21.25
N ALA D 638 -23.10 -10.47 -22.27
CA ALA D 638 -23.20 -9.02 -22.32
C ALA D 638 -24.63 -8.51 -22.43
N ILE D 639 -25.55 -9.32 -22.93
CA ILE D 639 -26.97 -8.95 -22.99
C ILE D 639 -27.58 -8.95 -21.59
N MET D 640 -27.34 -10.01 -20.82
CA MET D 640 -27.84 -10.08 -19.46
C MET D 640 -27.24 -8.97 -18.61
N PHE D 641 -25.93 -8.75 -18.73
CA PHE D 641 -25.28 -7.72 -17.92
C PHE D 641 -25.88 -6.35 -18.22
N PHE D 642 -26.09 -6.03 -19.50
CA PHE D 642 -26.62 -4.73 -19.84
C PHE D 642 -28.09 -4.59 -19.48
N ILE D 643 -28.87 -5.66 -19.57
CA ILE D 643 -30.27 -5.58 -19.14
C ILE D 643 -30.34 -5.23 -17.66
N ILE D 644 -29.54 -5.92 -16.84
CA ILE D 644 -29.52 -5.61 -15.41
C ILE D 644 -29.03 -4.19 -15.16
N PHE D 645 -27.99 -3.78 -15.90
CA PHE D 645 -27.41 -2.46 -15.69
C PHE D 645 -28.42 -1.35 -16.00
N LEU D 646 -29.11 -1.45 -17.14
CA LEU D 646 -30.11 -0.43 -17.47
C LEU D 646 -31.32 -0.48 -16.55
N ALA D 647 -31.70 -1.67 -16.08
CA ALA D 647 -32.79 -1.72 -15.10
C ALA D 647 -32.42 -0.94 -13.84
N TYR D 648 -31.21 -1.18 -13.32
CA TYR D 648 -30.77 -0.45 -12.14
C TYR D 648 -30.64 1.04 -12.42
N ALA D 649 -30.14 1.40 -13.61
CA ALA D 649 -30.00 2.81 -13.96
C ALA D 649 -31.35 3.51 -14.01
N GLN D 650 -32.36 2.85 -14.58
CA GLN D 650 -33.70 3.44 -14.62
C GLN D 650 -34.27 3.59 -13.21
N LEU D 651 -34.08 2.58 -12.36
CA LEU D 651 -34.51 2.72 -10.98
C LEU D 651 -33.87 3.93 -10.30
N ALA D 652 -32.55 4.07 -10.43
CA ALA D 652 -31.86 5.17 -9.79
C ALA D 652 -32.31 6.51 -10.36
N TYR D 653 -32.50 6.59 -11.67
CA TYR D 653 -32.91 7.84 -12.30
C TYR D 653 -34.33 8.23 -11.89
N LEU D 654 -35.22 7.26 -11.68
CA LEU D 654 -36.56 7.60 -11.25
C LEU D 654 -36.60 7.99 -9.77
N VAL D 655 -35.82 7.31 -8.93
CA VAL D 655 -35.90 7.56 -7.49
C VAL D 655 -35.08 8.78 -7.10
N PHE D 656 -33.80 8.81 -7.48
CA PHE D 656 -32.90 9.90 -7.14
C PHE D 656 -32.83 10.97 -8.22
N GLY D 657 -33.89 11.12 -9.02
CA GLY D 657 -33.80 11.97 -10.20
C GLY D 657 -33.62 13.44 -9.90
N THR D 658 -34.40 13.95 -8.94
CA THR D 658 -34.55 15.40 -8.79
C THR D 658 -33.82 15.98 -7.59
N GLN D 659 -33.00 15.19 -6.90
CA GLN D 659 -32.45 15.67 -5.63
C GLN D 659 -30.99 15.30 -5.38
N VAL D 660 -30.23 14.85 -6.38
CA VAL D 660 -28.89 14.36 -6.14
C VAL D 660 -27.82 15.08 -6.96
N ASP D 661 -28.15 15.63 -8.12
CA ASP D 661 -27.21 16.31 -9.01
C ASP D 661 -26.27 15.32 -9.69
N ASP D 662 -26.35 14.05 -9.29
CA ASP D 662 -25.61 12.97 -9.93
C ASP D 662 -26.52 12.08 -10.77
N PHE D 663 -27.68 11.70 -10.24
CA PHE D 663 -28.70 11.02 -11.03
C PHE D 663 -29.69 12.02 -11.60
N SER D 664 -29.18 13.05 -12.28
CA SER D 664 -30.02 14.10 -12.83
C SER D 664 -30.51 13.74 -14.22
N THR D 665 -29.59 13.46 -15.14
CA THR D 665 -29.91 13.06 -16.50
C THR D 665 -29.59 11.58 -16.68
N PHE D 666 -30.34 10.94 -17.58
CA PHE D 666 -30.18 9.50 -17.78
C PHE D 666 -28.80 9.17 -18.32
N GLN D 667 -28.26 10.01 -19.19
CA GLN D 667 -26.94 9.78 -19.78
C GLN D 667 -25.85 9.90 -18.72
N GLU D 668 -26.20 10.43 -17.55
CA GLU D 668 -25.23 10.60 -16.46
C GLU D 668 -25.35 9.52 -15.41
N CYS D 669 -26.53 8.91 -15.27
CA CYS D 669 -26.68 7.80 -14.33
C CYS D 669 -25.80 6.62 -14.72
N ILE D 670 -25.64 6.39 -16.03
CA ILE D 670 -24.79 5.30 -16.50
C ILE D 670 -23.35 5.53 -16.07
N PHE D 671 -22.85 6.76 -16.26
CA PHE D 671 -21.49 7.07 -15.83
C PHE D 671 -21.34 6.99 -14.32
N THR D 672 -22.37 7.41 -13.58
CA THR D 672 -22.33 7.31 -12.13
C THR D 672 -22.21 5.86 -11.68
N GLN D 673 -23.00 4.97 -12.29
CA GLN D 673 -22.94 3.56 -11.92
C GLN D 673 -21.61 2.93 -12.33
N PHE D 674 -21.08 3.34 -13.49
CA PHE D 674 -19.75 2.86 -13.88
C PHE D 674 -18.69 3.29 -12.88
N ARG D 675 -18.74 4.53 -12.43
CA ARG D 675 -17.79 5.00 -11.42
C ARG D 675 -17.95 4.27 -10.11
N ILE D 676 -19.19 3.94 -9.72
CA ILE D 676 -19.41 3.13 -8.53
C ILE D 676 -18.77 1.76 -8.70
N ILE D 677 -18.91 1.17 -9.89
CA ILE D 677 -18.30 -0.12 -10.17
C ILE D 677 -16.78 -0.03 -10.03
N LEU D 678 -16.18 1.01 -10.60
CA LEU D 678 -14.74 1.20 -10.47
C LEU D 678 -14.32 1.62 -9.06
N GLY D 679 -15.26 1.97 -8.20
CA GLY D 679 -14.93 2.31 -6.83
C GLY D 679 -14.83 3.79 -6.55
N ASP D 680 -15.81 4.56 -7.04
CA ASP D 680 -15.89 6.00 -6.83
C ASP D 680 -17.24 6.36 -6.23
N ILE D 681 -17.65 5.61 -5.21
CA ILE D 681 -18.95 5.84 -4.59
C ILE D 681 -18.92 7.07 -3.70
N ASN D 682 -20.02 7.82 -3.73
CA ASN D 682 -20.19 8.98 -2.86
C ASN D 682 -21.00 8.63 -1.62
N PHE D 683 -22.21 8.10 -1.79
CA PHE D 683 -23.08 7.61 -0.73
C PHE D 683 -23.44 8.68 0.30
N ALA D 684 -23.10 9.95 0.04
CA ALA D 684 -23.52 11.00 0.95
C ALA D 684 -24.92 11.49 0.64
N GLU D 685 -25.18 11.80 -0.64
CA GLU D 685 -26.50 12.25 -1.07
C GLU D 685 -27.48 11.09 -1.20
N ILE D 686 -27.00 9.91 -1.58
CA ILE D 686 -27.89 8.78 -1.83
C ILE D 686 -28.70 8.43 -0.59
N GLU D 687 -28.03 8.36 0.56
CA GLU D 687 -28.73 8.11 1.81
C GLU D 687 -29.52 9.33 2.27
N GLU D 688 -28.96 10.53 2.08
CA GLU D 688 -29.65 11.74 2.51
C GLU D 688 -30.89 12.02 1.67
N ALA D 689 -30.81 11.80 0.35
CA ALA D 689 -31.97 12.04 -0.50
C ALA D 689 -33.11 11.06 -0.22
N ASN D 690 -32.79 9.86 0.25
CA ASN D 690 -33.83 8.89 0.62
C ASN D 690 -33.21 7.87 1.57
N ARG D 691 -33.70 7.86 2.81
CA ARG D 691 -33.18 6.95 3.82
C ARG D 691 -33.62 5.51 3.60
N VAL D 692 -34.68 5.29 2.83
CA VAL D 692 -35.07 3.97 2.37
C VAL D 692 -35.03 3.98 0.85
N LEU D 693 -34.76 2.83 0.26
CA LEU D 693 -34.57 2.66 -1.18
C LEU D 693 -33.32 3.40 -1.67
N GLY D 694 -32.61 4.05 -0.75
CA GLY D 694 -31.31 4.60 -1.05
C GLY D 694 -30.21 3.63 -0.64
N PRO D 695 -30.23 3.19 0.62
CA PRO D 695 -29.33 2.09 1.01
C PRO D 695 -29.67 0.79 0.33
N ILE D 696 -30.96 0.50 0.12
CA ILE D 696 -31.36 -0.76 -0.50
C ILE D 696 -30.82 -0.85 -1.92
N TYR D 697 -30.96 0.23 -2.68
CA TYR D 697 -30.46 0.26 -4.04
C TYR D 697 -28.96 -0.01 -4.07
N PHE D 698 -28.20 0.70 -3.24
CA PHE D 698 -26.75 0.56 -3.25
C PHE D 698 -26.33 -0.86 -2.84
N THR D 699 -26.95 -1.39 -1.79
CA THR D 699 -26.56 -2.70 -1.30
C THR D 699 -26.88 -3.79 -2.31
N THR D 700 -28.10 -3.77 -2.87
CA THR D 700 -28.45 -4.78 -3.86
C THR D 700 -27.60 -4.65 -5.11
N PHE D 701 -27.31 -3.42 -5.54
CA PHE D 701 -26.46 -3.21 -6.70
C PHE D 701 -25.08 -3.81 -6.47
N VAL D 702 -24.48 -3.52 -5.32
CA VAL D 702 -23.14 -4.07 -5.04
C VAL D 702 -23.18 -5.59 -4.98
N PHE D 703 -24.19 -6.15 -4.30
CA PHE D 703 -24.25 -7.60 -4.15
C PHE D 703 -24.42 -8.29 -5.50
N PHE D 704 -25.27 -7.74 -6.36
CA PHE D 704 -25.55 -8.37 -7.65
C PHE D 704 -24.57 -7.97 -8.74
N MET D 705 -23.65 -7.04 -8.47
CA MET D 705 -22.68 -6.65 -9.47
C MET D 705 -21.24 -7.04 -9.12
N PHE D 706 -20.98 -7.44 -7.89
CA PHE D 706 -19.64 -7.86 -7.50
C PHE D 706 -19.55 -9.29 -6.99
N PHE D 707 -20.68 -9.93 -6.67
CA PHE D 707 -20.66 -11.28 -6.15
C PHE D 707 -21.25 -12.33 -7.09
N ILE D 708 -22.20 -11.95 -7.95
CA ILE D 708 -22.95 -12.94 -8.70
C ILE D 708 -22.75 -12.75 -10.21
N LEU D 709 -22.52 -11.51 -10.64
CA LEU D 709 -22.54 -11.22 -12.06
C LEU D 709 -21.15 -10.94 -12.62
N LEU D 710 -20.21 -10.65 -11.74
CA LEU D 710 -18.83 -10.40 -12.12
C LEU D 710 -18.05 -11.70 -12.01
N ASN D 711 -18.59 -12.66 -11.26
CA ASN D 711 -17.98 -13.97 -11.07
C ASN D 711 -18.44 -14.94 -12.14
N MET D 712 -19.38 -14.50 -12.96
CA MET D 712 -19.89 -15.31 -14.06
C MET D 712 -19.06 -15.04 -15.30
N PHE D 713 -18.42 -13.87 -15.33
CA PHE D 713 -17.57 -13.49 -16.45
C PHE D 713 -16.29 -14.29 -16.38
N ALA D 714 -15.79 -14.49 -15.16
CA ALA D 714 -14.58 -15.27 -14.96
C ALA D 714 -14.79 -16.76 -15.17
N ALA D 715 -15.95 -17.29 -14.76
CA ALA D 715 -16.21 -18.72 -14.93
C ALA D 715 -16.28 -19.10 -16.39
N ILE D 716 -16.84 -18.23 -17.23
CA ILE D 716 -16.91 -18.51 -18.66
C ILE D 716 -15.52 -18.70 -19.23
N ILE D 717 -14.62 -17.77 -18.92
CA ILE D 717 -13.26 -17.84 -19.43
C ILE D 717 -12.51 -19.02 -18.82
N ALA D 718 -12.79 -19.35 -17.56
CA ALA D 718 -12.19 -20.52 -16.94
C ALA D 718 -12.56 -21.78 -17.70
N ASP D 719 -13.85 -21.92 -18.03
CA ASP D 719 -14.30 -23.08 -18.80
C ASP D 719 -13.66 -23.10 -20.19
N THR D 720 -13.56 -21.94 -20.83
CA THR D 720 -12.95 -21.88 -22.15
C THR D 720 -11.50 -22.34 -22.10
N TYR D 721 -10.74 -21.85 -21.12
CA TYR D 721 -9.35 -22.26 -20.98
C TYR D 721 -9.24 -23.76 -20.68
N SER D 722 -10.12 -24.27 -19.81
CA SER D 722 -10.08 -25.69 -19.48
C SER D 722 -10.36 -26.55 -20.71
N GLU D 723 -11.32 -26.14 -21.54
CA GLU D 723 -11.65 -26.95 -22.70
C GLU D 723 -10.59 -26.84 -23.79
N VAL D 724 -9.93 -25.67 -23.91
CA VAL D 724 -8.79 -25.57 -24.82
C VAL D 724 -7.67 -26.51 -24.38
N LYS D 725 -7.35 -26.48 -23.09
CA LYS D 725 -6.32 -27.37 -22.57
C LYS D 725 -6.70 -28.83 -22.82
N SER D 726 -7.97 -29.18 -22.58
CA SER D 726 -8.41 -30.56 -22.75
C SER D 726 -8.27 -31.00 -24.21
N ASP D 727 -8.74 -30.18 -25.15
CA ASP D 727 -8.72 -30.64 -26.54
C ASP D 727 -7.31 -30.69 -27.09
N LEU D 728 -6.44 -29.75 -26.67
CA LEU D 728 -5.04 -29.84 -27.08
C LEU D 728 -4.38 -31.08 -26.49
N ALA D 729 -4.48 -31.27 -25.17
CA ALA D 729 -3.86 -32.43 -24.54
C ALA D 729 -4.45 -33.74 -25.02
N GLN D 730 -5.63 -33.71 -25.63
CA GLN D 730 -6.21 -34.89 -26.27
C GLN D 730 -5.64 -35.12 -27.66
N GLN D 731 -5.80 -34.16 -28.58
CA GLN D 731 -5.48 -34.43 -29.97
C GLN D 731 -3.96 -34.42 -30.19
N LYS D 732 -3.27 -33.39 -29.66
CA LYS D 732 -1.82 -33.32 -29.83
C LYS D 732 -1.09 -34.49 -29.18
N ALA D 733 -1.61 -35.01 -28.06
CA ALA D 733 -0.95 -36.09 -27.33
C ALA D 733 -1.55 -37.46 -27.60
N GLU D 734 -2.55 -37.55 -28.48
CA GLU D 734 -3.14 -38.82 -28.87
C GLU D 734 -2.64 -39.32 -30.21
N MET D 735 -2.46 -38.43 -31.18
CA MET D 735 -1.96 -38.82 -32.50
C MET D 735 -0.83 -37.90 -32.95
C1 NAG E . -5.45 13.25 46.26
C2 NAG E . -5.64 14.78 46.28
C3 NAG E . -5.72 15.28 47.72
C4 NAG E . -6.80 14.51 48.49
C5 NAG E . -6.55 13.02 48.38
C6 NAG E . -7.64 12.20 49.03
C7 NAG E . -4.72 16.63 44.98
C8 NAG E . -3.50 17.18 44.29
N2 NAG E . -4.57 15.45 45.57
O3 NAG E . -6.02 16.67 47.73
O4 NAG E . -6.78 14.91 49.86
O5 NAG E . -6.50 12.63 47.01
O6 NAG E . -8.38 12.96 49.96
O7 NAG E . -5.78 17.24 44.99
C1 NAG F . 5.36 35.91 43.60
C2 NAG F . 5.50 36.72 42.30
C3 NAG F . 4.22 37.52 42.01
C4 NAG F . 3.01 36.76 42.53
C5 NAG F . 3.06 36.73 44.05
C6 NAG F . 2.26 35.60 44.65
C7 NAG F . 7.55 37.73 41.38
C8 NAG F . 7.32 36.87 40.17
N2 NAG F . 6.65 37.61 42.35
O3 NAG F . 4.10 37.73 40.61
O4 NAG F . 1.81 37.41 42.11
O5 NAG F . 4.42 36.58 44.50
O6 NAG F . 2.80 35.19 45.91
O7 NAG F . 8.51 38.49 41.46
C1 NAG G . 22.21 24.88 31.88
C2 NAG G . 22.24 26.34 32.29
C3 NAG G . 23.69 26.83 32.46
C4 NAG G . 24.60 26.26 31.38
C5 NAG G . 24.50 24.74 31.31
C6 NAG G . 25.75 24.04 31.75
C7 NAG G . 20.32 27.67 31.52
C8 NAG G . 19.67 27.31 32.83
N2 NAG G . 21.55 27.18 31.32
O3 NAG G . 24.16 26.45 33.75
O4 NAG G . 24.25 26.81 30.12
O5 NAG G . 23.45 24.28 32.17
O6 NAG G . 25.78 23.85 33.15
O7 NAG G . 19.74 28.36 30.68
C1 NAG H . -57.69 22.97 10.02
C2 NAG H . -57.42 24.48 10.09
C3 NAG H . -58.71 25.23 10.42
C4 NAG H . -59.80 24.85 9.42
C5 NAG H . -59.98 23.34 9.37
C6 NAG H . -60.96 22.90 8.33
C7 NAG H . -55.59 25.84 10.98
C8 NAG H . -54.59 26.00 12.09
N2 NAG H . -56.39 24.78 11.07
O3 NAG H . -58.47 26.63 10.36
O4 NAG H . -61.03 25.47 9.80
O5 NAG H . -58.73 22.71 9.07
O6 NAG H . -61.01 23.81 7.24
O7 NAG H . -55.67 26.64 10.05
C1 NAG I . -50.27 41.79 23.51
C2 NAG I . -49.02 42.67 23.58
C3 NAG I . -49.43 44.14 23.57
C4 NAG I . -50.35 44.45 22.38
C5 NAG I . -51.52 43.48 22.37
C6 NAG I . -52.41 43.63 21.15
C7 NAG I . -46.92 42.60 24.83
C8 NAG I . -46.26 42.22 26.12
N2 NAG I . -48.23 42.37 24.75
O3 NAG I . -48.26 44.96 23.48
O4 NAG I . -50.83 45.78 22.46
O5 NAG I . -51.04 42.13 22.36
O6 NAG I . -53.04 42.41 20.82
O7 NAG I . -46.29 43.09 23.89
C1 NAG J . -38.39 24.07 37.19
C2 NAG J . -38.26 25.50 37.71
C3 NAG J . -37.61 25.51 39.09
C4 NAG J . -38.35 24.58 40.04
C5 NAG J . -38.48 23.19 39.42
C6 NAG J . -39.31 22.26 40.26
C7 NAG J . -38.07 27.23 35.97
C8 NAG J . -37.14 27.99 35.08
N2 NAG J . -37.51 26.32 36.78
O3 NAG J . -37.61 26.83 39.60
O4 NAG J . -37.65 24.49 41.28
O5 NAG J . -39.12 23.28 38.14
O6 NAG J . -39.72 22.87 41.47
O7 NAG J . -39.29 27.42 35.97
#